data_6U2U
# 
_entry.id   6U2U 
# 
_audit_conform.dict_name       mmcif_pdbx.dic 
_audit_conform.dict_version    5.380 
_audit_conform.dict_location   http://mmcif.pdb.org/dictionaries/ascii/mmcif_pdbx.dic 
# 
loop_
_database_2.database_id 
_database_2.database_code 
_database_2.pdbx_database_accession 
_database_2.pdbx_DOI 
PDB   6U2U         pdb_00006u2u 10.2210/pdb6u2u/pdb 
WWPDB D_1000243809 ?            ?                   
# 
_pdbx_database_related.db_name        PDB 
_pdbx_database_related.details        . 
_pdbx_database_related.db_id          5T9O 
_pdbx_database_related.content_type   unspecified 
# 
_pdbx_database_status.status_code                     REL 
_pdbx_database_status.status_code_sf                  REL 
_pdbx_database_status.status_code_mr                  ? 
_pdbx_database_status.entry_id                        6U2U 
_pdbx_database_status.recvd_initial_deposition_date   2019-08-20 
_pdbx_database_status.SG_entry                        N 
_pdbx_database_status.deposit_site                    RCSB 
_pdbx_database_status.process_site                    RCSB 
_pdbx_database_status.status_code_cs                  ? 
_pdbx_database_status.methods_development_category    ? 
_pdbx_database_status.pdb_format_compatible           Y 
_pdbx_database_status.status_code_nmr_data            ? 
# 
loop_
_audit_author.name 
_audit_author.pdbx_ordinal 
_audit_author.identifier_ORCID 
'Benezra, R.'     1 ? 
'Pavletich, N.P.' 2 ? 
'Goldgur, Y.'     3 ? 
'Gall, A.-L.'     4 ? 
# 
_citation.abstract                  ? 
_citation.abstract_id_CAS           ? 
_citation.book_id_ISBN              ? 
_citation.book_publisher            ? 
_citation.book_publisher_city       ? 
_citation.book_title                ? 
_citation.coordinate_linkage        ? 
_citation.country                   US 
_citation.database_id_Medline       ? 
_citation.details                   ? 
_citation.id                        primary 
_citation.journal_abbrev            'Cell Rep' 
_citation.journal_id_ASTM           ? 
_citation.journal_id_CSD            ? 
_citation.journal_id_ISSN           2211-1247 
_citation.journal_full              ? 
_citation.journal_issue             ? 
_citation.journal_volume            29 
_citation.language                  ? 
_citation.page_first                62 
_citation.page_last                 75.e7 
_citation.title                     'A Small-Molecule Pan-Id Antagonist Inhibits Pathologic Ocular Neovascularization.' 
_citation.year                      2019 
_citation.database_id_CSD           ? 
_citation.pdbx_database_id_DOI      10.1016/j.celrep.2019.08.073 
_citation.pdbx_database_id_PubMed   31577956 
_citation.unpublished_flag          ? 
# 
loop_
_citation_author.citation_id 
_citation_author.name 
_citation_author.ordinal 
_citation_author.identifier_ORCID 
primary 'Wojnarowicz, P.M.'   1  ? 
primary 'Lima E Silva, R.'    2  ? 
primary 'Ohnaka, M.'          3  ? 
primary 'Lee, S.B.'           4  ? 
primary 'Chin, Y.'            5  ? 
primary 'Kulukian, A.'        6  ? 
primary 'Chang, S.H.'         7  ? 
primary 'Desai, B.'           8  ? 
primary 'Garcia Escolano, M.' 9  ? 
primary 'Shah, R.'            10 ? 
primary 'Garcia-Cao, M.'      11 ? 
primary 'Xu, S.'              12 ? 
primary 'Kadam, R.'           13 ? 
primary 'Goldgur, Y.'         14 ? 
primary 'Miller, M.A.'        15 ? 
primary 'Ouerfelli, O.'       16 ? 
primary 'Yang, G.'            17 ? 
primary 'Arakawa, T.'         18 ? 
primary 'Albanese, S.K.'      19 ? 
primary 'Garland, W.A.'       20 ? 
primary 'Stoller, G.'         21 ? 
primary 'Chaudhary, J.'       22 ? 
primary 'Norton, L.'          23 ? 
primary 'Soni, R.K.'          24 ? 
primary 'Philip, J.'          25 ? 
primary 'Hendrickson, R.C.'   26 ? 
primary 'Iavarone, A.'        27 ? 
primary 'Dannenberg, A.J.'    28 ? 
primary 'Chodera, J.D.'       29 ? 
primary 'Pavletich, N.'       30 ? 
primary 'Lasorella, A.'       31 ? 
primary 'Campochiaro, P.A.'   32 ? 
primary 'Benezra, R.'         33 ? 
# 
_cell.angle_alpha                  90.00 
_cell.angle_alpha_esd              ? 
_cell.angle_beta                   114.29 
_cell.angle_beta_esd               ? 
_cell.angle_gamma                  90.00 
_cell.angle_gamma_esd              ? 
_cell.entry_id                     6U2U 
_cell.details                      ? 
_cell.formula_units_Z              ? 
_cell.length_a                     25.893 
_cell.length_a_esd                 ? 
_cell.length_b                     57.712 
_cell.length_b_esd                 ? 
_cell.length_c                     32.097 
_cell.length_c_esd                 ? 
_cell.volume                       ? 
_cell.volume_esd                   ? 
_cell.Z_PDB                        4 
_cell.reciprocal_angle_alpha       ? 
_cell.reciprocal_angle_beta        ? 
_cell.reciprocal_angle_gamma       ? 
_cell.reciprocal_angle_alpha_esd   ? 
_cell.reciprocal_angle_beta_esd    ? 
_cell.reciprocal_angle_gamma_esd   ? 
_cell.reciprocal_length_a          ? 
_cell.reciprocal_length_b          ? 
_cell.reciprocal_length_c          ? 
_cell.reciprocal_length_a_esd      ? 
_cell.reciprocal_length_b_esd      ? 
_cell.reciprocal_length_c_esd      ? 
_cell.pdbx_unique_axis             ? 
# 
_symmetry.entry_id                         6U2U 
_symmetry.cell_setting                     ? 
_symmetry.Int_Tables_number                4 
_symmetry.space_group_name_Hall            ? 
_symmetry.space_group_name_H-M             'P 1 21 1' 
_symmetry.pdbx_full_space_group_name_H-M   ? 
# 
loop_
_entity.id 
_entity.type 
_entity.src_method 
_entity.pdbx_description 
_entity.formula_weight 
_entity.pdbx_number_of_molecules 
_entity.pdbx_ec 
_entity.pdbx_mutation 
_entity.pdbx_fragment 
_entity.details 
1 polymer man 'DNA-binding protein inhibitor ID-1' 5453.319 2  ? ? 'UNP residues 59-104' ? 
2 water   nat water                                18.015   87 ? ? ?                     ? 
# 
_entity_name_com.entity_id   1 
_entity_name_com.name        'Inhibitor of DNA binding 1,Inhibitor of differentiation 1' 
# 
_entity_poly.entity_id                      1 
_entity_poly.type                           'polypeptide(L)' 
_entity_poly.nstd_linkage                   no 
_entity_poly.nstd_monomer                   no 
_entity_poly.pdbx_seq_one_letter_code       LYDMNGCYSRLKELVPTLPQNRKVSKVEILQHVIDYIRDLQLELNS 
_entity_poly.pdbx_seq_one_letter_code_can   LYDMNGCYSRLKELVPTLPQNRKVSKVEILQHVIDYIRDLQLELNS 
_entity_poly.pdbx_strand_id                 A,B 
_entity_poly.pdbx_target_identifier         ? 
# 
loop_
_entity_poly_seq.entity_id 
_entity_poly_seq.num 
_entity_poly_seq.mon_id 
_entity_poly_seq.hetero 
1 1  LEU n 
1 2  TYR n 
1 3  ASP n 
1 4  MET n 
1 5  ASN n 
1 6  GLY n 
1 7  CYS n 
1 8  TYR n 
1 9  SER n 
1 10 ARG n 
1 11 LEU n 
1 12 LYS n 
1 13 GLU n 
1 14 LEU n 
1 15 VAL n 
1 16 PRO n 
1 17 THR n 
1 18 LEU n 
1 19 PRO n 
1 20 GLN n 
1 21 ASN n 
1 22 ARG n 
1 23 LYS n 
1 24 VAL n 
1 25 SER n 
1 26 LYS n 
1 27 VAL n 
1 28 GLU n 
1 29 ILE n 
1 30 LEU n 
1 31 GLN n 
1 32 HIS n 
1 33 VAL n 
1 34 ILE n 
1 35 ASP n 
1 36 TYR n 
1 37 ILE n 
1 38 ARG n 
1 39 ASP n 
1 40 LEU n 
1 41 GLN n 
1 42 LEU n 
1 43 GLU n 
1 44 LEU n 
1 45 ASN n 
1 46 SER n 
# 
_entity_src_gen.entity_id                          1 
_entity_src_gen.pdbx_src_id                        1 
_entity_src_gen.pdbx_alt_source_flag               sample 
_entity_src_gen.pdbx_seq_type                      'Biological sequence' 
_entity_src_gen.pdbx_beg_seq_num                   1 
_entity_src_gen.pdbx_end_seq_num                   46 
_entity_src_gen.gene_src_common_name               Mouse 
_entity_src_gen.gene_src_genus                     ? 
_entity_src_gen.pdbx_gene_src_gene                 'Id1, Id, Id-1, Idb1' 
_entity_src_gen.gene_src_species                   ? 
_entity_src_gen.gene_src_strain                    ? 
_entity_src_gen.gene_src_tissue                    ? 
_entity_src_gen.gene_src_tissue_fraction           ? 
_entity_src_gen.gene_src_details                   ? 
_entity_src_gen.pdbx_gene_src_fragment             ? 
_entity_src_gen.pdbx_gene_src_scientific_name      'Mus musculus' 
_entity_src_gen.pdbx_gene_src_ncbi_taxonomy_id     10090 
_entity_src_gen.pdbx_gene_src_variant              ? 
_entity_src_gen.pdbx_gene_src_cell_line            ? 
_entity_src_gen.pdbx_gene_src_atcc                 ? 
_entity_src_gen.pdbx_gene_src_organ                ? 
_entity_src_gen.pdbx_gene_src_organelle            ? 
_entity_src_gen.pdbx_gene_src_cell                 ? 
_entity_src_gen.pdbx_gene_src_cellular_location    ? 
_entity_src_gen.host_org_common_name               ? 
_entity_src_gen.pdbx_host_org_scientific_name      'Escherichia coli' 
_entity_src_gen.pdbx_host_org_ncbi_taxonomy_id     562 
_entity_src_gen.host_org_genus                     ? 
_entity_src_gen.pdbx_host_org_gene                 ? 
_entity_src_gen.pdbx_host_org_organ                ? 
_entity_src_gen.host_org_species                   ? 
_entity_src_gen.pdbx_host_org_tissue               ? 
_entity_src_gen.pdbx_host_org_tissue_fraction      ? 
_entity_src_gen.pdbx_host_org_strain               ? 
_entity_src_gen.pdbx_host_org_variant              ? 
_entity_src_gen.pdbx_host_org_cell_line            ? 
_entity_src_gen.pdbx_host_org_atcc                 ? 
_entity_src_gen.pdbx_host_org_culture_collection   ? 
_entity_src_gen.pdbx_host_org_cell                 ? 
_entity_src_gen.pdbx_host_org_organelle            ? 
_entity_src_gen.pdbx_host_org_cellular_location    ? 
_entity_src_gen.pdbx_host_org_vector_type          ? 
_entity_src_gen.pdbx_host_org_vector               ? 
_entity_src_gen.host_org_details                   ? 
_entity_src_gen.expression_system_id               ? 
_entity_src_gen.plasmid_name                       ? 
_entity_src_gen.plasmid_details                    ? 
_entity_src_gen.pdbx_description                   ? 
# 
_struct_ref.id                         1 
_struct_ref.db_name                    UNP 
_struct_ref.db_code                    ID1_MOUSE 
_struct_ref.pdbx_db_accession          P20067 
_struct_ref.pdbx_db_isoform            ? 
_struct_ref.entity_id                  1 
_struct_ref.pdbx_seq_one_letter_code   LYDMNGCYSRLKELVPTLPQNRKVSKVEILQHVIDYIRDLQLELNS 
_struct_ref.pdbx_align_begin           59 
# 
loop_
_struct_ref_seq.align_id 
_struct_ref_seq.ref_id 
_struct_ref_seq.pdbx_PDB_id_code 
_struct_ref_seq.pdbx_strand_id 
_struct_ref_seq.seq_align_beg 
_struct_ref_seq.pdbx_seq_align_beg_ins_code 
_struct_ref_seq.seq_align_end 
_struct_ref_seq.pdbx_seq_align_end_ins_code 
_struct_ref_seq.pdbx_db_accession 
_struct_ref_seq.db_align_beg 
_struct_ref_seq.pdbx_db_align_beg_ins_code 
_struct_ref_seq.db_align_end 
_struct_ref_seq.pdbx_db_align_end_ins_code 
_struct_ref_seq.pdbx_auth_seq_align_beg 
_struct_ref_seq.pdbx_auth_seq_align_end 
1 1 6U2U A 1 ? 46 ? P20067 59 ? 104 ? 59 104 
2 1 6U2U B 1 ? 46 ? P20067 59 ? 104 ? 59 104 
# 
loop_
_chem_comp.id 
_chem_comp.type 
_chem_comp.mon_nstd_flag 
_chem_comp.name 
_chem_comp.pdbx_synonyms 
_chem_comp.formula 
_chem_comp.formula_weight 
ARG 'L-peptide linking' y ARGININE        ? 'C6 H15 N4 O2 1' 175.209 
ASN 'L-peptide linking' y ASPARAGINE      ? 'C4 H8 N2 O3'    132.118 
ASP 'L-peptide linking' y 'ASPARTIC ACID' ? 'C4 H7 N O4'     133.103 
CYS 'L-peptide linking' y CYSTEINE        ? 'C3 H7 N O2 S'   121.158 
GLN 'L-peptide linking' y GLUTAMINE       ? 'C5 H10 N2 O3'   146.144 
GLU 'L-peptide linking' y 'GLUTAMIC ACID' ? 'C5 H9 N O4'     147.129 
GLY 'peptide linking'   y GLYCINE         ? 'C2 H5 N O2'     75.067  
HIS 'L-peptide linking' y HISTIDINE       ? 'C6 H10 N3 O2 1' 156.162 
HOH non-polymer         . WATER           ? 'H2 O'           18.015  
ILE 'L-peptide linking' y ISOLEUCINE      ? 'C6 H13 N O2'    131.173 
LEU 'L-peptide linking' y LEUCINE         ? 'C6 H13 N O2'    131.173 
LYS 'L-peptide linking' y LYSINE          ? 'C6 H15 N2 O2 1' 147.195 
MET 'L-peptide linking' y METHIONINE      ? 'C5 H11 N O2 S'  149.211 
PRO 'L-peptide linking' y PROLINE         ? 'C5 H9 N O2'     115.130 
SER 'L-peptide linking' y SERINE          ? 'C3 H7 N O3'     105.093 
THR 'L-peptide linking' y THREONINE       ? 'C4 H9 N O3'     119.119 
TYR 'L-peptide linking' y TYROSINE        ? 'C9 H11 N O3'    181.189 
VAL 'L-peptide linking' y VALINE          ? 'C5 H11 N O2'    117.146 
# 
_exptl.absorpt_coefficient_mu     ? 
_exptl.absorpt_correction_T_max   ? 
_exptl.absorpt_correction_T_min   ? 
_exptl.absorpt_correction_type    ? 
_exptl.absorpt_process_details    ? 
_exptl.entry_id                   6U2U 
_exptl.crystals_number            1 
_exptl.details                    ? 
_exptl.method                     'X-RAY DIFFRACTION' 
_exptl.method_details             ? 
# 
_exptl_crystal.colour                      ? 
_exptl_crystal.density_diffrn              ? 
_exptl_crystal.density_Matthews            2.04 
_exptl_crystal.density_method              ? 
_exptl_crystal.density_percent_sol         38.3 
_exptl_crystal.description                 ? 
_exptl_crystal.F_000                       ? 
_exptl_crystal.id                          1 
_exptl_crystal.preparation                 ? 
_exptl_crystal.size_max                    ? 
_exptl_crystal.size_mid                    ? 
_exptl_crystal.size_min                    ? 
_exptl_crystal.size_rad                    ? 
_exptl_crystal.colour_lustre               ? 
_exptl_crystal.colour_modifier             ? 
_exptl_crystal.colour_primary              ? 
_exptl_crystal.density_meas                ? 
_exptl_crystal.density_meas_esd            ? 
_exptl_crystal.density_meas_gt             ? 
_exptl_crystal.density_meas_lt             ? 
_exptl_crystal.density_meas_temp           ? 
_exptl_crystal.density_meas_temp_esd       ? 
_exptl_crystal.density_meas_temp_gt        ? 
_exptl_crystal.density_meas_temp_lt        ? 
_exptl_crystal.pdbx_crystal_image_url      ? 
_exptl_crystal.pdbx_crystal_image_format   ? 
_exptl_crystal.pdbx_mosaicity              ? 
_exptl_crystal.pdbx_mosaicity_esd          ? 
# 
_exptl_crystal_grow.apparatus       ? 
_exptl_crystal_grow.atmosphere      ? 
_exptl_crystal_grow.crystal_id      1 
_exptl_crystal_grow.details         ? 
_exptl_crystal_grow.method          'VAPOR DIFFUSION, HANGING DROP' 
_exptl_crystal_grow.method_ref      ? 
_exptl_crystal_grow.pH              6.5 
_exptl_crystal_grow.pressure        ? 
_exptl_crystal_grow.pressure_esd    ? 
_exptl_crystal_grow.seeding         ? 
_exptl_crystal_grow.seeding_ref     ? 
_exptl_crystal_grow.temp            299 
_exptl_crystal_grow.temp_details    ? 
_exptl_crystal_grow.temp_esd        ? 
_exptl_crystal_grow.time            ? 
_exptl_crystal_grow.pdbx_details    '0.1 M MES (pH 6.5), 0.2 M sodium acetate' 
_exptl_crystal_grow.pdbx_pH_range   ? 
# 
_diffrn.ambient_environment              ? 
_diffrn.ambient_temp                     100 
_diffrn.ambient_temp_details             ? 
_diffrn.ambient_temp_esd                 ? 
_diffrn.crystal_id                       1 
_diffrn.crystal_support                  ? 
_diffrn.crystal_treatment                ? 
_diffrn.details                          ? 
_diffrn.id                               1 
_diffrn.ambient_pressure                 ? 
_diffrn.ambient_pressure_esd             ? 
_diffrn.ambient_pressure_gt              ? 
_diffrn.ambient_pressure_lt              ? 
_diffrn.ambient_temp_gt                  ? 
_diffrn.ambient_temp_lt                  ? 
_diffrn.pdbx_serial_crystal_experiment   N 
# 
_diffrn_detector.details                      ? 
_diffrn_detector.detector                     CCD 
_diffrn_detector.diffrn_id                    1 
_diffrn_detector.type                         'ADSC QUANTUM 4' 
_diffrn_detector.area_resol_mean              ? 
_diffrn_detector.dtime                        ? 
_diffrn_detector.pdbx_frames_total            ? 
_diffrn_detector.pdbx_collection_time_total   ? 
_diffrn_detector.pdbx_collection_date         2002-04-11 
_diffrn_detector.pdbx_frequency               ? 
# 
_diffrn_radiation.collimation                      ? 
_diffrn_radiation.diffrn_id                        1 
_diffrn_radiation.filter_edge                      ? 
_diffrn_radiation.inhomogeneity                    ? 
_diffrn_radiation.monochromator                    ? 
_diffrn_radiation.polarisn_norm                    ? 
_diffrn_radiation.polarisn_ratio                   ? 
_diffrn_radiation.probe                            ? 
_diffrn_radiation.type                             ? 
_diffrn_radiation.xray_symbol                      ? 
_diffrn_radiation.wavelength_id                    1 
_diffrn_radiation.pdbx_monochromatic_or_laue_m_l   M 
_diffrn_radiation.pdbx_wavelength_list             ? 
_diffrn_radiation.pdbx_wavelength                  ? 
_diffrn_radiation.pdbx_diffrn_protocol             'SINGLE WAVELENGTH' 
_diffrn_radiation.pdbx_analyzer                    ? 
_diffrn_radiation.pdbx_scattering_type             x-ray 
# 
_diffrn_radiation_wavelength.id           1 
_diffrn_radiation_wavelength.wavelength   0.95000 
_diffrn_radiation_wavelength.wt           1.0 
# 
_diffrn_source.current                     ? 
_diffrn_source.details                     ? 
_diffrn_source.diffrn_id                   1 
_diffrn_source.power                       ? 
_diffrn_source.size                        ? 
_diffrn_source.source                      SYNCHROTRON 
_diffrn_source.target                      ? 
_diffrn_source.type                        'CHESS BEAMLINE A1' 
_diffrn_source.voltage                     ? 
_diffrn_source.take-off_angle              ? 
_diffrn_source.pdbx_wavelength_list        0.95000 
_diffrn_source.pdbx_wavelength             ? 
_diffrn_source.pdbx_synchrotron_beamline   A1 
_diffrn_source.pdbx_synchrotron_site       CHESS 
# 
_reflns.B_iso_Wilson_estimate            ? 
_reflns.entry_id                         6U2U 
_reflns.data_reduction_details           ? 
_reflns.data_reduction_method            ? 
_reflns.d_resolution_high                1.5 
_reflns.d_resolution_low                 30 
_reflns.details                          ? 
_reflns.limit_h_max                      ? 
_reflns.limit_h_min                      ? 
_reflns.limit_k_max                      ? 
_reflns.limit_k_min                      ? 
_reflns.limit_l_max                      ? 
_reflns.limit_l_min                      ? 
_reflns.number_all                       ? 
_reflns.number_obs                       13599 
_reflns.observed_criterion               ? 
_reflns.observed_criterion_F_max         ? 
_reflns.observed_criterion_F_min         ? 
_reflns.observed_criterion_I_max         ? 
_reflns.observed_criterion_I_min         ? 
_reflns.observed_criterion_sigma_F       ? 
_reflns.observed_criterion_sigma_I       ? 
_reflns.percent_possible_obs             98.1 
_reflns.R_free_details                   ? 
_reflns.Rmerge_F_all                     ? 
_reflns.Rmerge_F_obs                     ? 
_reflns.Friedel_coverage                 ? 
_reflns.number_gt                        ? 
_reflns.threshold_expression             ? 
_reflns.pdbx_redundancy                  3.0 
_reflns.pdbx_Rmerge_I_obs                ? 
_reflns.pdbx_Rmerge_I_all                ? 
_reflns.pdbx_Rsym_value                  0.041 
_reflns.pdbx_netI_over_av_sigmaI         ? 
_reflns.pdbx_netI_over_sigmaI            35.9 
_reflns.pdbx_res_netI_over_av_sigmaI_2   ? 
_reflns.pdbx_res_netI_over_sigmaI_2      ? 
_reflns.pdbx_chi_squared                 ? 
_reflns.pdbx_scaling_rejects             ? 
_reflns.pdbx_d_res_high_opt              ? 
_reflns.pdbx_d_res_low_opt               ? 
_reflns.pdbx_d_res_opt_method            ? 
_reflns.phase_calculation_details        ? 
_reflns.pdbx_Rrim_I_all                  ? 
_reflns.pdbx_Rpim_I_all                  0.028 
_reflns.pdbx_d_opt                       ? 
_reflns.pdbx_number_measured_all         ? 
_reflns.pdbx_diffrn_id                   1 
_reflns.pdbx_ordinal                     1 
_reflns.pdbx_CC_half                     ? 
_reflns.pdbx_R_split                     ? 
# 
_reflns_shell.d_res_high                  1.5 
_reflns_shell.d_res_low                   1.55 
_reflns_shell.meanI_over_sigI_all         ? 
_reflns_shell.meanI_over_sigI_obs         ? 
_reflns_shell.number_measured_all         ? 
_reflns_shell.number_measured_obs         ? 
_reflns_shell.number_possible             ? 
_reflns_shell.number_unique_all           ? 
_reflns_shell.number_unique_obs           1182 
_reflns_shell.percent_possible_all        ? 
_reflns_shell.percent_possible_obs        ? 
_reflns_shell.Rmerge_F_all                ? 
_reflns_shell.Rmerge_F_obs                ? 
_reflns_shell.Rmerge_I_all                ? 
_reflns_shell.Rmerge_I_obs                ? 
_reflns_shell.meanI_over_sigI_gt          ? 
_reflns_shell.meanI_over_uI_all           ? 
_reflns_shell.meanI_over_uI_gt            ? 
_reflns_shell.number_measured_gt          ? 
_reflns_shell.number_unique_gt            ? 
_reflns_shell.percent_possible_gt         ? 
_reflns_shell.Rmerge_F_gt                 ? 
_reflns_shell.Rmerge_I_gt                 ? 
_reflns_shell.pdbx_redundancy             ? 
_reflns_shell.pdbx_Rsym_value             0.253 
_reflns_shell.pdbx_chi_squared            ? 
_reflns_shell.pdbx_netI_over_sigmaI_all   ? 
_reflns_shell.pdbx_netI_over_sigmaI_obs   ? 
_reflns_shell.pdbx_Rrim_I_all             0.234 
_reflns_shell.pdbx_Rpim_I_all             ? 
_reflns_shell.pdbx_rejects                ? 
_reflns_shell.pdbx_ordinal                1 
_reflns_shell.pdbx_diffrn_id              1 
_reflns_shell.pdbx_CC_half                ? 
_reflns_shell.pdbx_R_split                ? 
# 
_refine.aniso_B[1][1]                            ? 
_refine.aniso_B[1][2]                            ? 
_refine.aniso_B[1][3]                            ? 
_refine.aniso_B[2][2]                            ? 
_refine.aniso_B[2][3]                            ? 
_refine.aniso_B[3][3]                            ? 
_refine.B_iso_max                                ? 
_refine.B_iso_mean                               ? 
_refine.B_iso_min                                ? 
_refine.correlation_coeff_Fo_to_Fc               ? 
_refine.correlation_coeff_Fo_to_Fc_free          ? 
_refine.details                                  ? 
_refine.diff_density_max                         ? 
_refine.diff_density_max_esd                     ? 
_refine.diff_density_min                         ? 
_refine.diff_density_min_esd                     ? 
_refine.diff_density_rms                         ? 
_refine.diff_density_rms_esd                     ? 
_refine.entry_id                                 6U2U 
_refine.pdbx_refine_id                           'X-RAY DIFFRACTION' 
_refine.ls_abs_structure_details                 ? 
_refine.ls_abs_structure_Flack                   ? 
_refine.ls_abs_structure_Flack_esd               ? 
_refine.ls_abs_structure_Rogers                  ? 
_refine.ls_abs_structure_Rogers_esd              ? 
_refine.ls_d_res_high                            1.5 
_refine.ls_d_res_low                             29.256 
_refine.ls_extinction_coef                       ? 
_refine.ls_extinction_coef_esd                   ? 
_refine.ls_extinction_expression                 ? 
_refine.ls_extinction_method                     ? 
_refine.ls_goodness_of_fit_all                   ? 
_refine.ls_goodness_of_fit_all_esd               ? 
_refine.ls_goodness_of_fit_obs                   ? 
_refine.ls_goodness_of_fit_obs_esd               ? 
_refine.ls_hydrogen_treatment                    ? 
_refine.ls_matrix_type                           ? 
_refine.ls_number_constraints                    ? 
_refine.ls_number_parameters                     ? 
_refine.ls_number_reflns_all                     ? 
_refine.ls_number_reflns_obs                     13599 
_refine.ls_number_reflns_R_free                  1362 
_refine.ls_number_reflns_R_work                  ? 
_refine.ls_number_restraints                     ? 
_refine.ls_percent_reflns_obs                    97.83 
_refine.ls_percent_reflns_R_free                 10.02 
_refine.ls_R_factor_all                          ? 
_refine.ls_R_factor_obs                          0.2059 
_refine.ls_R_factor_R_free                       0.2386 
_refine.ls_R_factor_R_free_error                 ? 
_refine.ls_R_factor_R_free_error_details         ? 
_refine.ls_R_factor_R_work                       0.2023 
_refine.ls_R_Fsqd_factor_obs                     ? 
_refine.ls_R_I_factor_obs                        ? 
_refine.ls_redundancy_reflns_all                 ? 
_refine.ls_redundancy_reflns_obs                 ? 
_refine.ls_restrained_S_all                      ? 
_refine.ls_restrained_S_obs                      ? 
_refine.ls_shift_over_esd_max                    ? 
_refine.ls_shift_over_esd_mean                   ? 
_refine.ls_structure_factor_coef                 ? 
_refine.ls_weighting_details                     ? 
_refine.ls_weighting_scheme                      ? 
_refine.ls_wR_factor_all                         ? 
_refine.ls_wR_factor_obs                         ? 
_refine.ls_wR_factor_R_free                      ? 
_refine.ls_wR_factor_R_work                      ? 
_refine.occupancy_max                            ? 
_refine.occupancy_min                            ? 
_refine.solvent_model_details                    ? 
_refine.solvent_model_param_bsol                 ? 
_refine.solvent_model_param_ksol                 ? 
_refine.ls_R_factor_gt                           ? 
_refine.ls_goodness_of_fit_gt                    ? 
_refine.ls_goodness_of_fit_ref                   ? 
_refine.ls_shift_over_su_max                     ? 
_refine.ls_shift_over_su_max_lt                  ? 
_refine.ls_shift_over_su_mean                    ? 
_refine.ls_shift_over_su_mean_lt                 ? 
_refine.pdbx_ls_sigma_I                          ? 
_refine.pdbx_ls_sigma_F                          1.35 
_refine.pdbx_ls_sigma_Fsqd                       ? 
_refine.pdbx_data_cutoff_high_absF               ? 
_refine.pdbx_data_cutoff_high_rms_absF           ? 
_refine.pdbx_data_cutoff_low_absF                ? 
_refine.pdbx_isotropic_thermal_model             ? 
_refine.pdbx_ls_cross_valid_method               'FREE R-VALUE' 
_refine.pdbx_method_to_determine_struct          'MOLECULAR REPLACEMENT' 
_refine.pdbx_starting_model                      6MGM 
_refine.pdbx_stereochemistry_target_values       ? 
_refine.pdbx_R_Free_selection_details            ? 
_refine.pdbx_stereochem_target_val_spec_case     ? 
_refine.pdbx_overall_ESU_R                       ? 
_refine.pdbx_overall_ESU_R_Free                  ? 
_refine.pdbx_solvent_vdw_probe_radii             1.11 
_refine.pdbx_solvent_ion_probe_radii             ? 
_refine.pdbx_solvent_shrinkage_radii             0.90 
_refine.pdbx_real_space_R                        ? 
_refine.pdbx_density_correlation                 ? 
_refine.pdbx_pd_number_of_powder_patterns        ? 
_refine.pdbx_pd_number_of_points                 ? 
_refine.pdbx_pd_meas_number_of_points            ? 
_refine.pdbx_pd_proc_ls_prof_R_factor            ? 
_refine.pdbx_pd_proc_ls_prof_wR_factor           ? 
_refine.pdbx_pd_Marquardt_correlation_coeff      ? 
_refine.pdbx_pd_Fsqrd_R_factor                   ? 
_refine.pdbx_pd_ls_matrix_band_width             ? 
_refine.pdbx_overall_phase_error                 27.69 
_refine.pdbx_overall_SU_R_free_Cruickshank_DPI   ? 
_refine.pdbx_overall_SU_R_free_Blow_DPI          ? 
_refine.pdbx_overall_SU_R_Blow_DPI               ? 
_refine.pdbx_TLS_residual_ADP_flag               ? 
_refine.pdbx_diffrn_id                           1 
_refine.overall_SU_B                             ? 
_refine.overall_SU_ML                            0.17 
_refine.overall_SU_R_Cruickshank_DPI             ? 
_refine.overall_SU_R_free                        ? 
_refine.overall_FOM_free_R_set                   ? 
_refine.overall_FOM_work_R_set                   ? 
_refine.pdbx_average_fsc_overall                 ? 
_refine.pdbx_average_fsc_work                    ? 
_refine.pdbx_average_fsc_free                    ? 
# 
_refine_hist.pdbx_refine_id                   'X-RAY DIFFRACTION' 
_refine_hist.cycle_id                         LAST 
_refine_hist.details                          ? 
_refine_hist.d_res_high                       1.5 
_refine_hist.d_res_low                        29.256 
_refine_hist.number_atoms_solvent             87 
_refine_hist.number_atoms_total               835 
_refine_hist.number_reflns_all                ? 
_refine_hist.number_reflns_obs                ? 
_refine_hist.number_reflns_R_free             ? 
_refine_hist.number_reflns_R_work             ? 
_refine_hist.R_factor_all                     ? 
_refine_hist.R_factor_obs                     ? 
_refine_hist.R_factor_R_free                  ? 
_refine_hist.R_factor_R_work                  ? 
_refine_hist.pdbx_number_residues_total       ? 
_refine_hist.pdbx_B_iso_mean_ligand           ? 
_refine_hist.pdbx_B_iso_mean_solvent          ? 
_refine_hist.pdbx_number_atoms_protein        748 
_refine_hist.pdbx_number_atoms_nucleic_acid   0 
_refine_hist.pdbx_number_atoms_ligand         0 
_refine_hist.pdbx_number_atoms_lipid          ? 
_refine_hist.pdbx_number_atoms_carb           ? 
_refine_hist.pdbx_pseudo_atom_details         ? 
# 
loop_
_refine_ls_restr.pdbx_refine_id 
_refine_ls_restr.criterion 
_refine_ls_restr.dev_ideal 
_refine_ls_restr.dev_ideal_target 
_refine_ls_restr.number 
_refine_ls_restr.rejects 
_refine_ls_restr.type 
_refine_ls_restr.weight 
_refine_ls_restr.pdbx_restraint_function 
'X-RAY DIFFRACTION' ? 0.006  ? 758  ? f_bond_d           ? ? 
'X-RAY DIFFRACTION' ? 0.803  ? 1023 ? f_angle_d          ? ? 
'X-RAY DIFFRACTION' ? 18.222 ? 301  ? f_dihedral_angle_d ? ? 
'X-RAY DIFFRACTION' ? 0.056  ? 120  ? f_chiral_restr     ? ? 
'X-RAY DIFFRACTION' ? 0.005  ? 129  ? f_plane_restr      ? ? 
# 
loop_
_refine_ls_shell.pdbx_refine_id 
_refine_ls_shell.d_res_high 
_refine_ls_shell.d_res_low 
_refine_ls_shell.number_reflns_all 
_refine_ls_shell.number_reflns_obs 
_refine_ls_shell.number_reflns_R_free 
_refine_ls_shell.number_reflns_R_work 
_refine_ls_shell.percent_reflns_obs 
_refine_ls_shell.percent_reflns_R_free 
_refine_ls_shell.R_factor_all 
_refine_ls_shell.R_factor_obs 
_refine_ls_shell.R_factor_R_free 
_refine_ls_shell.R_factor_R_free_error 
_refine_ls_shell.R_factor_R_work 
_refine_ls_shell.redundancy_reflns_all 
_refine_ls_shell.redundancy_reflns_obs 
_refine_ls_shell.wR_factor_all 
_refine_ls_shell.wR_factor_obs 
_refine_ls_shell.wR_factor_R_free 
_refine_ls_shell.wR_factor_R_work 
_refine_ls_shell.pdbx_total_number_of_bins_used 
_refine_ls_shell.pdbx_phase_error 
_refine_ls_shell.pdbx_fsc_work 
_refine_ls_shell.pdbx_fsc_free 
'X-RAY DIFFRACTION' 1.500  1.5511 . . 127 1182 95.00  . . . 0.3193 . 0.2704 . . . . . . . . . . 
'X-RAY DIFFRACTION' 1.5511 1.6132 . . 141 1244 98.00  . . . 0.3236 . 0.2514 . . . . . . . . . . 
'X-RAY DIFFRACTION' 1.6132 1.6866 . . 135 1222 99.00  . . . 0.3200 . 0.2468 . . . . . . . . . . 
'X-RAY DIFFRACTION' 1.6866 1.7755 . . 137 1221 99.00  . . . 0.2520 . 0.2326 . . . . . . . . . . 
'X-RAY DIFFRACTION' 1.7755 1.8867 . . 137 1247 99.00  . . . 0.2678 . 0.2318 . . . . . . . . . . 
'X-RAY DIFFRACTION' 1.8867 2.0324 . . 141 1233 100.00 . . . 0.2516 . 0.2213 . . . . . . . . . . 
'X-RAY DIFFRACTION' 2.0324 2.2368 . . 136 1233 99.00  . . . 0.2443 . 0.1978 . . . . . . . . . . 
'X-RAY DIFFRACTION' 2.2368 2.5603 . . 139 1256 100.00 . . . 0.2374 . 0.2004 . . . . . . . . . . 
'X-RAY DIFFRACTION' 2.5603 3.2251 . . 142 1258 99.00  . . . 0.2270 . 0.1969 . . . . . . . . . . 
'X-RAY DIFFRACTION' 3.2251 29.256 . . 127 1141 90.00  . . . 0.2175 . 0.1836 . . . . . . . . . . 
# 
_struct.entry_id                     6U2U 
_struct.title                        'Helix-Loop-helix motif of mouse DNA-binding protein inhibitor ID-1' 
_struct.pdbx_model_details           ? 
_struct.pdbx_formula_weight          ? 
_struct.pdbx_formula_weight_method   ? 
_struct.pdbx_model_type_details      ? 
_struct.pdbx_CASP_flag               N 
# 
_struct_keywords.entry_id        6U2U 
_struct_keywords.text            
'Helix-loop-helix, DNA-binding protein inhibitor, DNA BINDING PROTEIN, DNA BINDING PROTEIN INHIBITOR' 
_struct_keywords.pdbx_keywords   'DNA BINDING PROTEIN INHIBITOR' 
# 
loop_
_struct_asym.id 
_struct_asym.pdbx_blank_PDB_chainid_flag 
_struct_asym.pdbx_modified 
_struct_asym.entity_id 
_struct_asym.details 
A N N 1 ? 
B N N 1 ? 
C N N 2 ? 
D N N 2 ? 
# 
loop_
_struct_conf.conf_type_id 
_struct_conf.id 
_struct_conf.pdbx_PDB_helix_id 
_struct_conf.beg_label_comp_id 
_struct_conf.beg_label_asym_id 
_struct_conf.beg_label_seq_id 
_struct_conf.pdbx_beg_PDB_ins_code 
_struct_conf.end_label_comp_id 
_struct_conf.end_label_asym_id 
_struct_conf.end_label_seq_id 
_struct_conf.pdbx_end_PDB_ins_code 
_struct_conf.beg_auth_comp_id 
_struct_conf.beg_auth_asym_id 
_struct_conf.beg_auth_seq_id 
_struct_conf.end_auth_comp_id 
_struct_conf.end_auth_asym_id 
_struct_conf.end_auth_seq_id 
_struct_conf.pdbx_PDB_helix_class 
_struct_conf.details 
_struct_conf.pdbx_PDB_helix_length 
HELX_P HELX_P1 AA1 ASP A 3  ? VAL A 15 ? ASP A 61 VAL A 73  1 ? 13 
HELX_P HELX_P2 AA2 SER A 25 ? ASN A 45 ? SER A 83 ASN A 103 1 ? 21 
HELX_P HELX_P3 AA3 ASP B 3  ? VAL B 15 ? ASP B 61 VAL B 73  1 ? 13 
HELX_P HELX_P4 AA4 SER B 25 ? LEU B 44 ? SER B 83 LEU B 102 1 ? 20 
# 
_struct_conf_type.id          HELX_P 
_struct_conf_type.criteria    ? 
_struct_conf_type.reference   ? 
# 
_atom_sites.entry_id                    6U2U 
_atom_sites.Cartn_transf_matrix[1][1]   ? 
_atom_sites.Cartn_transf_matrix[1][2]   ? 
_atom_sites.Cartn_transf_matrix[1][3]   ? 
_atom_sites.Cartn_transf_matrix[2][1]   ? 
_atom_sites.Cartn_transf_matrix[2][2]   ? 
_atom_sites.Cartn_transf_matrix[2][3]   ? 
_atom_sites.Cartn_transf_matrix[3][1]   ? 
_atom_sites.Cartn_transf_matrix[3][2]   ? 
_atom_sites.Cartn_transf_matrix[3][3]   ? 
_atom_sites.Cartn_transf_vector[1]      ? 
_atom_sites.Cartn_transf_vector[2]      ? 
_atom_sites.Cartn_transf_vector[3]      ? 
_atom_sites.fract_transf_matrix[1][1]   -0.02779526 
_atom_sites.fract_transf_matrix[1][2]   0.01190288 
_atom_sites.fract_transf_matrix[1][3]   -0.02968256 
_atom_sites.fract_transf_matrix[2][1]   -0.00516729 
_atom_sites.fract_transf_matrix[2][2]   0.01310196 
_atom_sites.fract_transf_matrix[2][3]   0.01009270 
_atom_sites.fract_transf_matrix[3][1]   0.01237740 
_atom_sites.fract_transf_matrix[3][2]   0.02236329 
_atom_sites.fract_transf_matrix[3][3]   -0.02269414 
_atom_sites.fract_transf_vector[1]      -0.053584 
_atom_sites.fract_transf_vector[2]      -0.005954 
_atom_sites.fract_transf_vector[3]      0.045941 
_atom_sites.solution_primary            ? 
_atom_sites.solution_secondary          ? 
_atom_sites.solution_hydrogens          ? 
_atom_sites.special_details             ? 
# 
loop_
_atom_type.symbol 
C 
N 
O 
S 
# 
loop_
_atom_site.group_PDB 
_atom_site.id 
_atom_site.type_symbol 
_atom_site.label_atom_id 
_atom_site.label_alt_id 
_atom_site.label_comp_id 
_atom_site.label_asym_id 
_atom_site.label_entity_id 
_atom_site.label_seq_id 
_atom_site.pdbx_PDB_ins_code 
_atom_site.Cartn_x 
_atom_site.Cartn_y 
_atom_site.Cartn_z 
_atom_site.occupancy 
_atom_site.B_iso_or_equiv 
_atom_site.pdbx_formal_charge 
_atom_site.auth_seq_id 
_atom_site.auth_comp_id 
_atom_site.auth_asym_id 
_atom_site.auth_atom_id 
_atom_site.pdbx_PDB_model_num 
ATOM   1   N N   . LEU A 1 1  ? -11.051 10.485  -2.787  1.00 37.74 ? 59  LEU A N   1 
ATOM   2   C CA  . LEU A 1 1  ? -12.077 9.688   -3.458  1.00 36.45 ? 59  LEU A CA  1 
ATOM   3   C C   . LEU A 1 1  ? -12.627 8.581   -2.552  1.00 28.87 ? 59  LEU A C   1 
ATOM   4   O O   . LEU A 1 1  ? -13.841 8.356   -2.504  1.00 28.53 ? 59  LEU A O   1 
ATOM   5   C CB  . LEU A 1 1  ? -11.532 9.101   -4.760  1.00 38.81 ? 59  LEU A CB  1 
ATOM   6   C CG  . LEU A 1 1  ? -12.443 8.179   -5.576  1.00 37.36 ? 59  LEU A CG  1 
ATOM   7   C CD1 . LEU A 1 1  ? -13.767 8.847   -5.892  1.00 43.86 ? 59  LEU A CD1 1 
ATOM   8   C CD2 . LEU A 1 1  ? -11.741 7.749   -6.860  1.00 42.38 ? 59  LEU A CD2 1 
ATOM   9   N N   . TYR A 1 2  ? -11.732 7.905   -1.835  1.00 26.38 ? 60  TYR A N   1 
ATOM   10  C CA  . TYR A 1 2  ? -12.097 6.858   -0.886  1.00 23.87 ? 60  TYR A CA  1 
ATOM   11  C C   . TYR A 1 2  ? -11.976 7.371   0.541   1.00 29.89 ? 60  TYR A C   1 
ATOM   12  O O   . TYR A 1 2  ? -11.041 8.109   0.866   1.00 33.91 ? 60  TYR A O   1 
ATOM   13  C CB  . TYR A 1 2  ? -11.181 5.639   -1.059  1.00 21.23 ? 60  TYR A CB  1 
ATOM   14  C CG  . TYR A 1 2  ? -11.367 4.938   -2.383  1.00 17.89 ? 60  TYR A CG  1 
ATOM   15  C CD1 . TYR A 1 2  ? -12.367 3.993   -2.542  1.00 22.09 ? 60  TYR A CD1 1 
ATOM   16  C CD2 . TYR A 1 2  ? -10.565 5.228   -3.472  1.00 21.96 ? 60  TYR A CD2 1 
ATOM   17  C CE1 . TYR A 1 2  ? -12.572 3.362   -3.742  1.00 21.48 ? 60  TYR A CE1 1 
ATOM   18  C CE2 . TYR A 1 2  ? -10.758 4.588   -4.692  1.00 20.06 ? 60  TYR A CE2 1 
ATOM   19  C CZ  . TYR A 1 2  ? -11.766 3.655   -4.819  1.00 23.55 ? 60  TYR A CZ  1 
ATOM   20  O OH  . TYR A 1 2  ? -11.963 3.019   -6.033  1.00 26.94 ? 60  TYR A OH  1 
ATOM   21  N N   . ASP A 1 3  ? -12.917 6.972   1.395   1.00 23.54 ? 61  ASP A N   1 
ATOM   22  C CA  . ASP A 1 3  ? -12.700 7.136   2.825   1.00 26.22 ? 61  ASP A CA  1 
ATOM   23  C C   . ASP A 1 3  ? -11.737 6.047   3.306   1.00 21.73 ? 61  ASP A C   1 
ATOM   24  O O   . ASP A 1 3  ? -11.312 5.186   2.540   1.00 20.53 ? 61  ASP A O   1 
ATOM   25  C CB  . ASP A 1 3  ? -14.023 7.212   3.594   1.00 24.68 ? 61  ASP A CB  1 
ATOM   26  C CG  . ASP A 1 3  ? -14.872 5.953   3.475   1.00 25.53 ? 61  ASP A CG  1 
ATOM   27  O OD1 . ASP A 1 3  ? -14.314 4.859   3.261   1.00 25.16 ? 61  ASP A OD1 1 
ATOM   28  O OD2 . ASP A 1 3  ? -16.113 6.058   3.620   1.00 27.52 ? 61  ASP A OD2 1 
ATOM   29  N N   . MET A 1 4  ? -11.375 6.090   4.590   1.00 19.35 ? 62  MET A N   1 
ATOM   30  C CA  . MET A 1 4  ? -10.378 5.159   5.111   1.00 17.59 ? 62  MET A CA  1 
ATOM   31  C C   . MET A 1 4  ? -10.814 3.717   4.912   1.00 16.59 ? 62  MET A C   1 
ATOM   32  O O   . MET A 1 4  ? -10.015 2.869   4.489   1.00 18.89 ? 62  MET A O   1 
ATOM   33  C CB  . MET A 1 4  ? -10.151 5.446   6.603   1.00 24.82 ? 62  MET A CB  1 
ATOM   34  C CG  . MET A 1 4  ? -9.086  4.586   7.336   1.00 30.71 ? 62  MET A CG  1 
ATOM   35  S SD  . MET A 1 4  ? -7.333  4.856   6.932   1.00 36.48 ? 62  MET A SD  1 
ATOM   36  C CE  . MET A 1 4  ? -7.403  6.403   6.167   1.00 13.88 ? 62  MET A CE  1 
ATOM   37  N N   . ASN A 1 5  ? -12.083 3.416   5.199   1.00 22.28 ? 63  ASN A N   1 
ATOM   38  C CA  . ASN A 1 5  ? -12.553 2.057   4.977   1.00 20.16 ? 63  ASN A CA  1 
ATOM   39  C C   . ASN A 1 5  ? -12.522 1.701   3.499   1.00 18.78 ? 63  ASN A C   1 
ATOM   40  O O   . ASN A 1 5  ? -12.181 0.569   3.133   1.00 18.73 ? 63  ASN A O   1 
ATOM   41  C CB  . ASN A 1 5  ? -13.956 1.859   5.540   1.00 19.15 ? 63  ASN A CB  1 
ATOM   42  C CG  . ASN A 1 5  ? -14.332 0.395   5.615   1.00 23.73 ? 63  ASN A CG  1 
ATOM   43  O OD1 . ASN A 1 5  ? -13.568 -0.422  6.128   1.00 29.61 ? 63  ASN A OD1 1 
ATOM   44  N ND2 . ASN A 1 5  ? -15.496 0.049   5.077   1.00 25.41 ? 63  ASN A ND2 1 
ATOM   45  N N   . GLY A 1 6  ? -12.861 2.655   2.628   1.00 20.93 ? 64  GLY A N   1 
ATOM   46  C CA  . GLY A 1 6  ? -12.774 2.393   1.198   1.00 18.68 ? 64  GLY A CA  1 
ATOM   47  C C   . GLY A 1 6  ? -11.357 2.102   0.746   1.00 19.34 ? 64  GLY A C   1 
ATOM   48  O O   . GLY A 1 6  ? -11.140 1.285   -0.148  1.00 18.06 ? 64  GLY A O   1 
ATOM   49  N N   . CYS A 1 7  ? -10.373 2.764   1.360   1.00 18.15 ? 65  CYS A N   1 
ATOM   50  C CA  . CYS A 1 7  ? -8.975  2.495   1.027   1.00 17.60 ? 65  CYS A CA  1 
ATOM   51  C C   . CYS A 1 7  ? -8.599  1.061   1.370   1.00 17.30 ? 65  CYS A C   1 
ATOM   52  O O   . CYS A 1 7  ? -7.937  0.371   0.580   1.00 17.67 ? 65  CYS A O   1 
ATOM   53  C CB  . CYS A 1 7  ? -8.070  3.464   1.781   1.00 18.47 ? 65  CYS A CB  1 
ATOM   54  S SG  . CYS A 1 7  ? -8.089  5.158   1.133   1.00 21.31 ? 65  CYS A SG  1 
ATOM   55  N N   . TYR A 1 8  ? -8.970  0.609   2.567   1.00 18.55 ? 66  TYR A N   1 
ATOM   56  C CA  . TYR A 1 8  ? -8.688  -0.774  2.937   1.00 18.90 ? 66  TYR A CA  1 
ATOM   57  C C   . TYR A 1 8  ? -9.415  -1.763  2.023   1.00 19.97 ? 66  TYR A C   1 
ATOM   58  O O   . TYR A 1 8  ? -8.827  -2.775  1.609   1.00 19.65 ? 66  TYR A O   1 
ATOM   59  C CB  . TYR A 1 8  ? -8.999  -0.991  4.419   1.00 19.89 ? 66  TYR A CB  1 
ATOM   60  C CG  . TYR A 1 8  ? -7.872  -0.530  5.301   1.00 19.56 ? 66  TYR A CG  1 
ATOM   61  C CD1 . TYR A 1 8  ? -6.736  -1.316  5.480   1.00 24.24 ? 66  TYR A CD1 1 
ATOM   62  C CD2 . TYR A 1 8  ? -7.910  0.699   5.918   1.00 21.24 ? 66  TYR A CD2 1 
ATOM   63  C CE1 . TYR A 1 8  ? -5.697  -0.894  6.286   1.00 22.19 ? 66  TYR A CE1 1 
ATOM   64  C CE2 . TYR A 1 8  ? -6.860  1.129   6.713   1.00 20.71 ? 66  TYR A CE2 1 
ATOM   65  C CZ  . TYR A 1 8  ? -5.764  0.327   6.890   1.00 20.90 ? 66  TYR A CZ  1 
ATOM   66  O OH  . TYR A 1 8  ? -4.737  0.765   7.699   1.00 27.84 ? 66  TYR A OH  1 
ATOM   67  N N   . SER A 1 9  ? -10.680 -1.486  1.666   1.00 18.22 ? 67  SER A N   1 
ATOM   68  C CA  . SER A 1 9  ? -11.379 -2.347  0.714   1.00 20.10 ? 67  SER A CA  1 
ATOM   69  C C   . SER A 1 9  ? -10.634 -2.428  -0.610  1.00 21.99 ? 67  SER A C   1 
ATOM   70  O O   . SER A 1 9  ? -10.480 -3.514  -1.181  1.00 20.75 ? 67  SER A O   1 
ATOM   71  C CB  . SER A 1 9  ? -12.808 -1.845  0.473   1.00 20.51 ? 67  SER A CB  1 
ATOM   72  O OG  . SER A 1 9  ? -13.591 -1.868  1.654   1.00 22.76 ? 67  SER A OG  1 
ATOM   73  N N   . ARG A 1 10 ? -10.154 -1.286  -1.107  1.00 17.88 ? 68  ARG A N   1 
ATOM   74  C CA  . ARG A 1 10 ? -9.462  -1.252  -2.385  1.00 23.11 ? 68  ARG A CA  1 
ATOM   75  C C   . ARG A 1 10 ? -8.153  -2.034  -2.314  1.00 20.22 ? 68  ARG A C   1 
ATOM   76  O O   . ARG A 1 10 ? -7.804  -2.763  -3.254  1.00 21.76 ? 68  ARG A O   1 
ATOM   77  C CB  . ARG A 1 10 ? -9.242  0.214   -2.772  1.00 30.18 ? 68  ARG A CB  1 
ATOM   78  C CG  . ARG A 1 10 ? -8.822  0.457   -4.188  1.00 35.12 ? 68  ARG A CG  1 
ATOM   79  C CD  . ARG A 1 10 ? -10.000 0.452   -5.151  1.00 28.02 ? 68  ARG A CD  1 
ATOM   80  N NE  . ARG A 1 10 ? -9.500  0.603   -6.513  1.00 26.54 ? 68  ARG A NE  1 
ATOM   81  C CZ  . ARG A 1 10 ? -8.984  -0.393  -7.225  1.00 25.76 ? 68  ARG A CZ  1 
ATOM   82  N NH1 . ARG A 1 10 ? -8.918  -1.608  -6.704  1.00 35.20 ? 68  ARG A NH1 1 
ATOM   83  N NH2 . ARG A 1 10 ? -8.537  -0.177  -8.450  1.00 30.52 ? 68  ARG A NH2 1 
ATOM   84  N N   . LEU A 1 11 ? -7.438  -1.941  -1.190  1.00 19.44 ? 69  LEU A N   1 
ATOM   85  C CA  . LEU A 1 11 ? -6.191  -2.686  -1.038  1.00 19.80 ? 69  LEU A CA  1 
ATOM   86  C C   . LEU A 1 11 ? -6.445  -4.177  -0.888  1.00 23.10 ? 69  LEU A C   1 
ATOM   87  O O   . LEU A 1 11 ? -5.642  -4.993  -1.360  1.00 23.95 ? 69  LEU A O   1 
ATOM   88  C CB  . LEU A 1 11 ? -5.378  -2.140  0.141   1.00 20.89 ? 69  LEU A CB  1 
ATOM   89  C CG  . LEU A 1 11 ? -4.813  -0.730  -0.055  1.00 22.07 ? 69  LEU A CG  1 
ATOM   90  C CD1 . LEU A 1 11 ? -4.370  -0.122  1.270   1.00 21.89 ? 69  LEU A CD1 1 
ATOM   91  C CD2 . LEU A 1 11 ? -3.672  -0.691  -1.071  1.00 20.47 ? 69  LEU A CD2 1 
ATOM   92  N N   . LYS A 1 12 ? -7.557  -4.562  -0.259  1.00 21.78 ? 70  LYS A N   1 
ATOM   93  C CA  . LYS A 1 12 ? -7.903  -5.980  -0.214  1.00 23.27 ? 70  LYS A CA  1 
ATOM   94  C C   . LYS A 1 12 ? -8.163  -6.531  -1.602  1.00 25.69 ? 70  LYS A C   1 
ATOM   95  O O   . LYS A 1 12 ? -7.928  -7.720  -1.861  1.00 31.24 ? 70  LYS A O   1 
ATOM   96  C CB  . LYS A 1 12 ? -9.153  -6.180  0.633   1.00 24.68 ? 70  LYS A CB  1 
ATOM   97  C CG  . LYS A 1 12 ? -8.941  -6.008  2.108   1.00 25.79 ? 70  LYS A CG  1 
ATOM   98  C CD  . LYS A 1 12 ? -10.277 -6.216  2.803   1.00 29.73 ? 70  LYS A CD  1 
ATOM   99  C CE  . LYS A 1 12 ? -10.295 -5.676  4.204   1.00 38.88 ? 70  LYS A CE  1 
ATOM   100 N NZ  . LYS A 1 12 ? -11.631 -5.921  4.808   1.00 37.58 ? 70  LYS A NZ  1 
ATOM   101 N N   . GLU A 1 13 ? -8.677  -5.699  -2.501  1.00 24.91 ? 71  GLU A N   1 
ATOM   102 C CA  . GLU A 1 13 ? -8.927  -6.162  -3.856  1.00 23.27 ? 71  GLU A CA  1 
ATOM   103 C C   . GLU A 1 13 ? -7.646  -6.211  -4.681  1.00 24.59 ? 71  GLU A C   1 
ATOM   104 O O   . GLU A 1 13 ? -7.483  -7.104  -5.524  1.00 29.31 ? 71  GLU A O   1 
ATOM   105 C CB  . GLU A 1 13 ? -9.942  -5.255  -4.542  1.00 24.58 ? 71  GLU A CB  1 
ATOM   106 C CG  . GLU A 1 13 ? -10.284 -5.753  -5.930  1.00 33.99 ? 71  GLU A CG  1 
ATOM   107 C CD  . GLU A 1 13 ? -11.272 -4.888  -6.667  1.00 41.22 ? 71  GLU A CD  1 
ATOM   108 O OE1 . GLU A 1 13 ? -11.727 -3.852  -6.140  1.00 35.39 ? 71  GLU A OE1 1 
ATOM   109 O OE2 . GLU A 1 13 ? -11.597 -5.253  -7.808  1.00 57.08 ? 71  GLU A OE2 1 
ATOM   110 N N   . LEU A 1 14 ? -6.714  -5.292  -4.438  1.00 24.70 ? 72  LEU A N   1 
ATOM   111 C CA  . LEU A 1 14 ? -5.554  -5.190  -5.310  1.00 24.38 ? 72  LEU A CA  1 
ATOM   112 C C   . LEU A 1 14 ? -4.438  -6.156  -4.944  1.00 27.30 ? 72  LEU A C   1 
ATOM   113 O O   . LEU A 1 14 ? -3.667  -6.559  -5.821  1.00 23.57 ? 72  LEU A O   1 
ATOM   114 C CB  . LEU A 1 14 ? -4.992  -3.773  -5.238  1.00 21.01 ? 72  LEU A CB  1 
ATOM   115 C CG  . LEU A 1 14 ? -5.749  -2.660  -5.948  1.00 26.52 ? 72  LEU A CG  1 
ATOM   116 C CD1 . LEU A 1 14 ? -5.227  -1.315  -5.489  1.00 24.14 ? 72  LEU A CD1 1 
ATOM   117 C CD2 . LEU A 1 14 ? -5.572  -2.812  -7.453  1.00 28.34 ? 72  LEU A CD2 1 
ATOM   118 N N   . VAL A 1 15 ? -4.288  -6.508  -3.670  1.00 22.63 ? 73  VAL A N   1 
ATOM   119 C CA  . VAL A 1 15 ? -3.095  -7.198  -3.190  1.00 25.27 ? 73  VAL A CA  1 
ATOM   120 C C   . VAL A 1 15 ? -3.371  -8.701  -3.213  1.00 24.21 ? 73  VAL A C   1 
ATOM   121 O O   . VAL A 1 15 ? -4.219  -9.172  -2.442  1.00 24.42 ? 73  VAL A O   1 
ATOM   122 C CB  . VAL A 1 15 ? -2.665  -6.718  -1.800  1.00 22.49 ? 73  VAL A CB  1 
ATOM   123 C CG1 . VAL A 1 15 ? -1.466  -7.531  -1.309  1.00 26.95 ? 73  VAL A CG1 1 
ATOM   124 C CG2 . VAL A 1 15 ? -2.311  -5.241  -1.848  1.00 20.31 ? 73  VAL A CG2 1 
ATOM   125 N N   . PRO A 1 16 ? -2.668  -9.476  -4.045  1.00 22.32 ? 74  PRO A N   1 
ATOM   126 C CA  . PRO A 1 16 ? -3.045  -10.884 -4.256  1.00 26.61 ? 74  PRO A CA  1 
ATOM   127 C C   . PRO A 1 16 ? -2.489  -11.856 -3.229  1.00 27.36 ? 74  PRO A C   1 
ATOM   128 O O   . PRO A 1 16 ? -2.808  -13.053 -3.306  1.00 30.82 ? 74  PRO A O   1 
ATOM   129 C CB  . PRO A 1 16 ? -2.464  -11.184 -5.641  1.00 25.91 ? 74  PRO A CB  1 
ATOM   130 C CG  . PRO A 1 16 ? -1.239  -10.298 -5.715  1.00 25.14 ? 74  PRO A CG  1 
ATOM   131 C CD  . PRO A 1 16 ? -1.603  -9.029  -4.961  1.00 22.46 ? 74  PRO A CD  1 
ATOM   132 N N   . THR A 1 17 ? -1.652  -11.401 -2.302  1.00 24.51 ? 75  THR A N   1 
ATOM   133 C CA  . THR A 1 17 ? -1.087  -12.251 -1.266  1.00 28.79 ? 75  THR A CA  1 
ATOM   134 C C   . THR A 1 17 ? -1.903  -12.235 0.009   1.00 26.68 ? 75  THR A C   1 
ATOM   135 O O   . THR A 1 17 ? -1.568  -12.963 0.949   1.00 33.27 ? 75  THR A O   1 
ATOM   136 C CB  . THR A 1 17 ? 0.329   -11.793 -0.913  1.00 22.86 ? 75  THR A CB  1 
ATOM   137 O OG1 . THR A 1 17 ? 0.263   -10.472 -0.345  1.00 25.73 ? 75  THR A OG1 1 
ATOM   138 C CG2 . THR A 1 17 ? 1.226   -11.788 -2.146  1.00 30.17 ? 75  THR A CG2 1 
ATOM   139 N N   . LEU A 1 18 ? -2.942  -11.420 0.072   1.00 25.28 ? 76  LEU A N   1 
ATOM   140 C CA  . LEU A 1 18 ? -3.752  -11.370 1.270   1.00 27.06 ? 76  LEU A CA  1 
ATOM   141 C C   . LEU A 1 18 ? -4.463  -12.703 1.459   1.00 33.01 ? 76  LEU A C   1 
ATOM   142 O O   . LEU A 1 18 ? -4.816  -13.360 0.475   1.00 30.24 ? 76  LEU A O   1 
ATOM   143 C CB  . LEU A 1 18 ? -4.777  -10.251 1.168   1.00 24.37 ? 76  LEU A CB  1 
ATOM   144 C CG  . LEU A 1 18 ? -4.180  -8.876  1.458   1.00 29.13 ? 76  LEU A CG  1 
ATOM   145 C CD1 . LEU A 1 18 ? -5.198  -7.789  1.187   1.00 30.53 ? 76  LEU A CD1 1 
ATOM   146 C CD2 . LEU A 1 18 ? -3.661  -8.798  2.889   1.00 26.52 ? 76  LEU A CD2 1 
ATOM   147 N N   . PRO A 1 19 ? -4.636  -13.150 2.699   1.00 30.23 ? 77  PRO A N   1 
ATOM   148 C CA  . PRO A 1 19 ? -5.423  -14.361 2.940   1.00 41.59 ? 77  PRO A CA  1 
ATOM   149 C C   . PRO A 1 19 ? -6.840  -14.177 2.423   1.00 41.37 ? 77  PRO A C   1 
ATOM   150 O O   . PRO A 1 19 ? -7.409  -13.087 2.491   1.00 42.75 ? 77  PRO A O   1 
ATOM   151 C CB  . PRO A 1 19 ? -5.397  -14.495 4.467   1.00 43.39 ? 77  PRO A CB  1 
ATOM   152 C CG  . PRO A 1 19 ? -4.119  -13.818 4.872   1.00 42.79 ? 77  PRO A CG  1 
ATOM   153 C CD  . PRO A 1 19 ? -3.957  -12.670 3.917   1.00 37.44 ? 77  PRO A CD  1 
ATOM   154 N N   . GLN A 1 20 ? -7.409  -15.258 1.893   1.00 43.25 ? 78  GLN A N   1 
ATOM   155 C CA  . GLN A 1 20 ? -8.729  -15.209 1.287   1.00 46.01 ? 78  GLN A CA  1 
ATOM   156 C C   . GLN A 1 20 ? -9.793  -15.935 2.097   1.00 52.05 ? 78  GLN A C   1 
ATOM   157 O O   . GLN A 1 20 ? -10.952 -15.972 1.674   1.00 63.25 ? 78  GLN A O   1 
ATOM   158 C CB  . GLN A 1 20 ? -8.677  -15.780 -0.136  1.00 59.80 ? 78  GLN A CB  1 
ATOM   159 C CG  . GLN A 1 20 ? -7.521  -15.249 -0.972  1.00 67.30 ? 78  GLN A CG  1 
ATOM   160 C CD  . GLN A 1 20 ? -7.715  -13.804 -1.396  1.00 71.85 ? 78  GLN A CD  1 
ATOM   161 O OE1 . GLN A 1 20 ? -8.795  -13.416 -1.843  1.00 75.61 ? 78  GLN A OE1 1 
ATOM   162 N NE2 . GLN A 1 20 ? -6.665  -13.000 -1.262  1.00 69.22 ? 78  GLN A NE2 1 
ATOM   163 N N   . ASN A 1 21 ? -9.442  -16.495 3.255   1.00 43.01 ? 79  ASN A N   1 
ATOM   164 C CA  . ASN A 1 21 ? -10.364 -17.352 3.993   1.00 55.81 ? 79  ASN A CA  1 
ATOM   165 C C   . ASN A 1 21 ? -10.446 -16.981 5.468   1.00 48.38 ? 79  ASN A C   1 
ATOM   166 O O   . ASN A 1 21 ? -10.796 -17.823 6.297   1.00 42.70 ? 79  ASN A O   1 
ATOM   167 C CB  . ASN A 1 21 ? -9.981  -18.827 3.851   1.00 67.07 ? 79  ASN A CB  1 
ATOM   168 C CG  . ASN A 1 21 ? -8.634  -19.144 4.483   1.00 69.95 ? 79  ASN A CG  1 
ATOM   169 O OD1 . ASN A 1 21 ? -7.761  -18.275 4.577   1.00 68.67 ? 79  ASN A OD1 1 
ATOM   170 N ND2 . ASN A 1 21 ? -8.461  -20.387 4.925   1.00 62.51 ? 79  ASN A ND2 1 
ATOM   171 N N   . ARG A 1 22 ? -10.119 -15.744 5.823   1.00 38.98 ? 80  ARG A N   1 
ATOM   172 C CA  . ARG A 1 22 ? -10.170 -15.373 7.231   1.00 39.90 ? 80  ARG A CA  1 
ATOM   173 C C   . ARG A 1 22 ? -10.138 -13.858 7.365   1.00 45.21 ? 80  ARG A C   1 
ATOM   174 O O   . ARG A 1 22 ? -9.853  -13.128 6.412   1.00 43.98 ? 80  ARG A O   1 
ATOM   175 C CB  . ARG A 1 22 ? -9.031  -16.010 8.031   1.00 41.80 ? 80  ARG A CB  1 
ATOM   176 C CG  . ARG A 1 22 ? -7.651  -15.668 7.516   1.00 41.98 ? 80  ARG A CG  1 
ATOM   177 C CD  . ARG A 1 22 ? -6.599  -16.393 8.331   1.00 53.70 ? 80  ARG A CD  1 
ATOM   178 N NE  . ARG A 1 22 ? -5.246  -16.009 7.946   1.00 57.33 ? 80  ARG A NE  1 
ATOM   179 C CZ  . ARG A 1 22 ? -4.635  -14.915 8.388   1.00 62.25 ? 80  ARG A CZ  1 
ATOM   180 N NH1 . ARG A 1 22 ? -5.259  -14.095 9.222   1.00 61.16 ? 80  ARG A NH1 1 
ATOM   181 N NH2 . ARG A 1 22 ? -3.402  -14.638 7.990   1.00 66.35 ? 80  ARG A NH2 1 
ATOM   182 N N   . LYS A 1 23 ? -10.451 -13.405 8.575   1.00 33.85 ? 81  LYS A N   1 
ATOM   183 C CA  . LYS A 1 23 ? -10.405 -11.993 8.907   1.00 29.57 ? 81  LYS A CA  1 
ATOM   184 C C   . LYS A 1 23 ? -8.959  -11.535 8.960   1.00 27.48 ? 81  LYS A C   1 
ATOM   185 O O   . LYS A 1 23 ? -8.083  -12.269 9.424   1.00 32.92 ? 81  LYS A O   1 
ATOM   186 C CB  . LYS A 1 23 ? -11.044 -11.807 10.281  1.00 29.33 ? 81  LYS A CB  1 
ATOM   187 C CG  . LYS A 1 23 ? -10.687 -10.524 10.986  1.00 39.78 ? 81  LYS A CG  1 
ATOM   188 C CD  . LYS A 1 23 ? -11.215 -10.530 12.406  1.00 53.83 ? 81  LYS A CD  1 
ATOM   189 C CE  . LYS A 1 23 ? -10.748 -9.299  13.159  1.00 61.97 ? 81  LYS A CE  1 
ATOM   190 N NZ  . LYS A 1 23 ? -11.320 -9.224  14.536  1.00 64.81 ? 81  LYS A NZ  1 
ATOM   191 N N   . VAL A 1 24 ? -8.706  -10.316 8.471   1.00 27.63 ? 82  VAL A N   1 
ATOM   192 C CA  . VAL A 1 24 ? -7.375  -9.716  8.461   1.00 31.66 ? 82  VAL A CA  1 
ATOM   193 C C   . VAL A 1 24 ? -7.453  -8.354  9.137   1.00 30.22 ? 82  VAL A C   1 
ATOM   194 O O   . VAL A 1 24 ? -8.423  -7.614  8.944   1.00 33.49 ? 82  VAL A O   1 
ATOM   195 C CB  . VAL A 1 24 ? -6.817  -9.594  7.025   1.00 37.44 ? 82  VAL A CB  1 
ATOM   196 C CG1 . VAL A 1 24 ? -6.715  -10.966 6.372   1.00 39.91 ? 82  VAL A CG1 1 
ATOM   197 C CG2 . VAL A 1 24 ? -7.694  -8.686  6.182   1.00 35.33 ? 82  VAL A CG2 1 
ATOM   198 N N   . SER A 1 25 ? -6.449  -8.033  9.948   1.00 29.04 ? 83  SER A N   1 
ATOM   199 C CA  . SER A 1 25 ? -6.401  -6.750  10.632  1.00 28.64 ? 83  SER A CA  1 
ATOM   200 C C   . SER A 1 25 ? -5.821  -5.680  9.708   1.00 27.77 ? 83  SER A C   1 
ATOM   201 O O   . SER A 1 25 ? -5.251  -5.976  8.655   1.00 26.42 ? 83  SER A O   1 
ATOM   202 C CB  . SER A 1 25 ? -5.538  -6.850  11.890  1.00 30.82 ? 83  SER A CB  1 
ATOM   203 O OG  . SER A 1 25 ? -4.194  -7.168  11.564  1.00 37.13 ? 83  SER A OG  1 
ATOM   204 N N   . LYS A 1 26 ? -5.957  -4.419  10.121  1.00 22.74 ? 84  LYS A N   1 
ATOM   205 C CA  . LYS A 1 26 ? -5.420  -3.336  9.306   1.00 20.28 ? 84  LYS A CA  1 
ATOM   206 C C   . LYS A 1 26 ? -3.905  -3.425  9.202   1.00 21.57 ? 84  LYS A C   1 
ATOM   207 O O   . LYS A 1 26 ? -3.343  -3.252  8.112   1.00 20.15 ? 84  LYS A O   1 
ATOM   208 C CB  . LYS A 1 26 ? -5.846  -1.970  9.846   1.00 23.04 ? 84  LYS A CB  1 
ATOM   209 C CG  . LYS A 1 26 ? -7.332  -1.709  9.701   1.00 26.53 ? 84  LYS A CG  1 
ATOM   210 C CD  . LYS A 1 26 ? -7.658  -0.261  10.030  1.00 33.87 ? 84  LYS A CD  1 
ATOM   211 C CE  . LYS A 1 26 ? -9.087  -0.131  10.506  1.00 44.67 ? 84  LYS A CE  1 
ATOM   212 N NZ  . LYS A 1 26 ? -9.284  -0.880  11.781  1.00 52.06 ? 84  LYS A NZ  1 
ATOM   213 N N   . VAL A 1 27 ? -3.223  -3.720  10.315  1.00 21.37 ? 85  VAL A N   1 
ATOM   214 C CA  . VAL A 1 27 ? -1.760  -3.780  10.266  1.00 23.82 ? 85  VAL A CA  1 
ATOM   215 C C   . VAL A 1 27 ? -1.305  -4.926  9.379   1.00 25.94 ? 85  VAL A C   1 
ATOM   216 O O   . VAL A 1 27 ? -0.326  -4.800  8.633   1.00 20.48 ? 85  VAL A O   1 
ATOM   217 C CB  . VAL A 1 27 ? -1.143  -3.838  11.679  1.00 30.33 ? 85  VAL A CB  1 
ATOM   218 C CG1 . VAL A 1 27 ? -1.486  -5.149  12.373  1.00 38.61 ? 85  VAL A CG1 1 
ATOM   219 C CG2 . VAL A 1 27 ? 0.369   -3.663  11.605  1.00 29.34 ? 85  VAL A CG2 1 
ATOM   220 N N   . GLU A 1 28 ? -2.027  -6.046  9.403   1.00 24.98 ? 86  GLU A N   1 
ATOM   221 C CA  . GLU A 1 28 ? -1.677  -7.150  8.520   1.00 21.23 ? 86  GLU A CA  1 
ATOM   222 C C   . GLU A 1 28 ? -1.865  -6.756  7.066   1.00 20.06 ? 86  GLU A C   1 
ATOM   223 O O   . GLU A 1 28 ? -1.019  -7.067  6.219   1.00 19.37 ? 86  GLU A O   1 
ATOM   224 C CB  . GLU A 1 28 ? -2.519  -8.378  8.871   1.00 25.24 ? 86  GLU A CB  1 
ATOM   225 C CG  . GLU A 1 28 ? -2.404  -9.495  7.861   1.00 46.87 ? 86  GLU A CG  1 
ATOM   226 C CD  . GLU A 1 28 ? -3.150  -10.737 8.298   1.00 66.36 ? 86  GLU A CD  1 
ATOM   227 O OE1 . GLU A 1 28 ? -4.253  -10.594 8.872   1.00 71.04 ? 86  GLU A OE1 1 
ATOM   228 O OE2 . GLU A 1 28 ? -2.626  -11.849 8.078   1.00 71.21 ? 86  GLU A OE2 1 
ATOM   229 N N   . ILE A 1 29 ? -2.956  -6.056  6.754   1.00 20.23 ? 87  ILE A N   1 
ATOM   230 C CA  . ILE A 1 29 ? -3.145  -5.571  5.390   1.00 20.83 ? 87  ILE A CA  1 
ATOM   231 C C   . ILE A 1 29 ? -1.973  -4.695  4.970   1.00 18.53 ? 87  ILE A C   1 
ATOM   232 O O   . ILE A 1 29 ? -1.396  -4.889  3.899   1.00 18.02 ? 87  ILE A O   1 
ATOM   233 C CB  . ILE A 1 29 ? -4.488  -4.845  5.229   1.00 19.88 ? 87  ILE A CB  1 
ATOM   234 C CG1 . ILE A 1 29 ? -5.641  -5.840  5.372   1.00 20.99 ? 87  ILE A CG1 1 
ATOM   235 C CG2 . ILE A 1 29 ? -4.557  -4.172  3.870   1.00 19.57 ? 87  ILE A CG2 1 
ATOM   236 C CD1 . ILE A 1 29 ? -6.999  -5.170  5.363   1.00 22.75 ? 87  ILE A CD1 1 
ATOM   237 N N   . LEU A 1 30 ? -1.583  -3.735  5.816   1.00 16.80 ? 88  LEU A N   1 
ATOM   238 C CA  . LEU A 1 30 ? -0.522  -2.814  5.408   1.00 16.02 ? 88  LEU A CA  1 
ATOM   239 C C   . LEU A 1 30 ? 0.808   -3.535  5.249   1.00 19.32 ? 88  LEU A C   1 
ATOM   240 O O   . LEU A 1 30 ? 1.584   -3.206  4.349   1.00 17.85 ? 88  LEU A O   1 
ATOM   241 C CB  . LEU A 1 30 ? -0.405  -1.649  6.393   1.00 16.48 ? 88  LEU A CB  1 
ATOM   242 C CG  . LEU A 1 30 ? -1.654  -0.765  6.470   1.00 16.57 ? 88  LEU A CG  1 
ATOM   243 C CD1 . LEU A 1 30 ? -1.331  0.431   7.328   1.00 19.87 ? 88  LEU A CD1 1 
ATOM   244 C CD2 . LEU A 1 30 ? -2.110  -0.329  5.083   1.00 18.66 ? 88  LEU A CD2 1 
ATOM   245 N N   . GLN A 1 31 ? 1.086   -4.535  6.093   1.00 18.27 ? 89  GLN A N   1 
ATOM   246 C CA  . GLN A 1 31 ? 2.335   -5.281  5.939   1.00 18.33 ? 89  GLN A CA  1 
ATOM   247 C C   . GLN A 1 31 ? 2.362   -6.051  4.625   1.00 19.29 ? 89  GLN A C   1 
ATOM   248 O O   . GLN A 1 31 ? 3.396   -6.107  3.943   1.00 17.66 ? 89  GLN A O   1 
ATOM   249 C CB  . GLN A 1 31 ? 2.558   -6.218  7.125   1.00 23.06 ? 89  GLN A CB  1 
ATOM   250 C CG  . GLN A 1 31 ? 3.022   -5.505  8.389   1.00 28.86 ? 89  GLN A CG  1 
ATOM   251 C CD  . GLN A 1 31 ? 2.913   -6.389  9.613   1.00 35.91 ? 89  GLN A CD  1 
ATOM   252 O OE1 . GLN A 1 31 ? 2.642   -7.586  9.500   1.00 38.91 ? 89  GLN A OE1 1 
ATOM   253 N NE2 . GLN A 1 31 ? 3.116   -5.807  10.792  1.00 31.14 ? 89  GLN A NE2 1 
ATOM   254 N N   . HIS A 1 32 ? 1.238   -6.658  4.252   1.00 17.62 ? 90  HIS A N   1 
ATOM   255 C CA  . HIS A 1 32 ? 1.143   -7.303  2.953   1.00 16.71 ? 90  HIS A CA  1 
ATOM   256 C C   . HIS A 1 32 ? 1.300   -6.303  1.816   1.00 16.03 ? 90  HIS A C   1 
ATOM   257 O O   . HIS A 1 32 ? 1.969   -6.592  0.812   1.00 18.08 ? 90  HIS A O   1 
ATOM   258 C CB  . HIS A 1 32 ? -0.203  -8.018  2.852   1.00 18.14 ? 90  HIS A CB  1 
ATOM   259 C CG  . HIS A 1 32 ? -0.215  -9.373  3.477   1.00 18.57 ? 90  HIS A CG  1 
ATOM   260 N ND1 . HIS A 1 32 ? -0.340  -9.575  4.835   1.00 22.96 ? 90  HIS A ND1 1 
ATOM   261 C CD2 . HIS A 1 32 ? -0.129  -10.604 2.918   1.00 21.47 ? 90  HIS A CD2 1 
ATOM   262 C CE1 . HIS A 1 32 ? -0.327  -10.874 5.085   1.00 23.30 ? 90  HIS A CE1 1 
ATOM   263 N NE2 . HIS A 1 32 ? -0.204  -11.518 3.938   1.00 26.98 ? 90  HIS A NE2 1 
ATOM   264 N N   . VAL A 1 33 ? 0.677   -5.137  1.940   1.00 17.35 ? 91  VAL A N   1 
ATOM   265 C CA  . VAL A 1 33 ? 0.828   -4.087  0.935   1.00 16.66 ? 91  VAL A CA  1 
ATOM   266 C C   . VAL A 1 33 ? 2.298   -3.720  0.757   1.00 17.59 ? 91  VAL A C   1 
ATOM   267 O O   . VAL A 1 33 ? 2.792   -3.612  -0.370  1.00 19.34 ? 91  VAL A O   1 
ATOM   268 C CB  . VAL A 1 33 ? -0.023  -2.866  1.331   1.00 16.31 ? 91  VAL A CB  1 
ATOM   269 C CG1 . VAL A 1 33 ? 0.328   -1.654  0.490   1.00 18.52 ? 91  VAL A CG1 1 
ATOM   270 C CG2 . VAL A 1 33 ? -1.500  -3.172  1.196   1.00 20.90 ? 91  VAL A CG2 1 
ATOM   271 N N   . ILE A 1 34 ? 3.013   -3.510  1.869   1.00 16.55 ? 92  ILE A N   1 
ATOM   272 C CA  . ILE A 1 34 ? 4.426   -3.150  1.812   1.00 19.12 ? 92  ILE A CA  1 
ATOM   273 C C   . ILE A 1 34 ? 5.208   -4.189  1.026   1.00 17.76 ? 92  ILE A C   1 
ATOM   274 O O   . ILE A 1 34 ? 6.001   -3.853  0.128   1.00 19.50 ? 92  ILE A O   1 
ATOM   275 C CB  . ILE A 1 34 ? 4.986   -2.976  3.233   1.00 19.96 ? 92  ILE A CB  1 
ATOM   276 C CG1 . ILE A 1 34 ? 4.428   -1.706  3.871   1.00 18.00 ? 92  ILE A CG1 1 
ATOM   277 C CG2 . ILE A 1 34 ? 6.534   -2.992  3.191   1.00 22.27 ? 92  ILE A CG2 1 
ATOM   278 C CD1 . ILE A 1 34 ? 4.611   -1.672  5.383   1.00 20.69 ? 92  ILE A CD1 1 
ATOM   279 N N   . ASP A 1 35 ? 5.008   -5.469  1.353   1.00 17.04 ? 93  ASP A N   1 
ATOM   280 C CA  . ASP A 1 35 ? 5.820   -6.513  0.731   1.00 18.42 ? 93  ASP A CA  1 
ATOM   281 C C   . ASP A 1 35 ? 5.462   -6.681  -0.736  1.00 20.55 ? 93  ASP A C   1 
ATOM   282 O O   . ASP A 1 35 ? 6.344   -6.965  -1.555  1.00 21.38 ? 93  ASP A O   1 
ATOM   283 C CB  . ASP A 1 35 ? 5.692   -7.816  1.517   1.00 20.53 ? 93  ASP A CB  1 
ATOM   284 C CG  . ASP A 1 35 ? 6.392   -7.762  2.870   1.00 27.97 ? 93  ASP A CG  1 
ATOM   285 O OD1 . ASP A 1 35 ? 6.096   -8.631  3.720   1.00 38.58 ? 93  ASP A OD1 1 
ATOM   286 O OD2 . ASP A 1 35 ? 7.220   -6.845  3.083   1.00 28.02 ? 93  ASP A OD2 1 
ATOM   287 N N   . TYR A 1 36 ? 4.192   -6.460  -1.088  1.00 19.95 ? 94  TYR A N   1 
ATOM   288 C CA  . TYR A 1 36 ? 3.757   -6.534  -2.479  1.00 19.73 ? 94  TYR A CA  1 
ATOM   289 C C   . TYR A 1 36 ? 4.349   -5.404  -3.321  1.00 22.07 ? 94  TYR A C   1 
ATOM   290 O O   . TYR A 1 36 ? 4.875   -5.657  -4.409  1.00 21.31 ? 94  TYR A O   1 
ATOM   291 C CB  . TYR A 1 36 ? 2.225   -6.538  -2.537  1.00 21.88 ? 94  TYR A CB  1 
ATOM   292 C CG  . TYR A 1 36 ? 1.650   -6.716  -3.926  1.00 19.68 ? 94  TYR A CG  1 
ATOM   293 C CD1 . TYR A 1 36 ? 2.026   -7.792  -4.720  1.00 22.57 ? 94  TYR A CD1 1 
ATOM   294 C CD2 . TYR A 1 36 ? 0.721   -5.814  -4.437  1.00 21.25 ? 94  TYR A CD2 1 
ATOM   295 C CE1 . TYR A 1 36 ? 1.497   -7.953  -5.977  1.00 25.63 ? 94  TYR A CE1 1 
ATOM   296 C CE2 . TYR A 1 36 ? 0.182   -5.963  -5.686  1.00 20.38 ? 94  TYR A CE2 1 
ATOM   297 C CZ  . TYR A 1 36 ? 0.575   -7.042  -6.463  1.00 22.50 ? 94  TYR A CZ  1 
ATOM   298 O OH  . TYR A 1 36 ? 0.039   -7.230  -7.723  1.00 27.69 ? 94  TYR A OH  1 
ATOM   299 N N   . ILE A 1 37 ? 4.282   -4.157  -2.839  1.00 19.78 ? 95  ILE A N   1 
ATOM   300 C CA  . ILE A 1 37 ? 4.949   -3.052  -3.524  1.00 17.44 ? 95  ILE A CA  1 
ATOM   301 C C   . ILE A 1 37 ? 6.418   -3.376  -3.728  1.00 22.80 ? 95  ILE A C   1 
ATOM   302 O O   . ILE A 1 37 ? 6.980   -3.138  -4.805  1.00 22.85 ? 95  ILE A O   1 
ATOM   303 C CB  . ILE A 1 37 ? 4.772   -1.733  -2.747  1.00 15.74 ? 95  ILE A CB  1 
ATOM   304 C CG1 . ILE A 1 37 ? 3.304   -1.306  -2.740  1.00 19.89 ? 95  ILE A CG1 1 
ATOM   305 C CG2 . ILE A 1 37 ? 5.658   -0.653  -3.349  1.00 19.40 ? 95  ILE A CG2 1 
ATOM   306 C CD1 . ILE A 1 37 ? 3.034   -0.178  -1.782  1.00 18.37 ? 95  ILE A CD1 1 
ATOM   307 N N   . ARG A 1 38 ? 7.065   -3.938  -2.704  1.00 18.22 ? 96  ARG A N   1 
ATOM   308 C CA  . ARG A 1 38 ? 8.486   -4.253  -2.852  1.00 20.63 ? 96  ARG A CA  1 
ATOM   309 C C   . ARG A 1 38 ? 8.719   -5.301  -3.923  1.00 23.11 ? 96  ARG A C   1 
ATOM   310 O O   . ARG A 1 38 ? 9.678   -5.197  -4.700  1.00 22.89 ? 96  ARG A O   1 
ATOM   311 C CB  . ARG A 1 38 ? 9.084   -4.712  -1.530  1.00 25.96 ? 96  ARG A CB  1 
ATOM   312 C CG  . ARG A 1 38 ? 9.219   -3.592  -0.531  1.00 31.25 ? 96  ARG A CG  1 
ATOM   313 C CD  . ARG A 1 38 ? 9.520   -4.157  0.825   1.00 39.82 ? 96  ARG A CD  1 
ATOM   314 N NE  . ARG A 1 38 ? 10.714  -4.991  0.779   1.00 47.74 ? 96  ARG A NE  1 
ATOM   315 C CZ  . ARG A 1 38 ? 10.944  -6.002  1.606   1.00 48.00 ? 96  ARG A CZ  1 
ATOM   316 N NH1 . ARG A 1 38 ? 10.052  -6.311  2.539   1.00 49.01 ? 96  ARG A NH1 1 
ATOM   317 N NH2 . ARG A 1 38 ? 12.065  -6.705  1.505   1.00 53.39 ? 96  ARG A NH2 1 
ATOM   318 N N   . ASP A 1 39 ? 7.877   -6.332  -3.968  1.00 23.13 ? 97  ASP A N   1 
ATOM   319 C CA  . ASP A 1 39 ? 8.048   -7.362  -4.988  1.00 22.67 ? 97  ASP A CA  1 
ATOM   320 C C   . ASP A 1 39 ? 7.821   -6.796  -6.387  1.00 24.10 ? 97  ASP A C   1 
ATOM   321 O O   . ASP A 1 39 ? 8.516   -7.175  -7.333  1.00 28.00 ? 97  ASP A O   1 
ATOM   322 C CB  . ASP A 1 39 ? 7.079   -8.514  -4.723  1.00 22.76 ? 97  ASP A CB  1 
ATOM   323 C CG  . ASP A 1 39 ? 7.443   -9.317  -3.489  1.00 28.02 ? 97  ASP A CG  1 
ATOM   324 O OD1 . ASP A 1 39 ? 8.620   -9.285  -3.076  1.00 34.47 ? 97  ASP A OD1 1 
ATOM   325 O OD2 . ASP A 1 39 ? 6.541   -9.971  -2.929  1.00 33.94 ? 97  ASP A OD2 1 
ATOM   326 N N   . LEU A 1 40 ? 6.851   -5.894  -6.540  1.00 23.53 ? 98  LEU A N   1 
ATOM   327 C CA  . LEU A 1 40 ? 6.582   -5.286  -7.843  1.00 20.67 ? 98  LEU A CA  1 
ATOM   328 C C   . LEU A 1 40 ? 7.741   -4.406  -8.282  1.00 24.07 ? 98  LEU A C   1 
ATOM   329 O O   . LEU A 1 40 ? 8.125   -4.411  -9.459  1.00 25.76 ? 98  LEU A O   1 
ATOM   330 C CB  . LEU A 1 40 ? 5.308   -4.437  -7.776  1.00 23.92 ? 98  LEU A CB  1 
ATOM   331 C CG  . LEU A 1 40 ? 3.981   -5.142  -7.497  1.00 22.69 ? 98  LEU A CG  1 
ATOM   332 C CD1 . LEU A 1 40 ? 2.863   -4.125  -7.340  1.00 23.49 ? 98  LEU A CD1 1 
ATOM   333 C CD2 . LEU A 1 40 ? 3.631   -6.143  -8.587  1.00 24.50 ? 98  LEU A CD2 1 
ATOM   334 N N   . GLN A 1 41 ? 8.304   -3.632  -7.350  1.00 23.58 ? 99  GLN A N   1 
ATOM   335 C CA  . GLN A 1 41 ? 9.466   -2.810  -7.681  1.00 22.70 ? 99  GLN A CA  1 
ATOM   336 C C   . GLN A 1 41 ? 10.663  -3.677  -8.051  1.00 25.04 ? 99  GLN A C   1 
ATOM   337 O O   . GLN A 1 41 ? 11.417  -3.343  -8.975  1.00 29.01 ? 99  GLN A O   1 
ATOM   338 C CB  . GLN A 1 41 ? 9.806   -1.893  -6.514  1.00 23.86 ? 99  GLN A CB  1 
ATOM   339 C CG  . GLN A 1 41 ? 8.744   -0.843  -6.201  1.00 23.95 ? 99  GLN A CG  1 
ATOM   340 C CD  . GLN A 1 41 ? 9.151   0.002   -5.028  1.00 26.35 ? 99  GLN A CD  1 
ATOM   341 O OE1 . GLN A 1 41 ? 9.838   -0.480  -4.128  1.00 29.52 ? 99  GLN A OE1 1 
ATOM   342 N NE2 . GLN A 1 41 ? 8.773   1.286   -5.044  1.00 23.01 ? 99  GLN A NE2 1 
ATOM   343 N N   . LEU A 1 42 ? 10.863  -4.794  -7.348  1.00 23.21 ? 100 LEU A N   1 
ATOM   344 C CA  . LEU A 1 42 ? 11.993  -5.669  -7.679  1.00 27.64 ? 100 LEU A CA  1 
ATOM   345 C C   . LEU A 1 42 ? 11.808  -6.322  -9.045  1.00 28.75 ? 100 LEU A C   1 
ATOM   346 O O   . LEU A 1 42 ? 12.780  -6.535  -9.780  1.00 27.37 ? 100 LEU A O   1 
ATOM   347 C CB  . LEU A 1 42 ? 12.176  -6.734  -6.593  1.00 38.51 ? 100 LEU A CB  1 
ATOM   348 C CG  . LEU A 1 42 ? 12.754  -6.287  -5.246  1.00 47.95 ? 100 LEU A CG  1 
ATOM   349 C CD1 . LEU A 1 42 ? 12.499  -7.342  -4.179  1.00 57.18 ? 100 LEU A CD1 1 
ATOM   350 C CD2 . LEU A 1 42 ? 14.245  -5.988  -5.354  1.00 56.31 ? 100 LEU A CD2 1 
ATOM   351 N N   . GLU A 1 43 ? 10.567  -6.640  -9.407  1.00 25.23 ? 101 GLU A N   1 
ATOM   352 C CA  . GLU A 1 43 ? 10.302  -7.197  -10.727 1.00 26.75 ? 101 GLU A CA  1 
ATOM   353 C C   . GLU A 1 43 ? 10.513  -6.147  -11.803 1.00 31.77 ? 101 GLU A C   1 
ATOM   354 O O   . GLU A 1 43 ? 10.990  -6.457  -12.902 1.00 30.59 ? 101 GLU A O   1 
ATOM   355 C CB  . GLU A 1 43 ? 8.871   -7.743  -10.779 1.00 31.73 ? 101 GLU A CB  1 
ATOM   356 C CG  . GLU A 1 43 ? 8.567   -8.535  -12.039 1.00 36.16 ? 101 GLU A CG  1 
ATOM   357 C CD  . GLU A 1 43 ? 7.117   -8.959  -12.122 1.00 36.20 ? 101 GLU A CD  1 
ATOM   358 O OE1 . GLU A 1 43 ? 6.699   -9.425  -13.202 1.00 48.95 ? 101 GLU A OE1 1 
ATOM   359 O OE2 . GLU A 1 43 ? 6.399   -8.823  -11.107 1.00 31.79 ? 101 GLU A OE2 1 
ATOM   360 N N   . LEU A 1 44 ? 10.180  -4.891  -11.492 1.00 31.39 ? 102 LEU A N   1 
ATOM   361 C CA  . LEU A 1 44 ? 10.437  -3.786  -12.406 1.00 33.95 ? 102 LEU A CA  1 
ATOM   362 C C   . LEU A 1 44 ? 11.923  -3.598  -12.651 1.00 31.43 ? 102 LEU A C   1 
ATOM   363 O O   . LEU A 1 44 ? 12.313  -3.073  -13.698 1.00 33.91 ? 102 LEU A O   1 
ATOM   364 C CB  . LEU A 1 44 ? 9.879   -2.493  -11.813 1.00 37.62 ? 102 LEU A CB  1 
ATOM   365 C CG  . LEU A 1 44 ? 8.692   -1.832  -12.512 1.00 53.75 ? 102 LEU A CG  1 
ATOM   366 C CD1 . LEU A 1 44 ? 9.040   -1.448  -13.938 1.00 60.64 ? 102 LEU A CD1 1 
ATOM   367 C CD2 . LEU A 1 44 ? 7.482   -2.732  -12.474 1.00 56.51 ? 102 LEU A CD2 1 
ATOM   368 N N   . ASN A 1 45 ? 12.766  -3.996  -11.699 1.00 34.05 ? 103 ASN A N   1 
ATOM   369 C CA  . ASN A 1 45 ? 14.203  -3.818  -11.856 1.00 47.45 ? 103 ASN A CA  1 
ATOM   370 C C   . ASN A 1 45 ? 14.835  -4.884  -12.739 1.00 40.63 ? 103 ASN A C   1 
ATOM   371 O O   . ASN A 1 45 ? 15.989  -4.719  -13.152 1.00 41.17 ? 103 ASN A O   1 
ATOM   372 C CB  . ASN A 1 45 ? 14.900  -3.776  -10.494 1.00 60.14 ? 103 ASN A CB  1 
ATOM   373 C CG  . ASN A 1 45 ? 15.889  -2.631  -10.383 1.00 66.27 ? 103 ASN A CG  1 
ATOM   374 O OD1 . ASN A 1 45 ? 15.627  -1.522  -10.852 1.00 64.26 ? 103 ASN A OD1 1 
ATOM   375 N ND2 . ASN A 1 45 ? 17.033  -2.893  -9.763  1.00 70.81 ? 103 ASN A ND2 1 
ATOM   376 N N   . SER A 1 46 ? 14.115  -5.959  -13.034 1.00 35.99 ? 104 SER A N   1 
ATOM   377 C CA  . SER A 1 46 ? 14.562  -6.945  -14.005 1.00 39.04 ? 104 SER A CA  1 
ATOM   378 C C   . SER A 1 46 ? 13.904  -6.663  -15.353 1.00 42.64 ? 104 SER A C   1 
ATOM   379 O O   . SER A 1 46 ? 13.873  -7.530  -16.232 1.00 55.66 ? 104 SER A O   1 
ATOM   380 C CB  . SER A 1 46 ? 14.216  -8.361  -13.531 1.00 38.33 ? 104 SER A CB  1 
ATOM   381 O OG  . SER A 1 46 ? 12.816  -8.537  -13.427 1.00 36.93 ? 104 SER A OG  1 
ATOM   382 N N   . LEU B 1 1  ? 8.929   -6.499  11.428  1.00 41.36 ? 59  LEU B N   1 
ATOM   383 C CA  . LEU B 1 1  ? 7.492   -6.360  11.669  1.00 39.70 ? 59  LEU B CA  1 
ATOM   384 C C   . LEU B 1 1  ? 7.187   -5.007  12.309  1.00 30.66 ? 59  LEU B C   1 
ATOM   385 O O   . LEU B 1 1  ? 7.897   -4.549  13.211  1.00 27.54 ? 59  LEU B O   1 
ATOM   386 C CB  . LEU B 1 1  ? 6.951   -7.508  12.516  1.00 52.75 ? 59  LEU B CB  1 
ATOM   387 C CG  . LEU B 1 1  ? 5.580   -8.007  12.058  1.00 57.72 ? 59  LEU B CG  1 
ATOM   388 C CD1 . LEU B 1 1  ? 5.601   -8.245  10.557  1.00 61.80 ? 59  LEU B CD1 1 
ATOM   389 C CD2 . LEU B 1 1  ? 5.183   -9.280  12.789  1.00 60.64 ? 59  LEU B CD2 1 
ATOM   390 N N   . TYR B 1 2  ? 6.125   -4.374  11.828  1.00 23.96 ? 60  TYR B N   1 
ATOM   391 C CA  . TYR B 1 2  ? 5.910   -2.948  12.018  1.00 20.95 ? 60  TYR B CA  1 
ATOM   392 C C   . TYR B 1 2  ? 4.598   -2.701  12.736  1.00 24.65 ? 60  TYR B C   1 
ATOM   393 O O   . TYR B 1 2  ? 3.608   -3.399  12.484  1.00 24.64 ? 60  TYR B O   1 
ATOM   394 C CB  . TYR B 1 2  ? 5.842   -2.245  10.666  1.00 21.01 ? 60  TYR B CB  1 
ATOM   395 C CG  . TYR B 1 2  ? 7.129   -2.312  9.879   1.00 21.32 ? 60  TYR B CG  1 
ATOM   396 C CD1 . TYR B 1 2  ? 7.420   -3.407  9.076   1.00 23.40 ? 60  TYR B CD1 1 
ATOM   397 C CD2 . TYR B 1 2  ? 8.063   -1.288  9.952   1.00 21.30 ? 60  TYR B CD2 1 
ATOM   398 C CE1 . TYR B 1 2  ? 8.598   -3.477  8.373   1.00 26.30 ? 60  TYR B CE1 1 
ATOM   399 C CE2 . TYR B 1 2  ? 9.252   -1.351  9.246   1.00 20.22 ? 60  TYR B CE2 1 
ATOM   400 C CZ  . TYR B 1 2  ? 9.509   -2.447  8.462   1.00 22.71 ? 60  TYR B CZ  1 
ATOM   401 O OH  . TYR B 1 2  ? 10.678  -2.541  7.742   1.00 26.83 ? 60  TYR B OH  1 
ATOM   402 N N   . ASP B 1 3  ? 4.595   -1.699  13.618  1.00 21.45 ? 61  ASP B N   1 
ATOM   403 C CA  . ASP B 1 3  ? 3.340   -1.185  14.155  1.00 19.83 ? 61  ASP B CA  1 
ATOM   404 C C   . ASP B 1 3  ? 2.667   -0.321  13.093  1.00 19.91 ? 61  ASP B C   1 
ATOM   405 O O   . ASP B 1 3  ? 3.189   -0.126  11.993  1.00 22.19 ? 61  ASP B O   1 
ATOM   406 C CB  . ASP B 1 3  ? 3.538   -0.494  15.514  1.00 20.66 ? 61  ASP B CB  1 
ATOM   407 C CG  . ASP B 1 3  ? 4.376   0.784   15.445  1.00 24.68 ? 61  ASP B CG  1 
ATOM   408 O OD1 . ASP B 1 3  ? 4.515   1.402   14.376  1.00 24.45 ? 61  ASP B OD1 1 
ATOM   409 O OD2 . ASP B 1 3  ? 4.879   1.199   16.508  1.00 29.81 ? 61  ASP B OD2 1 
ATOM   410 N N   . MET B 1 4  ? 1.481   0.204   13.410  1.00 22.30 ? 62  MET B N   1 
ATOM   411 C CA  . MET B 1 4  ? 0.752   0.983   12.415  1.00 22.05 ? 62  MET B CA  1 
ATOM   412 C C   . MET B 1 4  ? 1.565   2.185   11.944  1.00 23.59 ? 62  MET B C   1 
ATOM   413 O O   . MET B 1 4  ? 1.657   2.452   10.742  1.00 21.80 ? 62  MET B O   1 
ATOM   414 C CB  . MET B 1 4  ? -0.594  1.432   12.984  1.00 25.67 ? 62  MET B CB  1 
ATOM   415 C CG  . MET B 1 4  ? -1.486  2.144   11.983  1.00 42.76 ? 62  MET B CG  1 
ATOM   416 S SD  . MET B 1 4  ? -2.398  1.008   10.918  1.00 59.25 ? 62  MET B SD  1 
ATOM   417 C CE  . MET B 1 4  ? -3.320  0.078   12.139  1.00 65.68 ? 62  MET B CE  1 
ATOM   418 N N   . ASN B 1 5  ? 2.164   2.935   12.876  1.00 25.42 ? 63  ASN B N   1 
ATOM   419 C CA  . ASN B 1 5  ? 2.967   4.076   12.446  1.00 20.07 ? 63  ASN B CA  1 
ATOM   420 C C   . ASN B 1 5  ? 4.155   3.633   11.598  1.00 22.42 ? 63  ASN B C   1 
ATOM   421 O O   . ASN B 1 5  ? 4.540   4.324   10.646  1.00 20.22 ? 63  ASN B O   1 
ATOM   422 C CB  . ASN B 1 5  ? 3.442   4.906   13.642  1.00 26.73 ? 63  ASN B CB  1 
ATOM   423 C CG  . ASN B 1 5  ? 4.005   6.255   13.220  1.00 39.96 ? 63  ASN B CG  1 
ATOM   424 O OD1 . ASN B 1 5  ? 3.505   6.883   12.282  1.00 37.13 ? 63  ASN B OD1 1 
ATOM   425 N ND2 . ASN B 1 5  ? 5.051   6.700   13.903  1.00 43.24 ? 63  ASN B ND2 1 
ATOM   426 N N   . GLY B 1 6  ? 4.766   2.497   11.945  1.00 22.41 ? 64  GLY B N   1 
ATOM   427 C CA  . GLY B 1 6  ? 5.873   1.996   11.143  1.00 20.94 ? 64  GLY B CA  1 
ATOM   428 C C   . GLY B 1 6  ? 5.453   1.622   9.734   1.00 17.54 ? 64  GLY B C   1 
ATOM   429 O O   . GLY B 1 6  ? 6.193   1.845   8.773   1.00 18.04 ? 64  GLY B O   1 
ATOM   430 N N   . CYS B 1 7  ? 4.249   1.064   9.594   1.00 18.47 ? 65  CYS B N   1 
ATOM   431 C CA  . CYS B 1 7  ? 3.702   0.771   8.272   1.00 18.85 ? 65  CYS B CA  1 
ATOM   432 C C   . CYS B 1 7  ? 3.564   2.036   7.442   1.00 16.84 ? 65  CYS B C   1 
ATOM   433 O O   . CYS B 1 7  ? 3.939   2.061   6.266   1.00 17.07 ? 65  CYS B O   1 
ATOM   434 C CB  . CYS B 1 7  ? 2.343   0.078   8.406   1.00 19.04 ? 65  CYS B CB  1 
ATOM   435 S SG  . CYS B 1 7  ? 2.436   -1.653  8.960   1.00 22.00 ? 65  CYS B SG  1 
ATOM   436 N N   . TYR B 1 8  ? 3.015   3.097   8.025   1.00 18.01 ? 66  TYR B N   1 
ATOM   437 C CA  . TYR B 1 8  ? 2.913   4.343   7.273   1.00 20.73 ? 66  TYR B CA  1 
ATOM   438 C C   . TYR B 1 8  ? 4.288   4.915   6.923   1.00 20.62 ? 66  TYR B C   1 
ATOM   439 O O   . TYR B 1 8  ? 4.488   5.387   5.800   1.00 20.93 ? 66  TYR B O   1 
ATOM   440 C CB  . TYR B 1 8  ? 2.009   5.347   8.004   1.00 18.78 ? 66  TYR B CB  1 
ATOM   441 C CG  . TYR B 1 8  ? 0.548   5.033   7.777   1.00 18.70 ? 66  TYR B CG  1 
ATOM   442 C CD1 . TYR B 1 8  ? -0.064  5.339   6.567   1.00 22.39 ? 66  TYR B CD1 1 
ATOM   443 C CD2 . TYR B 1 8  ? -0.216  4.392   8.752   1.00 19.04 ? 66  TYR B CD2 1 
ATOM   444 C CE1 . TYR B 1 8  ? -1.390  5.033   6.335   1.00 22.52 ? 66  TYR B CE1 1 
ATOM   445 C CE2 . TYR B 1 8  ? -1.557  4.081   8.524   1.00 23.44 ? 66  TYR B CE2 1 
ATOM   446 C CZ  . TYR B 1 8  ? -2.130  4.406   7.310   1.00 21.87 ? 66  TYR B CZ  1 
ATOM   447 O OH  . TYR B 1 8  ? -3.452  4.116   7.052   1.00 23.46 ? 66  TYR B OH  1 
ATOM   448 N N   . SER B 1 9  ? 5.244   4.863   7.857   1.00 20.97 ? 67  SER B N   1 
ATOM   449 C CA  . SER B 1 9  ? 6.607   5.310   7.553   1.00 21.45 ? 67  SER B CA  1 
ATOM   450 C C   . SER B 1 9  ? 7.192   4.510   6.400   1.00 19.82 ? 67  SER B C   1 
ATOM   451 O O   . SER B 1 9  ? 7.842   5.072   5.508   1.00 24.30 ? 67  SER B O   1 
ATOM   452 C CB  . SER B 1 9  ? 7.511   5.156   8.776   1.00 22.68 ? 67  SER B CB  1 
ATOM   453 O OG  . SER B 1 9  ? 7.069   5.921   9.877   1.00 26.52 ? 67  SER B OG  1 
ATOM   454 N N   . ARG B 1 10 ? 6.976   3.191   6.411   1.00 21.03 ? 68  ARG B N   1 
ATOM   455 C CA  . ARG B 1 10 ? 7.514   2.323   5.370   1.00 19.64 ? 68  ARG B CA  1 
ATOM   456 C C   . ARG B 1 10 ? 6.902   2.650   4.008   1.00 21.14 ? 68  ARG B C   1 
ATOM   457 O O   . ARG B 1 10 ? 7.608   2.686   2.989   1.00 23.87 ? 68  ARG B O   1 
ATOM   458 C CB  . ARG B 1 10 ? 7.262   0.873   5.783   1.00 21.29 ? 68  ARG B CB  1 
ATOM   459 C CG  . ARG B 1 10 ? 7.990   -0.169  4.996   1.00 24.42 ? 68  ARG B CG  1 
ATOM   460 C CD  . ARG B 1 10 ? 9.492   -0.181  5.279   1.00 23.12 ? 68  ARG B CD  1 
ATOM   461 N NE  . ARG B 1 10 ? 10.132  -1.182  4.431   1.00 27.72 ? 68  ARG B NE  1 
ATOM   462 C CZ  . ARG B 1 10 ? 10.682  -0.914  3.251   1.00 25.10 ? 68  ARG B CZ  1 
ATOM   463 N NH1 . ARG B 1 10 ? 10.691  0.331   2.798   1.00 29.62 ? 68  ARG B NH1 1 
ATOM   464 N NH2 . ARG B 1 10 ? 11.240  -1.880  2.529   1.00 28.61 ? 68  ARG B NH2 1 
ATOM   465 N N   . LEU B 1 11 ? 5.593   2.909   3.981   1.00 20.90 ? 69  LEU B N   1 
ATOM   466 C CA  . LEU B 1 11 ? 4.911   3.245   2.733   1.00 20.20 ? 69  LEU B CA  1 
ATOM   467 C C   . LEU B 1 11 ? 5.398   4.579   2.187   1.00 24.49 ? 69  LEU B C   1 
ATOM   468 O O   . LEU B 1 11 ? 5.566   4.740   0.972   1.00 23.54 ? 69  LEU B O   1 
ATOM   469 C CB  . LEU B 1 11 ? 3.394   3.263   2.967   1.00 18.26 ? 69  LEU B CB  1 
ATOM   470 C CG  . LEU B 1 11 ? 2.780   1.879   3.189   1.00 16.52 ? 69  LEU B CG  1 
ATOM   471 C CD1 . LEU B 1 11 ? 1.366   1.905   3.788   1.00 19.09 ? 69  LEU B CD1 1 
ATOM   472 C CD2 . LEU B 1 11 ? 2.769   1.078   1.880   1.00 22.65 ? 69  LEU B CD2 1 
ATOM   473 N N   . LYS B 1 12 ? 5.651   5.549   3.075   1.00 24.49 ? 70  LYS B N   1 
ATOM   474 C CA  . LYS B 1 12 ? 6.214   6.826   2.645   1.00 25.23 ? 70  LYS B CA  1 
ATOM   475 C C   . LYS B 1 12 ? 7.581   6.662   1.995   1.00 28.55 ? 70  LYS B C   1 
ATOM   476 O O   . LYS B 1 12 ? 7.917   7.394   1.057   1.00 38.81 ? 70  LYS B O   1 
ATOM   477 C CB  . LYS B 1 12 ? 6.310   7.781   3.836   1.00 26.36 ? 70  LYS B CB  1 
ATOM   478 C CG  . LYS B 1 12 ? 4.987   8.400   4.230   1.00 26.31 ? 70  LYS B CG  1 
ATOM   479 C CD  . LYS B 1 12 ? 5.156   9.344   5.415   1.00 30.83 ? 70  LYS B CD  1 
ATOM   480 C CE  . LYS B 1 12 ? 4.550   8.764   6.687   1.00 39.78 ? 70  LYS B CE  1 
ATOM   481 N NZ  . LYS B 1 12 ? 4.867   9.578   7.902   1.00 48.50 ? 70  LYS B NZ  1 
ATOM   482 N N   . GLU B 1 13 ? 8.392   5.730   2.486   1.00 27.53 ? 71  GLU B N   1 
ATOM   483 C CA  . GLU B 1 13 ? 9.704   5.492   1.902   1.00 29.05 ? 71  GLU B CA  1 
ATOM   484 C C   . GLU B 1 13 ? 9.622   4.746   0.574   1.00 26.46 ? 71  GLU B C   1 
ATOM   485 O O   . GLU B 1 13 ? 10.529  4.870   -0.254  1.00 30.45 ? 71  GLU B O   1 
ATOM   486 C CB  . GLU B 1 13 ? 10.563  4.694   2.878   1.00 29.32 ? 71  GLU B CB  1 
ATOM   487 C CG  . GLU B 1 13 ? 12.024  4.602   2.490   1.00 41.79 ? 71  GLU B CG  1 
ATOM   488 C CD  . GLU B 1 13 ? 12.666  3.328   3.001   1.00 44.36 ? 71  GLU B CD  1 
ATOM   489 O OE1 . GLU B 1 13 ? 13.205  2.564   2.172   1.00 57.95 ? 71  GLU B OE1 1 
ATOM   490 O OE2 . GLU B 1 13 ? 12.641  3.086   4.226   1.00 36.56 ? 71  GLU B OE2 1 
ATOM   491 N N   . LEU B 1 14 ? 8.551   3.987   0.348   1.00 24.48 ? 72  LEU B N   1 
ATOM   492 C CA  . LEU B 1 14 ? 8.442   3.118   -0.817  1.00 24.85 ? 72  LEU B CA  1 
ATOM   493 C C   . LEU B 1 14 ? 7.835   3.806   -2.032  1.00 28.31 ? 72  LEU B C   1 
ATOM   494 O O   . LEU B 1 14 ? 8.204   3.486   -3.165  1.00 27.96 ? 72  LEU B O   1 
ATOM   495 C CB  . LEU B 1 14 ? 7.550   1.920   -0.492  1.00 26.60 ? 72  LEU B CB  1 
ATOM   496 C CG  . LEU B 1 14 ? 8.156   0.706   0.194   1.00 27.49 ? 72  LEU B CG  1 
ATOM   497 C CD1 . LEU B 1 14 ? 7.059   -0.267  0.579   1.00 29.82 ? 72  LEU B CD1 1 
ATOM   498 C CD2 . LEU B 1 14 ? 9.184   0.037   -0.739  1.00 26.31 ? 72  LEU B CD2 1 
ATOM   499 N N   . VAL B 1 15 ? 6.882   4.706   -1.826  1.00 23.53 ? 73  VAL B N   1 
ATOM   500 C CA  . VAL B 1 15 ? 6.006   5.185   -2.893  1.00 23.92 ? 73  VAL B CA  1 
ATOM   501 C C   . VAL B 1 15 ? 6.560   6.512   -3.406  1.00 27.86 ? 73  VAL B C   1 
ATOM   502 O O   . VAL B 1 15 ? 6.461   7.530   -2.697  1.00 25.17 ? 73  VAL B O   1 
ATOM   503 C CB  . VAL B 1 15 ? 4.563   5.323   -2.394  1.00 25.28 ? 73  VAL B CB  1 
ATOM   504 C CG1 . VAL B 1 15 ? 3.680   5.946   -3.463  1.00 27.76 ? 73  VAL B CG1 1 
ATOM   505 C CG2 . VAL B 1 15 ? 4.035   3.952   -1.982  1.00 24.80 ? 73  VAL B CG2 1 
ATOM   506 N N   . PRO B 1 16 ? 7.115   6.567   -4.621  1.00 21.82 ? 74  PRO B N   1 
ATOM   507 C CA  . PRO B 1 16 ? 7.822   7.779   -5.066  1.00 24.65 ? 74  PRO B CA  1 
ATOM   508 C C   . PRO B 1 16 ? 6.902   8.933   -5.423  1.00 22.98 ? 74  PRO B C   1 
ATOM   509 O O   . PRO B 1 16 ? 7.394   10.053  -5.632  1.00 31.41 ? 74  PRO B O   1 
ATOM   510 C CB  . PRO B 1 16 ? 8.603   7.293   -6.291  1.00 30.17 ? 74  PRO B CB  1 
ATOM   511 C CG  . PRO B 1 16 ? 7.789   6.144   -6.827  1.00 29.10 ? 74  PRO B CG  1 
ATOM   512 C CD  . PRO B 1 16 ? 7.017   5.542   -5.680  1.00 25.89 ? 74  PRO B CD  1 
ATOM   513 N N   . THR B 1 17 ? 5.592   8.702   -5.517  1.00 27.65 ? 75  THR B N   1 
ATOM   514 C CA  . THR B 1 17 ? 4.660   9.743   -5.924  1.00 29.00 ? 75  THR B CA  1 
ATOM   515 C C   . THR B 1 17 ? 4.171   10.608  -4.770  1.00 33.30 ? 75  THR B C   1 
ATOM   516 O O   . THR B 1 17 ? 3.466   11.592  -5.014  1.00 39.19 ? 75  THR B O   1 
ATOM   517 C CB  . THR B 1 17 ? 3.455   9.120   -6.621  1.00 35.10 ? 75  THR B CB  1 
ATOM   518 O OG1 . THR B 1 17 ? 2.786   8.250   -5.698  1.00 32.11 ? 75  THR B OG1 1 
ATOM   519 C CG2 . THR B 1 17 ? 3.901   8.324   -7.829  1.00 38.28 ? 75  THR B CG2 1 
ATOM   520 N N   . LEU B 1 18 ? 4.519   10.271  -3.532  1.00 32.15 ? 76  LEU B N   1 
ATOM   521 C CA  . LEU B 1 18 ? 4.082   11.028  -2.373  1.00 23.93 ? 76  LEU B CA  1 
ATOM   522 C C   . LEU B 1 18 ? 4.854   12.341  -2.257  1.00 27.88 ? 76  LEU B C   1 
ATOM   523 O O   . LEU B 1 18 ? 5.998   12.438  -2.714  1.00 33.13 ? 76  LEU B O   1 
ATOM   524 C CB  . LEU B 1 18 ? 4.325   10.216  -1.113  1.00 24.96 ? 76  LEU B CB  1 
ATOM   525 C CG  . LEU B 1 18 ? 3.278   9.153   -0.819  1.00 26.02 ? 76  LEU B CG  1 
ATOM   526 C CD1 . LEU B 1 18 ? 3.846   8.234   0.232   1.00 26.51 ? 76  LEU B CD1 1 
ATOM   527 C CD2 . LEU B 1 18 ? 1.995   9.817   -0.340  1.00 31.00 ? 76  LEU B CD2 1 
ATOM   528 N N   . PRO B 1 19 ? 4.251   13.355  -1.637  1.00 27.79 ? 77  PRO B N   1 
ATOM   529 C CA  . PRO B 1 19 ? 4.936   14.644  -1.490  1.00 35.08 ? 77  PRO B CA  1 
ATOM   530 C C   . PRO B 1 19 ? 6.231   14.491  -0.718  1.00 45.22 ? 77  PRO B C   1 
ATOM   531 O O   . PRO B 1 19 ? 6.309   13.753  0.267   1.00 46.82 ? 77  PRO B O   1 
ATOM   532 C CB  . PRO B 1 19 ? 3.931   15.493  -0.704  1.00 39.69 ? 77  PRO B CB  1 
ATOM   533 C CG  . PRO B 1 19 ? 2.616   14.885  -1.021  1.00 42.00 ? 77  PRO B CG  1 
ATOM   534 C CD  . PRO B 1 19 ? 2.864   13.413  -1.153  1.00 37.05 ? 77  PRO B CD  1 
ATOM   535 N N   . GLN B 1 20 ? 7.252   15.205  -1.186  1.00 43.09 ? 78  GLN B N   1 
ATOM   536 C CA  . GLN B 1 20 ? 8.562   15.185  -0.555  1.00 55.67 ? 78  GLN B CA  1 
ATOM   537 C C   . GLN B 1 20 ? 8.568   16.016  0.719   1.00 55.93 ? 78  GLN B C   1 
ATOM   538 O O   . GLN B 1 20 ? 9.171   15.620  1.724   1.00 49.68 ? 78  GLN B O   1 
ATOM   539 C CB  . GLN B 1 20 ? 9.591   15.743  -1.537  1.00 71.44 ? 78  GLN B CB  1 
ATOM   540 C CG  . GLN B 1 20 ? 11.031  15.546  -1.124  1.00 82.14 ? 78  GLN B CG  1 
ATOM   541 C CD  . GLN B 1 20 ? 11.835  14.817  -2.180  1.00 87.04 ? 78  GLN B CD  1 
ATOM   542 O OE1 . GLN B 1 20 ? 11.682  15.064  -3.380  1.00 90.67 ? 78  GLN B OE1 1 
ATOM   543 N NE2 . GLN B 1 20 ? 12.689  13.906  -1.744  1.00 86.04 ? 78  GLN B NE2 1 
ATOM   544 N N   . ASN B 1 21 ? 7.890   17.159  0.691   1.00 51.12 ? 79  ASN B N   1 
ATOM   545 C CA  . ASN B 1 21 ? 7.926   18.125  1.775   1.00 60.00 ? 79  ASN B CA  1 
ATOM   546 C C   . ASN B 1 21 ? 6.601   18.270  2.506   1.00 63.26 ? 79  ASN B C   1 
ATOM   547 O O   . ASN B 1 21 ? 6.604   18.582  3.695   1.00 70.46 ? 79  ASN B O   1 
ATOM   548 C CB  . ASN B 1 21 ? 8.354   19.497  1.233   1.00 62.83 ? 79  ASN B CB  1 
ATOM   549 C CG  . ASN B 1 21 ? 9.484   19.396  0.219   1.00 59.35 ? 79  ASN B CG  1 
ATOM   550 O OD1 . ASN B 1 21 ? 10.595  18.995  0.558   1.00 57.60 ? 79  ASN B OD1 1 
ATOM   551 N ND2 . ASN B 1 21 ? 9.207   19.768  -1.029  1.00 48.99 ? 79  ASN B ND2 1 
ATOM   552 N N   . ARG B 1 22 ? 5.478   18.029  1.836   1.00 60.35 ? 80  ARG B N   1 
ATOM   553 C CA  . ARG B 1 22 ? 4.168   18.316  2.403   1.00 61.53 ? 80  ARG B CA  1 
ATOM   554 C C   . ARG B 1 22 ? 3.703   17.202  3.331   1.00 69.46 ? 80  ARG B C   1 
ATOM   555 O O   . ARG B 1 22 ? 3.930   16.016  3.068   1.00 64.85 ? 80  ARG B O   1 
ATOM   556 C CB  . ARG B 1 22 ? 3.145   18.500  1.286   1.00 52.42 ? 80  ARG B CB  1 
ATOM   557 C CG  . ARG B 1 22 ? 1.736   18.712  1.791   1.00 51.62 ? 80  ARG B CG  1 
ATOM   558 C CD  . ARG B 1 22 ? 0.809   19.133  0.682   1.00 59.66 ? 80  ARG B CD  1 
ATOM   559 N NE  . ARG B 1 22 ? 0.636   18.094  -0.326  1.00 64.80 ? 80  ARG B NE  1 
ATOM   560 C CZ  . ARG B 1 22 ? -0.194  17.066  -0.197  1.00 63.11 ? 80  ARG B CZ  1 
ATOM   561 N NH1 . ARG B 1 22 ? -0.920  16.931  0.904   1.00 60.49 ? 80  ARG B NH1 1 
ATOM   562 N NH2 . ARG B 1 22 ? -0.297  16.171  -1.169  1.00 68.08 ? 80  ARG B NH2 1 
ATOM   563 N N   . LYS B 1 23 ? 3.044   17.593  4.423   1.00 73.67 ? 81  LYS B N   1 
ATOM   564 C CA  . LYS B 1 23 ? 2.465   16.611  5.327   1.00 69.63 ? 81  LYS B CA  1 
ATOM   565 C C   . LYS B 1 23 ? 1.342   15.856  4.643   1.00 60.91 ? 81  LYS B C   1 
ATOM   566 O O   . LYS B 1 23 ? 0.549   16.429  3.890   1.00 55.97 ? 81  LYS B O   1 
ATOM   567 C CB  . LYS B 1 23 ? 1.926   17.293  6.584   1.00 76.01 ? 81  LYS B CB  1 
ATOM   568 C CG  . LYS B 1 23 ? 2.999   17.889  7.465   1.00 82.92 ? 81  LYS B CG  1 
ATOM   569 C CD  . LYS B 1 23 ? 3.970   16.812  7.912   1.00 85.44 ? 81  LYS B CD  1 
ATOM   570 C CE  . LYS B 1 23 ? 5.132   17.422  8.675   1.00 93.66 ? 81  LYS B CE  1 
ATOM   571 N NZ  . LYS B 1 23 ? 6.097   16.402  9.172   1.00 97.28 ? 81  LYS B NZ  1 
ATOM   572 N N   . VAL B 1 24 ? 1.296   14.556  4.911   1.00 51.07 ? 82  VAL B N   1 
ATOM   573 C CA  . VAL B 1 24 ? 0.406   13.622  4.246   1.00 45.23 ? 82  VAL B CA  1 
ATOM   574 C C   . VAL B 1 24 ? -0.464  12.952  5.293   1.00 34.28 ? 82  VAL B C   1 
ATOM   575 O O   . VAL B 1 24 ? 0.058   12.407  6.266   1.00 36.78 ? 82  VAL B O   1 
ATOM   576 C CB  . VAL B 1 24 ? 1.230   12.604  3.433   1.00 46.72 ? 82  VAL B CB  1 
ATOM   577 C CG1 . VAL B 1 24 ? 2.045   13.336  2.384   1.00 51.06 ? 82  VAL B CG1 1 
ATOM   578 C CG2 . VAL B 1 24 ? 2.201   11.827  4.342   1.00 52.37 ? 82  VAL B CG2 1 
ATOM   579 N N   . SER B 1 25 ? -1.781  13.014  5.112   1.00 33.11 ? 83  SER B N   1 
ATOM   580 C CA  . SER B 1 25 ? -2.637  12.272  6.016   1.00 25.71 ? 83  SER B CA  1 
ATOM   581 C C   . SER B 1 25 ? -2.564  10.785  5.677   1.00 24.11 ? 83  SER B C   1 
ATOM   582 O O   . SER B 1 25 ? -2.105  10.376  4.603   1.00 24.15 ? 83  SER B O   1 
ATOM   583 C CB  . SER B 1 25 ? -4.078  12.747  5.907   1.00 28.64 ? 83  SER B CB  1 
ATOM   584 O OG  . SER B 1 25 ? -4.644  12.380  4.650   1.00 31.62 ? 83  SER B OG  1 
ATOM   585 N N   . LYS B 1 26 ? -3.016  9.967   6.628   1.00 24.32 ? 84  LYS B N   1 
ATOM   586 C CA  . LYS B 1 26 ? -3.098  8.539   6.364   1.00 22.41 ? 84  LYS B CA  1 
ATOM   587 C C   . LYS B 1 26 ? -3.913  8.263   5.114   1.00 22.80 ? 84  LYS B C   1 
ATOM   588 O O   . LYS B 1 26 ? -3.517  7.432   4.288   1.00 18.74 ? 84  LYS B O   1 
ATOM   589 C CB  . LYS B 1 26 ? -3.703  7.806   7.572   1.00 21.36 ? 84  LYS B CB  1 
ATOM   590 C CG  . LYS B 1 26 ? -2.770  7.710   8.765   1.00 23.16 ? 84  LYS B CG  1 
ATOM   591 C CD  . LYS B 1 26 ? -3.500  7.161   9.983   1.00 31.23 ? 84  LYS B CD  1 
ATOM   592 C CE  . LYS B 1 26 ? -2.524  6.897   11.116  1.00 45.90 ? 84  LYS B CE  1 
ATOM   593 N NZ  . LYS B 1 26 ? -1.594  8.044   11.324  1.00 56.44 ? 84  LYS B NZ  1 
ATOM   594 N N   . VAL B 1 27 ? -5.048  8.942   4.947   1.00 22.28 ? 85  VAL B N   1 
ATOM   595 C CA  . VAL B 1 27 ? -5.911  8.633   3.808   1.00 23.01 ? 85  VAL B CA  1 
ATOM   596 C C   . VAL B 1 27 ? -5.236  9.036   2.503   1.00 26.15 ? 85  VAL B C   1 
ATOM   597 O O   . VAL B 1 27 ? -5.365  8.344   1.482   1.00 20.60 ? 85  VAL B O   1 
ATOM   598 C CB  . VAL B 1 27 ? -7.313  9.250   3.975   1.00 26.98 ? 85  VAL B CB  1 
ATOM   599 C CG1 . VAL B 1 27 ? -7.266  10.775  3.918   1.00 30.77 ? 85  VAL B CG1 1 
ATOM   600 C CG2 . VAL B 1 27 ? -8.264  8.698   2.929   1.00 28.77 ? 85  VAL B CG2 1 
ATOM   601 N N   . GLU B 1 28 ? -4.490  10.144  2.522   1.00 24.97 ? 86  GLU B N   1 
ATOM   602 C CA  . GLU B 1 28 ? -3.774  10.565  1.324   1.00 24.59 ? 86  GLU B CA  1 
ATOM   603 C C   . GLU B 1 28 ? -2.656  9.590   0.989   1.00 22.12 ? 86  GLU B C   1 
ATOM   604 O O   . GLU B 1 28 ? -2.444  9.265   -0.186  1.00 23.07 ? 86  GLU B O   1 
ATOM   605 C CB  . GLU B 1 28 ? -3.249  11.998  1.475   1.00 27.21 ? 86  GLU B CB  1 
ATOM   606 C CG  . GLU B 1 28 ? -2.895  12.620  0.132   1.00 35.42 ? 86  GLU B CG  1 
ATOM   607 C CD  . GLU B 1 28 ? -2.246  13.980  0.249   1.00 45.37 ? 86  GLU B CD  1 
ATOM   608 O OE1 . GLU B 1 28 ? -2.035  14.453  1.387   1.00 39.43 ? 86  GLU B OE1 1 
ATOM   609 O OE2 . GLU B 1 28 ? -1.943  14.571  -0.811  1.00 45.69 ? 86  GLU B OE2 1 
ATOM   610 N N   . ILE B 1 29 ? -1.939  9.099   2.006   1.00 22.98 ? 87  ILE B N   1 
ATOM   611 C CA  . ILE B 1 29 ? -0.949  8.047   1.768   1.00 19.36 ? 87  ILE B CA  1 
ATOM   612 C C   . ILE B 1 29 ? -1.599  6.850   1.082   1.00 16.68 ? 87  ILE B C   1 
ATOM   613 O O   . ILE B 1 29 ? -1.099  6.335   0.072   1.00 20.85 ? 87  ILE B O   1 
ATOM   614 C CB  . ILE B 1 29 ? -0.249  7.637   3.078   1.00 22.35 ? 87  ILE B CB  1 
ATOM   615 C CG1 . ILE B 1 29 ? 0.526   8.813   3.691   1.00 29.08 ? 87  ILE B CG1 1 
ATOM   616 C CG2 . ILE B 1 29 ? 0.676   6.428   2.839   1.00 24.07 ? 87  ILE B CG2 1 
ATOM   617 C CD1 . ILE B 1 29 ? 1.142   8.495   5.080   1.00 25.35 ? 87  ILE B CD1 1 
ATOM   618 N N   . LEU B 1 30 ? -2.712  6.363   1.637   1.00 19.39 ? 88  LEU B N   1 
ATOM   619 C CA  . LEU B 1 30 ? -3.314  5.146   1.085   1.00 20.21 ? 88  LEU B CA  1 
ATOM   620 C C   . LEU B 1 30 ? -3.868  5.364   -0.317  1.00 18.19 ? 88  LEU B C   1 
ATOM   621 O O   . LEU B 1 30 ? -3.855  4.431   -1.134  1.00 19.66 ? 88  LEU B O   1 
ATOM   622 C CB  . LEU B 1 30 ? -4.389  4.592   2.028   1.00 16.17 ? 88  LEU B CB  1 
ATOM   623 C CG  . LEU B 1 30 ? -3.885  4.068   3.385   1.00 18.40 ? 88  LEU B CG  1 
ATOM   624 C CD1 . LEU B 1 30 ? -4.994  3.312   4.175   1.00 18.43 ? 88  LEU B CD1 1 
ATOM   625 C CD2 . LEU B 1 30 ? -2.613  3.202   3.240   1.00 22.80 ? 88  LEU B CD2 1 
ATOM   626 N N   . GLN B 1 31 ? -4.351  6.573   -0.624  1.00 20.44 ? 89  GLN B N   1 
ATOM   627 C CA  . GLN B 1 31 ? -4.761  6.857   -1.995  1.00 24.04 ? 89  GLN B CA  1 
ATOM   628 C C   . GLN B 1 31 ? -3.572  6.793   -2.952  1.00 23.75 ? 89  GLN B C   1 
ATOM   629 O O   . GLN B 1 31 ? -3.679  6.215   -4.040  1.00 22.01 ? 89  GLN B O   1 
ATOM   630 C CB  . GLN B 1 31 ? -5.472  8.207   -2.081  1.00 25.72 ? 89  GLN B CB  1 
ATOM   631 C CG  . GLN B 1 31 ? -6.062  8.503   -3.454  1.00 39.55 ? 89  GLN B CG  1 
ATOM   632 C CD  . GLN B 1 31 ? -7.266  7.632   -3.779  1.00 48.82 ? 89  GLN B CD  1 
ATOM   633 O OE1 . GLN B 1 31 ? -8.156  7.455   -2.949  1.00 54.44 ? 89  GLN B OE1 1 
ATOM   634 N NE2 . GLN B 1 31 ? -7.299  7.082   -4.993  1.00 46.82 ? 89  GLN B NE2 1 
ATOM   635 N N   . HIS B 1 32 ? -2.426  7.367   -2.558  1.00 24.29 ? 90  HIS B N   1 
ATOM   636 C CA  . HIS B 1 32 ? -1.219  7.263   -3.379  1.00 23.51 ? 90  HIS B CA  1 
ATOM   637 C C   . HIS B 1 32 ? -0.754  5.818   -3.512  1.00 20.78 ? 90  HIS B C   1 
ATOM   638 O O   . HIS B 1 32 ? -0.317  5.394   -4.592  1.00 22.55 ? 90  HIS B O   1 
ATOM   639 C CB  . HIS B 1 32 ? -0.097  8.126   -2.795  1.00 23.87 ? 90  HIS B CB  1 
ATOM   640 C CG  . HIS B 1 32 ? -0.219  9.586   -3.108  1.00 23.32 ? 90  HIS B CG  1 
ATOM   641 N ND1 . HIS B 1 32 ? -1.173  10.394  -2.529  1.00 28.73 ? 90  HIS B ND1 1 
ATOM   642 C CD2 . HIS B 1 32 ? 0.503   10.385  -3.930  1.00 28.93 ? 90  HIS B CD2 1 
ATOM   643 C CE1 . HIS B 1 32 ? -1.042  11.626  -2.989  1.00 30.91 ? 90  HIS B CE1 1 
ATOM   644 N NE2 . HIS B 1 32 ? -0.031  11.649  -3.837  1.00 30.08 ? 90  HIS B NE2 1 
ATOM   645 N N   . VAL B 1 33 ? -0.836  5.046   -2.423  1.00 19.61 ? 91  VAL B N   1 
ATOM   646 C CA  . VAL B 1 33 ? -0.467  3.638   -2.475  1.00 20.44 ? 91  VAL B CA  1 
ATOM   647 C C   . VAL B 1 33 ? -1.328  2.898   -3.491  1.00 21.18 ? 91  VAL B C   1 
ATOM   648 O O   . VAL B 1 33 ? -0.816  2.124   -4.304  1.00 21.26 ? 91  VAL B O   1 
ATOM   649 C CB  . VAL B 1 33 ? -0.543  3.004   -1.076  1.00 19.40 ? 91  VAL B CB  1 
ATOM   650 C CG1 . VAL B 1 33 ? -0.469  1.486   -1.177  1.00 19.09 ? 91  VAL B CG1 1 
ATOM   651 C CG2 . VAL B 1 33 ? 0.553   3.567   -0.169  1.00 22.48 ? 91  VAL B CG2 1 
ATOM   652 N N   . ILE B 1 34 ? -2.648  3.123   -3.455  1.00 18.77 ? 92  ILE B N   1 
ATOM   653 C CA  . ILE B 1 34 ? -3.559  2.430   -4.369  1.00 19.30 ? 92  ILE B CA  1 
ATOM   654 C C   . ILE B 1 34 ? -3.205  2.735   -5.825  1.00 21.54 ? 92  ILE B C   1 
ATOM   655 O O   . ILE B 1 34 ? -3.094  1.826   -6.658  1.00 22.04 ? 92  ILE B O   1 
ATOM   656 C CB  . ILE B 1 34 ? -5.019  2.790   -4.038  1.00 22.67 ? 92  ILE B CB  1 
ATOM   657 C CG1 . ILE B 1 34 ? -5.431  2.141   -2.719  1.00 18.63 ? 92  ILE B CG1 1 
ATOM   658 C CG2 . ILE B 1 34 ? -5.947  2.397   -5.182  1.00 22.63 ? 92  ILE B CG2 1 
ATOM   659 C CD1 . ILE B 1 34 ? -6.642  2.802   -2.081  1.00 20.20 ? 92  ILE B CD1 1 
ATOM   660 N N   . ASP B 1 35 ? -3.003  4.018   -6.150  1.00 21.67 ? 93  ASP B N   1 
ATOM   661 C CA  . ASP B 1 35 ? -2.693  4.383   -7.530  1.00 23.32 ? 93  ASP B CA  1 
ATOM   662 C C   . ASP B 1 35 ? -1.329  3.851   -7.966  1.00 24.12 ? 93  ASP B C   1 
ATOM   663 O O   . ASP B 1 35 ? -1.148  3.476   -9.134  1.00 26.44 ? 93  ASP B O   1 
ATOM   664 C CB  . ASP B 1 35 ? -2.765  5.905   -7.689  1.00 25.79 ? 93  ASP B CB  1 
ATOM   665 C CG  . ASP B 1 35 ? -4.160  6.462   -7.423  1.00 38.26 ? 93  ASP B CG  1 
ATOM   666 O OD1 . ASP B 1 35 ? -5.161  5.759   -7.686  1.00 34.15 ? 93  ASP B OD1 1 
ATOM   667 O OD2 . ASP B 1 35 ? -4.256  7.614   -6.944  1.00 46.69 ? 93  ASP B OD2 1 
ATOM   668 N N   . TYR B 1 36 ? -0.369  3.778   -7.040  1.00 23.28 ? 94  TYR B N   1 
ATOM   669 C CA  . TYR B 1 36 ? 0.961   3.282   -7.384  1.00 22.70 ? 94  TYR B CA  1 
ATOM   670 C C   . TYR B 1 36 ? 0.947   1.783   -7.670  1.00 26.43 ? 94  TYR B C   1 
ATOM   671 O O   . TYR B 1 36 ? 1.582   1.321   -8.628  1.00 23.45 ? 94  TYR B O   1 
ATOM   672 C CB  . TYR B 1 36 ? 1.943   3.634   -6.265  1.00 22.98 ? 94  TYR B CB  1 
ATOM   673 C CG  . TYR B 1 36 ? 3.374   3.274   -6.552  1.00 22.81 ? 94  TYR B CG  1 
ATOM   674 C CD1 . TYR B 1 36 ? 4.042   3.844   -7.626  1.00 24.13 ? 94  TYR B CD1 1 
ATOM   675 C CD2 . TYR B 1 36 ? 4.071   2.406   -5.727  1.00 21.57 ? 94  TYR B CD2 1 
ATOM   676 C CE1 . TYR B 1 36 ? 5.350   3.528   -7.890  1.00 23.31 ? 94  TYR B CE1 1 
ATOM   677 C CE2 . TYR B 1 36 ? 5.392   2.087   -5.980  1.00 26.53 ? 94  TYR B CE2 1 
ATOM   678 C CZ  . TYR B 1 36 ? 6.024   2.658   -7.064  1.00 26.35 ? 94  TYR B CZ  1 
ATOM   679 O OH  . TYR B 1 36 ? 7.336   2.357   -7.328  1.00 27.29 ? 94  TYR B OH  1 
ATOM   680 N N   . ILE B 1 37 ? 0.230   1.006   -6.856  1.00 21.92 ? 95  ILE B N   1 
ATOM   681 C CA  . ILE B 1 37 ? 0.125   -0.429  -7.109  1.00 20.85 ? 95  ILE B CA  1 
ATOM   682 C C   . ILE B 1 37 ? -0.560  -0.667  -8.443  1.00 27.09 ? 95  ILE B C   1 
ATOM   683 O O   . ILE B 1 37 ? -0.136  -1.511  -9.240  1.00 25.40 ? 95  ILE B O   1 
ATOM   684 C CB  . ILE B 1 37 ? -0.634  -1.127  -5.968  1.00 19.45 ? 95  ILE B CB  1 
ATOM   685 C CG1 . ILE B 1 37 ? 0.195   -1.130  -4.688  1.00 22.34 ? 95  ILE B CG1 1 
ATOM   686 C CG2 . ILE B 1 37 ? -0.991  -2.573  -6.390  1.00 18.62 ? 95  ILE B CG2 1 
ATOM   687 C CD1 . ILE B 1 37 ? -0.561  -1.567  -3.463  1.00 21.65 ? 95  ILE B CD1 1 
ATOM   688 N N   . ARG B 1 38 ? -1.633  0.074   -8.706  1.00 22.87 ? 96  ARG B N   1 
ATOM   689 C CA  . ARG B 1 38 ? -2.333  -0.122  -9.967  1.00 29.42 ? 96  ARG B CA  1 
ATOM   690 C C   . ARG B 1 38 ? -1.453  0.248   -11.153 1.00 34.46 ? 96  ARG B C   1 
ATOM   691 O O   . ARG B 1 38 ? -1.534  -0.391  -12.207 1.00 32.84 ? 96  ARG B O   1 
ATOM   692 C CB  . ARG B 1 38 ? -3.646  0.650   -9.962  1.00 37.81 ? 96  ARG B CB  1 
ATOM   693 C CG  . ARG B 1 38 ? -4.459  0.515   -11.232 1.00 54.13 ? 96  ARG B CG  1 
ATOM   694 C CD  . ARG B 1 38 ? -5.713  1.333   -11.104 1.00 59.52 ? 96  ARG B CD  1 
ATOM   695 N NE  . ARG B 1 38 ? -5.387  2.710   -10.761 1.00 62.04 ? 96  ARG B NE  1 
ATOM   696 C CZ  . ARG B 1 38 ? -6.289  3.631   -10.457 1.00 67.52 ? 96  ARG B CZ  1 
ATOM   697 N NH1 . ARG B 1 38 ? -7.570  3.314   -10.465 1.00 69.42 ? 96  ARG B NH1 1 
ATOM   698 N NH2 . ARG B 1 38 ? -5.914  4.864   -10.152 1.00 68.40 ? 96  ARG B NH2 1 
ATOM   699 N N   . ASP B 1 39 ? -0.578  1.241   -10.980 1.00 35.92 ? 97  ASP B N   1 
ATOM   700 C CA  . ASP B 1 39 ? 0.340   1.632   -12.047 1.00 37.76 ? 97  ASP B CA  1 
ATOM   701 C C   . ASP B 1 39 ? 1.387   0.553   -12.295 1.00 28.61 ? 97  ASP B C   1 
ATOM   702 O O   . ASP B 1 39 ? 1.668   0.199   -13.447 1.00 33.41 ? 97  ASP B O   1 
ATOM   703 C CB  . ASP B 1 39 ? 1.017   2.956   -11.686 1.00 44.60 ? 97  ASP B CB  1 
ATOM   704 C CG  . ASP B 1 39 ? 0.069   4.138   -11.764 1.00 55.43 ? 97  ASP B CG  1 
ATOM   705 O OD1 . ASP B 1 39 ? -0.979  4.016   -12.431 1.00 59.88 ? 97  ASP B OD1 1 
ATOM   706 O OD2 . ASP B 1 39 ? 0.370   5.186   -11.155 1.00 52.62 ? 97  ASP B OD2 1 
ATOM   707 N N   . LEU B 1 40 ? 2.000   0.039   -11.225 1.00 24.31 ? 98  LEU B N   1 
ATOM   708 C CA  . LEU B 1 40 ? 2.984   -1.028  -11.376 1.00 24.94 ? 98  LEU B CA  1 
ATOM   709 C C   . LEU B 1 40 ? 2.364   -2.281  -11.991 1.00 26.22 ? 98  LEU B C   1 
ATOM   710 O O   . LEU B 1 40 ? 2.989   -2.941  -12.828 1.00 28.38 ? 98  LEU B O   1 
ATOM   711 C CB  . LEU B 1 40 ? 3.621   -1.352  -10.024 1.00 26.52 ? 98  LEU B CB  1 
ATOM   712 C CG  . LEU B 1 40 ? 4.446   -0.275  -9.314  1.00 25.22 ? 98  LEU B CG  1 
ATOM   713 C CD1 . LEU B 1 40 ? 4.782   -0.732  -7.905  1.00 33.99 ? 98  LEU B CD1 1 
ATOM   714 C CD2 . LEU B 1 40 ? 5.704   0.004   -10.106 1.00 39.75 ? 98  LEU B CD2 1 
ATOM   715 N N   . GLN B 1 41 ? 1.139   -2.635  -11.585 1.00 26.26 ? 99  GLN B N   1 
ATOM   716 C CA  . GLN B 1 41 ? 0.488   -3.808  -12.160 1.00 27.33 ? 99  GLN B CA  1 
ATOM   717 C C   . GLN B 1 41 ? 0.264   -3.634  -13.657 1.00 36.96 ? 99  GLN B C   1 
ATOM   718 O O   . GLN B 1 41 ? 0.457   -4.576  -14.434 1.00 39.70 ? 99  GLN B O   1 
ATOM   719 C CB  . GLN B 1 41 ? -0.835  -4.060  -11.448 1.00 29.12 ? 99  GLN B CB  1 
ATOM   720 C CG  . GLN B 1 41 ? -0.676  -4.645  -10.061 1.00 25.72 ? 99  GLN B CG  1 
ATOM   721 C CD  . GLN B 1 41 ? -1.999  -4.722  -9.343  1.00 29.97 ? 99  GLN B CD  1 
ATOM   722 O OE1 . GLN B 1 41 ? -2.929  -3.991  -9.677  1.00 32.87 ? 99  GLN B OE1 1 
ATOM   723 N NE2 . GLN B 1 41 ? -2.101  -5.617  -8.368  1.00 27.36 ? 99  GLN B NE2 1 
ATOM   724 N N   . LEU B 1 42 ? -0.134  -2.434  -14.081 1.00 38.66 ? 100 LEU B N   1 
ATOM   725 C CA  . LEU B 1 42 ? -0.374  -2.202  -15.501 1.00 45.14 ? 100 LEU B CA  1 
ATOM   726 C C   . LEU B 1 42 ? 0.927   -2.196  -16.298 1.00 49.69 ? 100 LEU B C   1 
ATOM   727 O O   . LEU B 1 42 ? 0.994   -2.779  -17.386 1.00 51.33 ? 100 LEU B O   1 
ATOM   728 C CB  . LEU B 1 42 ? -1.157  -0.902  -15.701 1.00 49.46 ? 100 LEU B CB  1 
ATOM   729 C CG  . LEU B 1 42 ? -2.591  -0.935  -15.159 1.00 54.43 ? 100 LEU B CG  1 
ATOM   730 C CD1 . LEU B 1 42 ? -3.303  0.392   -15.384 1.00 54.06 ? 100 LEU B CD1 1 
ATOM   731 C CD2 . LEU B 1 42 ? -3.379  -2.082  -15.779 1.00 58.63 ? 100 LEU B CD2 1 
ATOM   732 N N   . GLU B 1 43 ? 1.971   -1.549  -15.778 1.00 49.58 ? 101 GLU B N   1 
ATOM   733 C CA  . GLU B 1 43 ? 3.238   -1.500  -16.502 1.00 53.91 ? 101 GLU B CA  1 
ATOM   734 C C   . GLU B 1 43 ? 3.845   -2.889  -16.651 1.00 55.76 ? 101 GLU B C   1 
ATOM   735 O O   . GLU B 1 43 ? 4.392   -3.227  -17.708 1.00 56.56 ? 101 GLU B O   1 
ATOM   736 C CB  . GLU B 1 43 ? 4.213   -0.549  -15.806 1.00 58.13 ? 101 GLU B CB  1 
ATOM   737 C CG  . GLU B 1 43 ? 5.622   -0.532  -16.395 1.00 69.62 ? 101 GLU B CG  1 
ATOM   738 C CD  . GLU B 1 43 ? 5.675   0.008   -17.816 1.00 79.67 ? 101 GLU B CD  1 
ATOM   739 O OE1 . GLU B 1 43 ? 5.340   -0.742  -18.759 1.00 84.15 ? 101 GLU B OE1 1 
ATOM   740 O OE2 . GLU B 1 43 ? 6.057   1.185   -17.992 1.00 83.18 ? 101 GLU B OE2 1 
ATOM   741 N N   . LEU B 1 44 ? 3.753   -3.710  -15.612 1.00 49.54 ? 102 LEU B N   1 
ATOM   742 C CA  . LEU B 1 44 ? 4.268   -5.068  -15.668 1.00 57.86 ? 102 LEU B CA  1 
ATOM   743 C C   . LEU B 1 44 ? 3.465   -5.910  -16.649 1.00 67.07 ? 102 LEU B C   1 
ATOM   744 O O   . LEU B 1 44 ? 3.963   -6.904  -17.174 1.00 72.79 ? 102 LEU B O   1 
ATOM   745 C CB  . LEU B 1 44 ? 4.242   -5.707  -14.281 1.00 53.08 ? 102 LEU B CB  1 
ATOM   746 C CG  . LEU B 1 44 ? 5.427   -5.347  -13.393 1.00 51.25 ? 102 LEU B CG  1 
ATOM   747 C CD1 . LEU B 1 44 ? 5.198   -5.777  -11.954 1.00 49.40 ? 102 LEU B CD1 1 
ATOM   748 C CD2 . LEU B 1 44 ? 6.706   -5.964  -13.939 1.00 51.62 ? 102 LEU B CD2 1 
HETATM 749 O O   . HOH C 2 .  ? -13.411 -3.277  -7.464  1.00 42.25 ? 201 HOH A O   1 
HETATM 750 O O   . HOH C 2 .  ? -12.602 -14.339 8.553   1.00 62.55 ? 202 HOH A O   1 
HETATM 751 O O   . HOH C 2 .  ? 17.910  -5.577  -14.192 1.00 46.84 ? 203 HOH A O   1 
HETATM 752 O O   . HOH C 2 .  ? -0.340  -11.602 8.567   1.00 44.52 ? 204 HOH A O   1 
HETATM 753 O O   . HOH C 2 .  ? 2.323   -9.294  0.038   1.00 25.76 ? 205 HOH A O   1 
HETATM 754 O O   . HOH C 2 .  ? -16.845 7.990   4.937   1.00 40.38 ? 206 HOH A O   1 
HETATM 755 O O   . HOH C 2 .  ? -15.387 9.995   -3.572  1.00 59.00 ? 207 HOH A O   1 
HETATM 756 O O   . HOH C 2 .  ? -13.894 -5.073  4.019   1.00 62.14 ? 208 HOH A O   1 
HETATM 757 O O   . HOH C 2 .  ? -0.556  -13.027 7.124   1.00 52.52 ? 209 HOH A O   1 
HETATM 758 O O   . HOH C 2 .  ? -13.109 -8.204  16.099  1.00 53.65 ? 210 HOH A O   1 
HETATM 759 O O   . HOH C 2 .  ? -6.595  -10.207 -2.815  1.00 32.21 ? 211 HOH A O   1 
HETATM 760 O O   . HOH C 2 .  ? -13.752 -2.014  8.214   1.00 40.47 ? 212 HOH A O   1 
HETATM 761 O O   . HOH C 2 .  ? 4.573   -10.409 -1.239  1.00 38.91 ? 213 HOH A O   1 
HETATM 762 O O   . HOH C 2 .  ? -13.518 -7.849  14.044  1.00 62.97 ? 214 HOH A O   1 
HETATM 763 O O   . HOH C 2 .  ? 1.556   -9.561  7.970   1.00 41.73 ? 215 HOH A O   1 
HETATM 764 O O   . HOH C 2 .  ? -15.856 2.990   1.992   1.00 24.69 ? 216 HOH A O   1 
HETATM 765 O O   . HOH C 2 .  ? 3.679   -9.250  -11.304 1.00 44.94 ? 217 HOH A O   1 
HETATM 766 O O   . HOH C 2 .  ? -4.980  3.076   9.204   1.00 33.94 ? 218 HOH A O   1 
HETATM 767 O O   . HOH C 2 .  ? -15.617 0.022   1.473   1.00 21.50 ? 219 HOH A O   1 
HETATM 768 O O   . HOH C 2 .  ? 10.035  -9.565  -7.186  1.00 25.14 ? 220 HOH A O   1 
HETATM 769 O O   . HOH C 2 .  ? 13.354  -9.277  -10.281 1.00 28.62 ? 221 HOH A O   1 
HETATM 770 O O   . HOH C 2 .  ? 4.551   -10.479 -14.751 1.00 49.69 ? 222 HOH A O   1 
HETATM 771 O O   . HOH C 2 .  ? 6.145   -9.433  -8.327  1.00 33.12 ? 223 HOH A O   1 
HETATM 772 O O   . HOH C 2 .  ? 0.844   -9.590  -9.171  1.00 37.80 ? 224 HOH A O   1 
HETATM 773 O O   . HOH C 2 .  ? -12.545 -2.439  4.283   1.00 29.11 ? 225 HOH A O   1 
HETATM 774 O O   . HOH C 2 .  ? 8.276   -5.734  5.543   1.00 41.72 ? 226 HOH A O   1 
HETATM 775 O O   . HOH C 2 .  ? -10.977 -9.116  7.046   1.00 37.97 ? 227 HOH A O   1 
HETATM 776 O O   . HOH C 2 .  ? -5.133  -18.206 5.896   1.00 44.67 ? 228 HOH A O   1 
HETATM 777 O O   . HOH C 2 .  ? -10.469 -10.669 4.913   1.00 45.59 ? 229 HOH A O   1 
HETATM 778 O O   . HOH C 2 .  ? 7.868   -7.808  5.929   1.00 38.91 ? 230 HOH A O   1 
HETATM 779 O O   . HOH C 2 .  ? -13.978 5.081   6.735   1.00 22.17 ? 231 HOH A O   1 
HETATM 780 O O   . HOH C 2 .  ? 7.917   -11.498 -0.800  1.00 51.75 ? 232 HOH A O   1 
HETATM 781 O O   . HOH C 2 .  ? 11.836  -2.072  -2.533  1.00 37.66 ? 233 HOH A O   1 
HETATM 782 O O   . HOH C 2 .  ? 13.135  -0.472  -12.214 1.00 41.16 ? 234 HOH A O   1 
HETATM 783 O O   . HOH C 2 .  ? -7.391  -1.928  -10.652 1.00 42.72 ? 235 HOH A O   1 
HETATM 784 O O   . HOH C 2 .  ? -8.554  -3.714  -8.863  1.00 37.24 ? 236 HOH A O   1 
HETATM 785 O O   . HOH C 2 .  ? -4.257  -3.585  13.206  1.00 28.82 ? 237 HOH A O   1 
HETATM 786 O O   . HOH C 2 .  ? -11.992 8.651   6.197   1.00 28.28 ? 238 HOH A O   1 
HETATM 787 O O   . HOH C 2 .  ? 12.045  0.871   -2.418  1.00 37.88 ? 239 HOH A O   1 
HETATM 788 O O   . HOH C 2 .  ? 2.600   -7.637  13.266  1.00 50.68 ? 240 HOH A O   1 
HETATM 789 O O   . HOH C 2 .  ? -12.433 -8.950  3.982   1.00 53.64 ? 241 HOH A O   1 
HETATM 790 O O   . HOH C 2 .  ? 6.111   -6.162  6.194   1.00 31.75 ? 242 HOH A O   1 
HETATM 791 O O   . HOH C 2 .  ? 3.282   -9.732  5.317   1.00 46.09 ? 243 HOH A O   1 
HETATM 792 O O   . HOH C 2 .  ? 3.630   -10.921 2.706   1.00 60.52 ? 244 HOH A O   1 
HETATM 793 O O   . HOH C 2 .  ? 7.062   -12.806 -4.968  1.00 41.89 ? 245 HOH A O   1 
HETATM 794 O O   . HOH C 2 .  ? -14.040 -4.367  6.930   1.00 46.10 ? 246 HOH A O   1 
HETATM 795 O O   . HOH C 2 .  ? 3.774   -11.438 -4.667  1.00 43.23 ? 247 HOH A O   1 
HETATM 796 O O   . HOH C 2 .  ? -8.249  -7.114  14.424  1.00 52.23 ? 248 HOH A O   1 
HETATM 797 O O   . HOH C 2 .  ? -11.973 -8.969  -7.391  1.00 43.62 ? 249 HOH A O   1 
HETATM 798 O O   . HOH C 2 .  ? -7.599  -9.018  13.592  1.00 55.09 ? 250 HOH A O   1 
HETATM 799 O O   . HOH C 2 .  ? -13.076 -8.213  -5.352  1.00 41.45 ? 251 HOH A O   1 
HETATM 800 O O   . HOH C 2 .  ? 4.869   -10.692 -7.464  1.00 42.45 ? 252 HOH A O   1 
HETATM 801 O O   . HOH C 2 .  ? 18.962  -6.264  -7.360  1.00 59.59 ? 253 HOH A O   1 
HETATM 802 O O   . HOH C 2 .  ? -14.211 12.984  -4.988  1.00 57.45 ? 254 HOH A O   1 
HETATM 803 O O   . HOH D 2 .  ? -3.307  14.951  2.720   1.00 52.64 ? 201 HOH B O   1 
HETATM 804 O O   . HOH D 2 .  ? -8.964  9.018   -1.866  1.00 43.88 ? 202 HOH B O   1 
HETATM 805 O O   . HOH D 2 .  ? 10.096  -8.316  11.676  1.00 44.28 ? 203 HOH B O   1 
HETATM 806 O O   . HOH D 2 .  ? 2.992   -8.732  -16.288 1.00 54.93 ? 204 HOH B O   1 
HETATM 807 O O   . HOH D 2 .  ? 14.225  15.376  -0.973  1.00 36.92 ? 205 HOH B O   1 
HETATM 808 O O   . HOH D 2 .  ? 12.010  3.740   -1.649  1.00 36.19 ? 206 HOH B O   1 
HETATM 809 O O   . HOH D 2 .  ? -3.125  4.299   -11.572 1.00 49.77 ? 207 HOH B O   1 
HETATM 810 O O   . HOH D 2 .  ? 10.939  12.288  -2.162  1.00 50.56 ? 208 HOH B O   1 
HETATM 811 O O   . HOH D 2 .  ? 12.305  0.956   0.581   1.00 35.25 ? 209 HOH B O   1 
HETATM 812 O O   . HOH D 2 .  ? 7.947   9.224   -0.649  1.00 41.02 ? 210 HOH B O   1 
HETATM 813 O O   . HOH D 2 .  ? 4.653   7.556   10.116  1.00 38.53 ? 211 HOH B O   1 
HETATM 814 O O   . HOH D 2 .  ? 0.704   7.077   -6.588  1.00 28.56 ? 212 HOH B O   1 
HETATM 815 O O   . HOH D 2 .  ? 5.302   3.678   17.104  1.00 31.82 ? 213 HOH B O   1 
HETATM 816 O O   . HOH D 2 .  ? -8.049  5.408   -6.883  1.00 44.10 ? 214 HOH B O   1 
HETATM 817 O O   . HOH D 2 .  ? 8.435   3.432   -9.486  1.00 34.51 ? 215 HOH B O   1 
HETATM 818 O O   . HOH D 2 .  ? -6.706  14.221  4.174   1.00 44.51 ? 216 HOH B O   1 
HETATM 819 O O   . HOH D 2 .  ? -5.098  -3.119  -11.258 1.00 53.65 ? 217 HOH B O   1 
HETATM 820 O O   . HOH D 2 .  ? 7.908   4.814   12.346  1.00 22.13 ? 218 HOH B O   1 
HETATM 821 O O   . HOH D 2 .  ? 3.681   0.445   19.011  1.00 43.67 ? 219 HOH B O   1 
HETATM 822 O O   . HOH D 2 .  ? -0.003  -0.442  15.815  1.00 38.03 ? 220 HOH B O   1 
HETATM 823 O O   . HOH D 2 .  ? 6.810   11.534  6.971   1.00 57.55 ? 221 HOH B O   1 
HETATM 824 O O   . HOH D 2 .  ? -3.735  11.037  9.307   1.00 33.22 ? 222 HOH B O   1 
HETATM 825 O O   . HOH D 2 .  ? 1.335   2.718   15.744  1.00 29.77 ? 223 HOH B O   1 
HETATM 826 O O   . HOH D 2 .  ? -6.469  10.533  7.272   1.00 31.78 ? 224 HOH B O   1 
HETATM 827 O O   . HOH D 2 .  ? 10.013  12.639  -0.514  1.00 54.00 ? 225 HOH B O   1 
HETATM 828 O O   . HOH D 2 .  ? 3.972   12.673  7.143   1.00 47.03 ? 226 HOH B O   1 
HETATM 829 O O   . HOH D 2 .  ? -1.225  9.324   -7.299  1.00 56.44 ? 227 HOH B O   1 
HETATM 830 O O   . HOH D 2 .  ? 3.515   -1.511  19.067  1.00 52.35 ? 228 HOH B O   1 
HETATM 831 O O   . HOH D 2 .  ? 2.315   1.591   19.552  1.00 51.71 ? 229 HOH B O   1 
HETATM 832 O O   . HOH D 2 .  ? -0.845  11.943  10.335  1.00 58.08 ? 230 HOH B O   1 
HETATM 833 O O   . HOH D 2 .  ? -5.547  16.232  3.542   1.00 51.40 ? 231 HOH B O   1 
HETATM 834 O O   . HOH D 2 .  ? 1.134   9.635   -10.684 1.00 50.20 ? 232 HOH B O   1 
HETATM 835 O O   . HOH D 2 .  ? 0.288   1.979   17.611  1.00 53.89 ? 233 HOH B O   1 
# 
loop_
_atom_site_anisotrop.id 
_atom_site_anisotrop.type_symbol 
_atom_site_anisotrop.pdbx_label_atom_id 
_atom_site_anisotrop.pdbx_label_alt_id 
_atom_site_anisotrop.pdbx_label_comp_id 
_atom_site_anisotrop.pdbx_label_asym_id 
_atom_site_anisotrop.pdbx_label_seq_id 
_atom_site_anisotrop.pdbx_PDB_ins_code 
_atom_site_anisotrop.U[1][1] 
_atom_site_anisotrop.U[2][2] 
_atom_site_anisotrop.U[3][3] 
_atom_site_anisotrop.U[1][2] 
_atom_site_anisotrop.U[1][3] 
_atom_site_anisotrop.U[2][3] 
_atom_site_anisotrop.pdbx_auth_seq_id 
_atom_site_anisotrop.pdbx_auth_comp_id 
_atom_site_anisotrop.pdbx_auth_asym_id 
_atom_site_anisotrop.pdbx_auth_atom_id 
1   N N   . LEU A 1  ? 0.5131 0.4814 0.4394 0.0845  -0.0602 0.0493  59  LEU A N   
2   C CA  . LEU A 1  ? 0.4859 0.4863 0.4129 0.0859  -0.0669 0.0500  59  LEU A CA  
3   C C   . LEU A 1  ? 0.3752 0.4033 0.3183 0.0809  -0.0649 0.0374  59  LEU A C   
4   O O   . LEU A 1  ? 0.3581 0.4136 0.3124 0.0880  -0.0704 0.0352  59  LEU A O   
5   C CB  . LEU A 1  ? 0.5212 0.5230 0.4305 0.0749  -0.0673 0.0558  59  LEU A CB  
6   C CG  . LEU A 1  ? 0.4922 0.5274 0.4001 0.0729  -0.0748 0.0536  59  LEU A CG  
7   C CD1 . LEU A 1  ? 0.5673 0.6197 0.4797 0.0899  -0.0859 0.0599  59  LEU A CD1 
8   C CD2 . LEU A 1  ? 0.5638 0.5962 0.4503 0.0626  -0.0740 0.0579  59  LEU A CD2 
9   N N   . TYR A 2  ? 0.3451 0.3669 0.2903 0.0690  -0.0569 0.0303  60  TYR A N   
10  C CA  . TYR A 2  ? 0.3016 0.3448 0.2605 0.0637  -0.0531 0.0212  60  TYR A CA  
11  C C   . TYR A 2  ? 0.3773 0.4142 0.3441 0.0698  -0.0484 0.0155  60  TYR A C   
12  O O   . TYR A 2  ? 0.4385 0.4507 0.3993 0.0702  -0.0459 0.0151  60  TYR A O   
13  C CB  . TYR A 2  ? 0.2699 0.3115 0.2253 0.0474  -0.0474 0.0181  60  TYR A CB  
14  C CG  . TYR A 2  ? 0.2266 0.2783 0.1747 0.0403  -0.0511 0.0195  60  TYR A CG  
15  C CD1 . TYR A 2  ? 0.2674 0.3461 0.2260 0.0363  -0.0540 0.0144  60  TYR A CD1 
16  C CD2 . TYR A 2  ? 0.2891 0.3253 0.2200 0.0368  -0.0513 0.0249  60  TYR A CD2 
17  C CE1 . TYR A 2  ? 0.2582 0.3480 0.2100 0.0294  -0.0583 0.0126  60  TYR A CE1 
18  C CE2 . TYR A 2  ? 0.2642 0.3122 0.1859 0.0307  -0.0548 0.0243  60  TYR A CE2 
19  C CZ  . TYR A 2  ? 0.2960 0.3707 0.2279 0.0272  -0.0589 0.0171  60  TYR A CZ  
20  O OH  . TYR A 2  ? 0.3378 0.4256 0.2601 0.0206  -0.0632 0.0137  60  TYR A OH  
21  N N   . ASP A 3  ? 0.2844 0.3454 0.2645 0.0738  -0.0471 0.0102  61  ASP A N   
22  C CA  . ASP A 3  ? 0.3172 0.3773 0.3018 0.0767  -0.0411 0.0034  61  ASP A CA  
23  C C   . ASP A 3  ? 0.2618 0.3200 0.2438 0.0629  -0.0349 0.0018  61  ASP A C   
24  O O   . ASP A 3  ? 0.2481 0.3050 0.2271 0.0519  -0.0346 0.0050  61  ASP A O   
25  C CB  . ASP A 3  ? 0.2839 0.3713 0.2827 0.0872  -0.0403 -0.0009 61  ASP A CB  
26  C CG  . ASP A 3  ? 0.2805 0.3989 0.2909 0.0791  -0.0388 -0.0001 61  ASP A CG  
27  O OD1 . ASP A 3  ? 0.2771 0.3940 0.2851 0.0647  -0.0359 0.0014  61  ASP A OD1 
28  O OD2 . ASP A 3  ? 0.2922 0.4368 0.3165 0.0871  -0.0402 -0.0017 61  ASP A OD2 
29  N N   . MET A 4  ? 0.2315 0.2899 0.2140 0.0645  -0.0301 -0.0033 62  MET A N   
30  C CA  . MET A 4  ? 0.2111 0.2668 0.1905 0.0540  -0.0253 -0.0032 62  MET A CA  
31  C C   . MET A 4  ? 0.1904 0.2632 0.1768 0.0446  -0.0220 0.0008  62  MET A C   
32  O O   . MET A 4  ? 0.2230 0.2875 0.2073 0.0347  -0.0202 0.0033  62  MET A O   
33  C CB  . MET A 4  ? 0.3016 0.3618 0.2795 0.0592  -0.0218 -0.0092 62  MET A CB  
34  C CG  . MET A 4  ? 0.3777 0.4374 0.3516 0.0515  -0.0180 -0.0081 62  MET A CG  
35  S SD  . MET A 4  ? 0.4611 0.4964 0.4288 0.0445  -0.0205 -0.0092 62  MET A SD  
36  C CE  . MET A 4  ? 0.1823 0.1974 0.1476 0.0498  -0.0253 -0.0127 62  MET A CE  
37  N N   . ASN A 5  ? 0.2511 0.3474 0.2480 0.0476  -0.0206 0.0007  63  ASN A N   
38  C CA  . ASN A 5  ? 0.2161 0.3272 0.2226 0.0367  -0.0170 0.0038  63  ASN A CA  
39  C C   . ASN A 5  ? 0.2007 0.3064 0.2065 0.0294  -0.0221 0.0042  63  ASN A C   
40  O O   . ASN A 5  ? 0.2002 0.3031 0.2083 0.0179  -0.0192 0.0049  63  ASN A O   
41  C CB  . ASN A 5  ? 0.1888 0.3292 0.2096 0.0398  -0.0139 0.0033  63  ASN A CB  
42  C CG  . ASN A 5  ? 0.2386 0.3918 0.2712 0.0266  -0.0078 0.0068  63  ASN A CG  
43  O OD1 . ASN A 5  ? 0.3178 0.4604 0.3468 0.0197  -0.0019 0.0109  63  ASN A OD1 
44  N ND2 . ASN A 5  ? 0.2474 0.4227 0.2953 0.0227  -0.0094 0.0052  63  ASN A ND2 
45  N N   . GLY A 6  ? 0.2300 0.3335 0.2316 0.0365  -0.0296 0.0038  64  GLY A N   
46  C CA  . GLY A 6  ? 0.2045 0.3045 0.2007 0.0304  -0.0349 0.0044  64  GLY A CA  
47  C C   . GLY A 6  ? 0.2249 0.3010 0.2090 0.0227  -0.0322 0.0052  64  GLY A C   
48  O O   . GLY A 6  ? 0.2096 0.2852 0.1914 0.0133  -0.0323 0.0034  64  GLY A O   
49  N N   . CYS A 7  ? 0.2180 0.2762 0.1954 0.0264  -0.0297 0.0064  65  CYS A N   
50  C CA  . CYS A 7  ? 0.2200 0.2593 0.1893 0.0192  -0.0264 0.0068  65  CYS A CA  
51  C C   . CYS A 7  ? 0.2129 0.2555 0.1890 0.0100  -0.0204 0.0053  65  CYS A C   
52  O O   . CYS A 7  ? 0.2209 0.2562 0.1942 0.0024  -0.0183 0.0040  65  CYS A O   
53  C CB  . CYS A 7  ? 0.2377 0.2614 0.2026 0.0242  -0.0254 0.0068  65  CYS A CB  
54  S SG  . CYS A 7  ? 0.2821 0.2893 0.2382 0.0326  -0.0307 0.0097  65  CYS A SG  
55  N N   . TYR A 8  ? 0.2224 0.2751 0.2072 0.0114  -0.0169 0.0061  66  TYR A N   
56  C CA  . TYR A 8  ? 0.2241 0.2778 0.2163 0.0036  -0.0107 0.0073  66  TYR A CA  
57  C C   . TYR A 8  ? 0.2327 0.2935 0.2325 -0.0055 -0.0105 0.0045  66  TYR A C   
58  O O   . TYR A 8  ? 0.2310 0.2824 0.2331 -0.0133 -0.0067 0.0028  66  TYR A O   
59  C CB  . TYR A 8  ? 0.2315 0.2954 0.2288 0.0074  -0.0064 0.0111  66  TYR A CB  
60  C CG  . TYR A 8  ? 0.2326 0.2878 0.2225 0.0127  -0.0059 0.0123  66  TYR A CG  
61  C CD1 . TYR A 8  ? 0.2951 0.3406 0.2854 0.0091  -0.0028 0.0150  66  TYR A CD1 
62  C CD2 . TYR A 8  ? 0.2554 0.3124 0.2394 0.0215  -0.0090 0.0091  66  TYR A CD2 
63  C CE1 . TYR A 8  ? 0.2720 0.3141 0.2571 0.0139  -0.0039 0.0152  66  TYR A CE1 
64  C CE2 . TYR A 8  ? 0.2527 0.3037 0.2307 0.0250  -0.0098 0.0076  66  TYR A CE2 
65  C CZ  . TYR A 8  ? 0.2567 0.3022 0.2353 0.0209  -0.0077 0.0109  66  TYR A CZ  
66  O OH  . TYR A 8  ? 0.3464 0.3908 0.3206 0.0245  -0.0098 0.0086  66  TYR A OH  
67  N N   . SER A 9  ? 0.2032 0.2813 0.2079 -0.0044 -0.0148 0.0025  67  SER A N   
68  C CA  . SER A 9  ? 0.2212 0.3089 0.2335 -0.0141 -0.0166 -0.0028 67  SER A CA  
69  C C   . SER A 9  ? 0.2533 0.3284 0.2536 -0.0182 -0.0193 -0.0075 67  SER A C   
70  O O   . SER A 9  ? 0.2374 0.3092 0.2419 -0.0282 -0.0166 -0.0134 67  SER A O   
71  C CB  . SER A 9  ? 0.2156 0.3283 0.2355 -0.0105 -0.0230 -0.0046 67  SER A CB  
72  O OG  . SER A 9  ? 0.2345 0.3632 0.2673 -0.0075 -0.0187 -0.0013 67  SER A OG  
73  N N   . ARG A 10 ? 0.2089 0.2762 0.1943 -0.0108 -0.0237 -0.0050 68  ARG A N   
74  C CA  . ARG A 10 ? 0.2829 0.3407 0.2545 -0.0142 -0.0252 -0.0079 68  ARG A CA  
75  C C   . ARG A 10 ? 0.2522 0.2929 0.2232 -0.0200 -0.0171 -0.0100 68  ARG A C   
76  O O   . ARG A 10 ? 0.2740 0.3115 0.2413 -0.0270 -0.0152 -0.0169 68  ARG A O   
77  C CB  . ARG A 10 ? 0.3795 0.4308 0.3364 -0.0049 -0.0301 -0.0016 68  ARG A CB  
78  C CG  . ARG A 10 ? 0.4493 0.4960 0.3890 -0.0070 -0.0325 -0.0017 68  ARG A CG  
79  C CD  . ARG A 10 ? 0.3540 0.4208 0.2899 -0.0064 -0.0414 -0.0040 68  ARG A CD  
80  N NE  . ARG A 10 ? 0.3431 0.4066 0.2585 -0.0088 -0.0428 -0.0039 68  ARG A NE  
81  C CZ  . ARG A 10 ? 0.3351 0.3982 0.2456 -0.0185 -0.0385 -0.0132 68  ARG A CZ  
82  N NH1 . ARG A 10 ? 0.4495 0.5123 0.3759 -0.0266 -0.0332 -0.0226 68  ARG A NH1 
83  N NH2 . ARG A 10 ? 0.4027 0.4650 0.2920 -0.0197 -0.0390 -0.0129 68  ARG A NH2 
84  N N   . LEU A 11 ? 0.2439 0.2755 0.2194 -0.0165 -0.0126 -0.0053 69  LEU A N   
85  C CA  . LEU A 11 ? 0.2519 0.2705 0.2299 -0.0198 -0.0057 -0.0064 69  LEU A CA  
86  C C   . LEU A 11 ? 0.2894 0.3078 0.2804 -0.0268 -0.0007 -0.0101 69  LEU A C   
87  O O   . LEU A 11 ? 0.3030 0.3112 0.2959 -0.0309 0.0043  -0.0149 69  LEU A O   
88  C CB  . LEU A 11 ? 0.2671 0.2800 0.2467 -0.0134 -0.0041 -0.0005 69  LEU A CB  
89  C CG  . LEU A 11 ? 0.2875 0.2944 0.2565 -0.0088 -0.0072 0.0015  69  LEU A CG  
90  C CD1 . LEU A 11 ? 0.2845 0.2904 0.2566 -0.0028 -0.0077 0.0044  69  LEU A CD1 
91  C CD2 . LEU A 11 ? 0.2726 0.2701 0.2350 -0.0128 -0.0038 -0.0005 69  LEU A CD2 
92  N N   . LYS A 12 ? 0.2656 0.2949 0.2673 -0.0286 -0.0012 -0.0084 70  LYS A N   
93  C CA  . LYS A 12 ? 0.2805 0.3074 0.2962 -0.0375 0.0041  -0.0117 70  LYS A CA  
94  C C   . LYS A 12 ? 0.3114 0.3389 0.3257 -0.0461 0.0023  -0.0241 70  LYS A C   
95  O O   . LYS A 12 ? 0.3822 0.3990 0.4057 -0.0535 0.0078  -0.0306 70  LYS A O   
96  C CB  . LYS A 12 ? 0.2892 0.3312 0.3174 -0.0394 0.0045  -0.0072 70  LYS A CB  
97  C CG  . LYS A 12 ? 0.3025 0.3447 0.3326 -0.0324 0.0085  0.0042  70  LYS A CG  
98  C CD  . LYS A 12 ? 0.3422 0.4028 0.3845 -0.0353 0.0105  0.0079  70  LYS A CD  
99  C CE  . LYS A 12 ? 0.4567 0.5249 0.4956 -0.0263 0.0130  0.0177  70  LYS A CE  
100 N NZ  . LYS A 12 ? 0.4290 0.5182 0.4808 -0.0299 0.0169  0.0211  70  LYS A NZ  
101 N N   . GLU A 13 ? 0.3012 0.3410 0.3043 -0.0449 -0.0055 -0.0281 71  GLU A N   
102 C CA  . GLU A 13 ? 0.2806 0.3249 0.2786 -0.0526 -0.0085 -0.0407 71  GLU A CA  
103 C C   . GLU A 13 ? 0.3068 0.3367 0.2909 -0.0520 -0.0045 -0.0454 71  GLU A C   
104 O O   . GLU A 13 ? 0.3678 0.3940 0.3519 -0.0593 -0.0019 -0.0581 71  GLU A O   
105 C CB  . GLU A 13 ? 0.2931 0.3587 0.2823 -0.0499 -0.0192 -0.0415 71  GLU A CB  
106 C CG  . GLU A 13 ? 0.4112 0.4865 0.3935 -0.0578 -0.0238 -0.0554 71  GLU A CG  
107 C CD  . GLU A 13 ? 0.4982 0.5974 0.4707 -0.0538 -0.0360 -0.0550 71  GLU A CD  
108 O OE1 . GLU A 13 ? 0.4218 0.5285 0.3943 -0.0439 -0.0406 -0.0438 71  GLU A OE1 
109 O OE2 . GLU A 13 ? 0.6977 0.8087 0.6624 -0.0598 -0.0414 -0.0667 71  GLU A OE2 
110 N N   . LEU A 14 ? 0.3141 0.3363 0.2880 -0.0438 -0.0032 -0.0367 72  LEU A N   
111 C CA  . LEU A 14 ? 0.3173 0.3306 0.2782 -0.0435 0.0011  -0.0405 72  LEU A CA  
112 C C   . LEU A 14 ? 0.3558 0.3541 0.3277 -0.0444 0.0107  -0.0436 72  LEU A C   
113 O O   . LEU A 14 ? 0.3120 0.3055 0.2782 -0.0466 0.0159  -0.0522 72  LEU A O   
114 C CB  . LEU A 14 ? 0.2794 0.2910 0.2278 -0.0362 -0.0009 -0.0299 72  LEU A CB  
115 C CG  . LEU A 14 ? 0.3511 0.3728 0.2837 -0.0330 -0.0092 -0.0255 72  LEU A CG  
116 C CD1 . LEU A 14 ? 0.3256 0.3395 0.2524 -0.0257 -0.0098 -0.0137 72  LEU A CD1 
117 C CD2 . LEU A 14 ? 0.3787 0.4050 0.2934 -0.0371 -0.0091 -0.0326 72  LEU A CD2 
118 N N   . VAL A 15 ? 0.2936 0.2857 0.2804 -0.0415 0.0134  -0.0362 73  VAL A N   
119 C CA  . VAL A 15 ? 0.3281 0.3073 0.3249 -0.0383 0.0211  -0.0352 73  VAL A CA  
120 C C   . VAL A 15 ? 0.3130 0.2822 0.3245 -0.0440 0.0264  -0.0426 73  VAL A C   
121 O O   . VAL A 15 ? 0.3120 0.2812 0.3347 -0.0467 0.0258  -0.0378 73  VAL A O   
122 C CB  . VAL A 15 ? 0.2910 0.2698 0.2937 -0.0307 0.0205  -0.0221 73  VAL A CB  
123 C CG1 . VAL A 15 ? 0.3469 0.3154 0.3614 -0.0264 0.0271  -0.0205 73  VAL A CG1 
124 C CG2 . VAL A 15 ? 0.2656 0.2505 0.2557 -0.0266 0.0160  -0.0175 73  VAL A CG2 
125 N N   . PRO A 16 ? 0.2918 0.2515 0.3048 -0.0460 0.0325  -0.0543 74  PRO A N   
126 C CA  . PRO A 16 ? 0.3456 0.2929 0.3725 -0.0527 0.0374  -0.0648 74  PRO A CA  
127 C C   . PRO A 16 ? 0.3546 0.2842 0.4009 -0.0478 0.0442  -0.0569 74  PRO A C   
128 O O   . PRO A 16 ? 0.3988 0.3134 0.4590 -0.0535 0.0492  -0.0639 74  PRO A O   
129 C CB  . PRO A 16 ? 0.3404 0.2860 0.3583 -0.0551 0.0414  -0.0823 74  PRO A CB  
130 C CG  . PRO A 16 ? 0.3323 0.2827 0.3404 -0.0465 0.0436  -0.0760 74  PRO A CG  
131 C CD  . PRO A 16 ? 0.2969 0.2585 0.2980 -0.0433 0.0359  -0.0601 74  PRO A CD  
132 N N   . THR A 17 ? 0.3177 0.2482 0.3655 -0.0377 0.0446  -0.0430 75  THR A N   
133 C CA  . THR A 17 ? 0.3711 0.2877 0.4351 -0.0307 0.0496  -0.0325 75  THR A CA  
134 C C   . THR A 17 ? 0.3421 0.2615 0.4103 -0.0307 0.0471  -0.0166 75  THR A C   
135 O O   . THR A 17 ? 0.4253 0.3337 0.5049 -0.0248 0.0510  -0.0048 75  THR A O   
136 C CB  . THR A 17 ? 0.2946 0.2154 0.3585 -0.0190 0.0504  -0.0264 75  THR A CB  
137 O OG1 . THR A 17 ? 0.3291 0.2671 0.3814 -0.0165 0.0430  -0.0174 75  THR A OG1 
138 C CG2 . THR A 17 ? 0.3882 0.3092 0.4488 -0.0185 0.0549  -0.0413 75  THR A CG2 
139 N N   . LEU A 18 ? 0.3223 0.2571 0.3814 -0.0359 0.0410  -0.0153 76  LEU A N   
140 C CA  . LEU A 18 ? 0.3416 0.2825 0.4042 -0.0357 0.0399  -0.0013 76  LEU A CA  
141 C C   . LEU A 18 ? 0.4161 0.3428 0.4955 -0.0440 0.0465  0.0000  76  LEU A C   
142 O O   . LEU A 18 ? 0.3817 0.2998 0.4674 -0.0536 0.0487  -0.0146 76  LEU A O   
143 C CB  . LEU A 18 ? 0.3041 0.2656 0.3563 -0.0390 0.0327  -0.0026 76  LEU A CB  
144 C CG  . LEU A 18 ? 0.3653 0.3380 0.4032 -0.0299 0.0269  0.0016  76  LEU A CG  
145 C CD1 . LEU A 18 ? 0.3808 0.3700 0.4092 -0.0318 0.0201  -0.0010 76  LEU A CD1 
146 C CD2 . LEU A 18 ? 0.3314 0.3055 0.3707 -0.0208 0.0276  0.0157  76  LEU A CD2 
147 N N   . PRO A 19 ? 0.3798 0.3026 0.4663 -0.0410 0.0504  0.0169  77  PRO A N   
148 C CA  . PRO A 19 ? 0.5227 0.4313 0.6263 -0.0508 0.0579  0.0206  77  PRO A CA  
149 C C   . PRO A 19 ? 0.5138 0.4372 0.6208 -0.0650 0.0554  0.0107  77  PRO A C   
150 O O   . PRO A 19 ? 0.5268 0.4743 0.6231 -0.0638 0.0488  0.0106  77  PRO A O   
151 C CB  . PRO A 19 ? 0.5449 0.4548 0.6489 -0.0434 0.0613  0.0440  77  PRO A CB  
152 C CG  . PRO A 19 ? 0.5397 0.4548 0.6313 -0.0277 0.0565  0.0495  77  PRO A CG  
153 C CD  . PRO A 19 ? 0.4711 0.4008 0.5507 -0.0281 0.0488  0.0334  77  PRO A CD  
154 N N   . GLN A 20 ? 0.5369 0.4460 0.6605 -0.0782 0.0607  0.0016  78  GLN A N   
155 C CA  . GLN A 20 ? 0.5641 0.4895 0.6947 -0.0931 0.0575  -0.0106 78  GLN A CA  
156 C C   . GLN A 20 ? 0.6341 0.5596 0.7839 -0.1045 0.0649  0.0002  78  GLN A C   
157 O O   . GLN A 20 ? 0.7669 0.7089 0.9272 -0.1183 0.0626  -0.0098 78  GLN A O   
158 C CB  . GLN A 20 ? 0.7407 0.6559 0.8754 -0.1025 0.0562  -0.0349 78  GLN A CB  
159 C CG  . GLN A 20 ? 0.8426 0.7552 0.9594 -0.0921 0.0522  -0.0448 78  GLN A CG  
160 C CD  . GLN A 20 ? 0.8977 0.8384 0.9941 -0.0871 0.0418  -0.0471 78  GLN A CD  
161 O OE1 . GLN A 20 ? 0.9385 0.9000 1.0342 -0.0950 0.0353  -0.0543 78  GLN A OE1 
162 N NE2 . GLN A 20 ? 0.8691 0.8106 0.9503 -0.0739 0.0400  -0.0406 78  GLN A NE2 
163 N N   . ASN A 21 ? 0.5231 0.4330 0.6780 -0.0993 0.0734  0.0210  79  ASN A N   
164 C CA  . ASN A 21 ? 0.6809 0.5871 0.8526 -0.1103 0.0821  0.0329  79  ASN A CA  
165 C C   . ASN A 21 ? 0.5851 0.5028 0.7501 -0.1018 0.0869  0.0587  79  ASN A C   
166 O O   . ASN A 21 ? 0.5145 0.4241 0.6838 -0.1041 0.0935  0.0732  79  ASN A O   
167 C CB  . ASN A 21 ? 0.8317 0.7046 1.0119 -0.1121 0.0869  0.0319  79  ASN A CB  
168 C CG  . ASN A 21 ? 0.8782 0.7288 1.0509 -0.0948 0.0903  0.0467  79  ASN A CG  
169 O OD1 . ASN A 21 ? 0.8639 0.7203 1.0250 -0.0823 0.0870  0.0499  79  ASN A OD1 
170 N ND2 . ASN A 21 ? 0.7896 0.6155 0.9701 -0.0939 0.0964  0.0562  79  ASN A ND2 
171 N N   . ARG A 22 ? 0.4653 0.4052 0.6104 -0.0884 0.0796  0.0621  80  ARG A N   
172 C CA  . ARG A 22 ? 0.4759 0.4293 0.6108 -0.0791 0.0832  0.0840  80  ARG A CA  
173 C C   . ARG A 22 ? 0.5401 0.5224 0.6552 -0.0679 0.0731  0.0791  80  ARG A C   
174 O O   . ARG A 22 ? 0.5255 0.5122 0.6333 -0.0653 0.0637  0.0626  80  ARG A O   
175 C CB  . ARG A 22 ? 0.5096 0.4393 0.6392 -0.0671 0.0880  0.1025  80  ARG A CB  
176 C CG  . ARG A 22 ? 0.5189 0.4382 0.6378 -0.0538 0.0800  0.0942  80  ARG A CG  
177 C CD  . ARG A 22 ? 0.6745 0.5735 0.7922 -0.0413 0.0844  0.1133  80  ARG A CD  
178 N NE  . ARG A 22 ? 0.7246 0.6196 0.8340 -0.0278 0.0769  0.1060  80  ARG A NE  
179 C CZ  . ARG A 22 ? 0.7856 0.7020 0.8775 -0.0158 0.0685  0.1071  80  ARG A CZ  
180 N NH1 . ARG A 22 ? 0.7679 0.7092 0.8468 -0.0144 0.0662  0.1139  80  ARG A NH1 
181 N NH2 . ARG A 22 ? 0.8397 0.7530 0.9282 -0.0055 0.0628  0.1000  80  ARG A NH2 
182 N N   . LYS A 23 ? 0.3931 0.3939 0.4990 -0.0613 0.0760  0.0941  81  LYS A N   
183 C CA  . LYS A 23 ? 0.3369 0.3624 0.4244 -0.0496 0.0679  0.0903  81  LYS A CA  
184 C C   . LYS A 23 ? 0.3193 0.3340 0.3906 -0.0354 0.0608  0.0899  81  LYS A C   
185 O O   . LYS A 23 ? 0.3944 0.3916 0.4649 -0.0302 0.0642  0.1018  81  LYS A O   
186 C CB  . LYS A 23 ? 0.3287 0.3753 0.4106 -0.0460 0.0748  0.1063  81  LYS A CB  
187 C CG  . LYS A 23 ? 0.4617 0.5278 0.5219 -0.0309 0.0682  0.1055  81  LYS A CG  
188 C CD  . LYS A 23 ? 0.6357 0.7215 0.6881 -0.0269 0.0767  0.1219  81  LYS A CD  
189 C CE  . LYS A 23 ? 0.7405 0.8438 0.7701 -0.0114 0.0697  0.1187  81  LYS A CE  
190 N NZ  . LYS A 23 ? 0.7723 0.8991 0.7913 -0.0069 0.0783  0.1321  81  LYS A NZ  
191 N N   . VAL A 24 ? 0.3213 0.3471 0.3813 -0.0293 0.0510  0.0768  82  VAL A N   
192 C CA  . VAL A 24 ? 0.3788 0.3984 0.4256 -0.0179 0.0440  0.0742  82  VAL A CA  
193 C C   . VAL A 24 ? 0.3586 0.3994 0.3900 -0.0085 0.0380  0.0723  82  VAL A C   
194 O O   . VAL A 24 ? 0.3951 0.4514 0.4261 -0.0106 0.0360  0.0652  82  VAL A O   
195 C CB  . VAL A 24 ? 0.4554 0.4622 0.5048 -0.0212 0.0388  0.0584  82  VAL A CB  
196 C CG1 . VAL A 24 ? 0.4890 0.4737 0.5537 -0.0299 0.0451  0.0572  82  VAL A CG1 
197 C CG2 . VAL A 24 ? 0.4248 0.4454 0.4722 -0.0259 0.0332  0.0452  82  VAL A CG2 
198 N N   . SER A 25 ? 0.3471 0.3894 0.3668 0.0022  0.0349  0.0780  83  SER A N   
199 C CA  . SER A 25 ? 0.3411 0.4012 0.3461 0.0109  0.0290  0.0736  83  SER A CA  
200 C C   . SER A 25 ? 0.3327 0.3883 0.3343 0.0122  0.0204  0.0584  83  SER A C   
201 O O   . SER A 25 ? 0.3185 0.3591 0.3264 0.0079  0.0192  0.0531  83  SER A O   
202 C CB  . SER A 25 ? 0.3703 0.4365 0.3640 0.0211  0.0281  0.0844  83  SER A CB  
203 O OG  . SER A 25 ? 0.4538 0.5069 0.4502 0.0245  0.0240  0.0843  83  SER A OG  
204 N N   . LYS A 26 ? 0.2683 0.3362 0.2597 0.0182  0.0153  0.0514  84  LYS A N   
205 C CA  . LYS A 26 ? 0.2403 0.3015 0.2285 0.0190  0.0080  0.0390  84  LYS A CA  
206 C C   . LYS A 26 ? 0.2600 0.3118 0.2478 0.0209  0.0047  0.0384  84  LYS A C   
207 O O   . LYS A 26 ? 0.2446 0.2849 0.2363 0.0170  0.0029  0.0320  84  LYS A O   
208 C CB  . LYS A 26 ? 0.2745 0.3471 0.2536 0.0256  0.0038  0.0314  84  LYS A CB  
209 C CG  . LYS A 26 ? 0.3139 0.3974 0.2966 0.0249  0.0064  0.0295  84  LYS A CG  
210 C CD  . LYS A 26 ? 0.4070 0.4972 0.3826 0.0329  0.0018  0.0198  84  LYS A CD  
211 C CE  . LYS A 26 ? 0.5363 0.6458 0.5150 0.0362  0.0062  0.0200  84  LYS A CE  
212 N NZ  . LYS A 26 ? 0.6259 0.7512 0.6009 0.0377  0.0135  0.0291  84  LYS A NZ  
213 N N   . VAL A 27 ? 0.2564 0.3157 0.2399 0.0273  0.0040  0.0453  85  VAL A N   
214 C CA  . VAL A 27 ? 0.2879 0.3433 0.2741 0.0301  -0.0002 0.0442  85  VAL A CA  
215 C C   . VAL A 27 ? 0.3157 0.3558 0.3142 0.0260  0.0045  0.0482  85  VAL A C   
216 O O   . VAL A 27 ? 0.2467 0.2804 0.2510 0.0248  0.0027  0.0420  85  VAL A O   
217 C CB  . VAL A 27 ? 0.3678 0.4387 0.3461 0.0391  -0.0037 0.0506  85  VAL A CB  
218 C CG1 . VAL A 27 ? 0.4720 0.5442 0.4507 0.0421  0.0026  0.0680  85  VAL A CG1 
219 C CG2 . VAL A 27 ? 0.3528 0.4253 0.3365 0.0420  -0.0099 0.0464  85  VAL A CG2 
220 N N   . GLU A 28 ? 0.3038 0.3378 0.3076 0.0231  0.0115  0.0574  86  GLU A N   
221 C CA  . GLU A 28 ? 0.2578 0.2744 0.2743 0.0190  0.0165  0.0585  86  GLU A CA  
222 C C   . GLU A 28 ? 0.2449 0.2533 0.2639 0.0109  0.0162  0.0449  86  GLU A C   
223 O O   . GLU A 28 ? 0.2374 0.2361 0.2626 0.0098  0.0174  0.0395  86  GLU A O   
224 C CB  . GLU A 28 ? 0.3089 0.3183 0.3318 0.0158  0.0244  0.0703  86  GLU A CB  
225 C CG  . GLU A 28 ? 0.5850 0.5736 0.6222 0.0095  0.0303  0.0677  86  GLU A CG  
226 C CD  . GLU A 28 ? 0.8322 0.8106 0.8784 0.0054  0.0388  0.0801  86  GLU A CD  
227 O OE1 . GLU A 28 ? 0.8890 0.8782 0.9318 0.0014  0.0412  0.0857  86  GLU A OE1 
228 O OE2 . GLU A 28 ? 0.8962 0.8552 0.9541 0.0062  0.0438  0.0845  86  GLU A OE2 
229 N N   . ILE A 29 ? 0.2469 0.2611 0.2606 0.0063  0.0147  0.0396  87  ILE A N   
230 C CA  . ILE A 29 ? 0.2566 0.2656 0.2692 0.0001  0.0130  0.0284  87  ILE A CA  
231 C C   . ILE A 29 ? 0.2295 0.2368 0.2378 0.0028  0.0092  0.0224  87  ILE A C   
232 O O   . ILE A 29 ? 0.2250 0.2241 0.2356 -0.0009 0.0111  0.0166  87  ILE A O   
233 C CB  . ILE A 29 ? 0.2429 0.2615 0.2509 -0.0024 0.0105  0.0252  87  ILE A CB  
234 C CG1 . ILE A 29 ? 0.2529 0.2747 0.2700 -0.0083 0.0156  0.0293  87  ILE A CG1 
235 C CG2 . ILE A 29 ? 0.2416 0.2565 0.2451 -0.0062 0.0071  0.0159  87  ILE A CG2 
236 C CD1 . ILE A 29 ? 0.2704 0.3074 0.2866 -0.0094 0.0132  0.0268  87  ILE A CD1 
237 N N   . LEU A 30 ? 0.2067 0.2226 0.2091 0.0084  0.0044  0.0230  88  LEU A N   
238 C CA  . LEU A 30 ? 0.1979 0.2123 0.1987 0.0085  0.0011  0.0167  88  LEU A CA  
239 C C   . LEU A 30 ? 0.2371 0.2494 0.2476 0.0096  0.0037  0.0174  88  LEU A C   
240 O O   . LEU A 30 ? 0.2190 0.2275 0.2319 0.0061  0.0049  0.0116  88  LEU A O   
241 C CB  . LEU A 30 ? 0.2028 0.2262 0.1972 0.0131  -0.0049 0.0146  88  LEU A CB  
242 C CG  . LEU A 30 ? 0.2061 0.2312 0.1924 0.0139  -0.0070 0.0120  88  LEU A CG  
243 C CD1 . LEU A 30 ? 0.2479 0.2781 0.2291 0.0183  -0.0124 0.0065  88  LEU A CD1 
244 C CD2 . LEU A 30 ? 0.2366 0.2517 0.2208 0.0087  -0.0065 0.0085  88  LEU A CD2 
245 N N   . GLN A 31 ? 0.2209 0.2360 0.2374 0.0152  0.0050  0.0252  89  GLN A N   
246 C CA  . GLN A 31 ? 0.2181 0.2319 0.2465 0.0186  0.0073  0.0263  89  GLN A CA  
247 C C   . GLN A 31 ? 0.2328 0.2327 0.2676 0.0135  0.0144  0.0212  89  GLN A C   
248 O O   . GLN A 31 ? 0.2097 0.2095 0.2518 0.0134  0.0169  0.0157  89  GLN A O   
249 C CB  . GLN A 31 ? 0.2750 0.2933 0.3079 0.0275  0.0069  0.0384  89  GLN A CB  
250 C CG  . GLN A 31 ? 0.3442 0.3811 0.3713 0.0343  -0.0010 0.0411  89  GLN A CG  
251 C CD  . GLN A 31 ? 0.4321 0.4748 0.4574 0.0433  -0.0014 0.0559  89  GLN A CD  
252 O OE1 . GLN A 31 ? 0.4723 0.5021 0.5040 0.0445  0.0051  0.0652  89  GLN A OE1 
253 N NE2 . GLN A 31 ? 0.3686 0.4301 0.3846 0.0494  -0.0086 0.0581  89  GLN A NE2 
254 N N   . HIS A 32 ? 0.2154 0.2059 0.2482 0.0085  0.0179  0.0216  90  HIS A N   
255 C CA  . HIS A 32 ? 0.2066 0.1854 0.2430 0.0025  0.0237  0.0133  90  HIS A CA  
256 C C   . HIS A 32 ? 0.2001 0.1815 0.2274 -0.0030 0.0226  0.0038  90  HIS A C   
257 O O   . HIS A 32 ? 0.2267 0.2039 0.2565 -0.0052 0.0275  -0.0037 90  HIS A O   
258 C CB  . HIS A 32 ? 0.2269 0.1985 0.2637 -0.0035 0.0261  0.0143  90  HIS A CB  
259 C CG  . HIS A 32 ? 0.2319 0.1927 0.2808 -0.0008 0.0313  0.0225  90  HIS A CG  
260 N ND1 . HIS A 32 ? 0.2857 0.2509 0.3356 0.0054  0.0303  0.0367  90  HIS A ND1 
261 C CD2 . HIS A 32 ? 0.2704 0.2146 0.3308 -0.0033 0.0381  0.0187  90  HIS A CD2 
262 C CE1 . HIS A 32 ? 0.2910 0.2416 0.3525 0.0066  0.0365  0.0438  90  HIS A CE1 
263 N NE2 . HIS A 32 ? 0.3398 0.2760 0.4092 0.0014  0.0413  0.0323  90  HIS A NE2 
264 N N   . VAL A 33 ? 0.2185 0.2061 0.2347 -0.0049 0.0171  0.0043  91  VAL A N   
265 C CA  . VAL A 33 ? 0.2128 0.2010 0.2192 -0.0092 0.0161  -0.0013 91  VAL A CA  
266 C C   . VAL A 33 ? 0.2219 0.2128 0.2336 -0.0081 0.0185  -0.0034 91  VAL A C   
267 O O   . VAL A 33 ? 0.2456 0.2347 0.2546 -0.0124 0.0233  -0.0086 91  VAL A O   
268 C CB  . VAL A 33 ? 0.2105 0.2026 0.2069 -0.0085 0.0096  0.0013  91  VAL A CB  
269 C CG1 . VAL A 33 ? 0.2421 0.2318 0.2296 -0.0115 0.0086  -0.0011 91  VAL A CG1 
270 C CG2 . VAL A 33 ? 0.2693 0.2628 0.2622 -0.0105 0.0081  0.0017  91  VAL A CG2 
271 N N   . ILE A 34 ? 0.2036 0.2019 0.2231 -0.0028 0.0153  0.0004  92  ILE A N   
272 C CA  . ILE A 34 ? 0.2306 0.2365 0.2595 -0.0025 0.0167  -0.0021 92  ILE A CA  
273 C C   . ILE A 34 ? 0.2105 0.2148 0.2497 -0.0017 0.0247  -0.0060 92  ILE A C   
274 O O   . ILE A 34 ? 0.2306 0.2381 0.2720 -0.0058 0.0301  -0.0111 92  ILE A O   
275 C CB  . ILE A 34 ? 0.2347 0.2525 0.2714 0.0040  0.0103  0.0017  92  ILE A CB  
276 C CG1 . ILE A 34 ? 0.2126 0.2321 0.2390 0.0026  0.0032  0.0012  92  ILE A CG1 
277 C CG2 . ILE A 34 ? 0.2545 0.2843 0.3073 0.0054  0.0119  -0.0014 92  ILE A CG2 
278 C CD1 . ILE A 34 ? 0.2417 0.2741 0.2705 0.0097  -0.0037 0.0041  92  ILE A CD1 
279 N N   . ASP A 35 ? 0.2006 0.1997 0.2471 0.0036  0.0269  -0.0035 93  ASP A N   
280 C CA  . ASP A 35 ? 0.2148 0.2112 0.2740 0.0067  0.0348  -0.0083 93  ASP A CA  
281 C C   . ASP A 35 ? 0.2475 0.2357 0.2977 -0.0007 0.0417  -0.0181 93  ASP A C   
282 O O   . ASP A 35 ? 0.2550 0.2460 0.3115 -0.0005 0.0492  -0.0254 93  ASP A O   
283 C CB  . ASP A 35 ? 0.2403 0.2292 0.3104 0.0151  0.0354  -0.0019 93  ASP A CB  
284 C CG  . ASP A 35 ? 0.3273 0.3289 0.4065 0.0247  0.0292  0.0078  93  ASP A CG  
285 O OD1 . ASP A 35 ? 0.4622 0.4581 0.5456 0.0318  0.0281  0.0175  93  ASP A OD1 
286 O OD2 . ASP A 35 ? 0.3214 0.3394 0.4036 0.0249  0.0252  0.0060  93  ASP A OD2 
287 N N   . TYR A 36 ? 0.2471 0.2286 0.2825 -0.0068 0.0390  -0.0187 94  TYR A N   
288 C CA  . TYR A 36 ? 0.2497 0.2269 0.2731 -0.0138 0.0433  -0.0281 94  TYR A CA  
289 C C   . TYR A 36 ? 0.2802 0.2653 0.2931 -0.0183 0.0455  -0.0298 94  TYR A C   
290 O O   . TYR A 36 ? 0.2710 0.2577 0.2807 -0.0207 0.0533  -0.0379 94  TYR A O   
291 C CB  . TYR A 36 ? 0.2821 0.2547 0.2946 -0.0186 0.0379  -0.0275 94  TYR A CB  
292 C CG  . TYR A 36 ? 0.2589 0.2302 0.2585 -0.0255 0.0402  -0.0380 94  TYR A CG  
293 C CD1 . TYR A 36 ? 0.2959 0.2617 0.3000 -0.0268 0.0479  -0.0499 94  TYR A CD1 
294 C CD2 . TYR A 36 ? 0.2827 0.2594 0.2653 -0.0298 0.0342  -0.0365 94  TYR A CD2 
295 C CE1 . TYR A 36 ? 0.3389 0.3062 0.3289 -0.0332 0.0492  -0.0613 94  TYR A CE1 
296 C CE2 . TYR A 36 ? 0.2754 0.2546 0.2443 -0.0354 0.0346  -0.0456 94  TYR A CE2 
297 C CZ  . TYR A 36 ? 0.3026 0.2780 0.2743 -0.0377 0.0420  -0.0588 94  TYR A CZ  
298 O OH  . TYR A 36 ? 0.3719 0.3522 0.3280 -0.0435 0.0418  -0.0702 94  TYR A OH  
299 N N   . ILE A 37 ? 0.2517 0.2408 0.2591 -0.0194 0.0395  -0.0224 95  ILE A N   
300 C CA  . ILE A 37 ? 0.2227 0.2166 0.2232 -0.0243 0.0426  -0.0217 95  ILE A CA  
301 C C   . ILE A 37 ? 0.2825 0.2855 0.2984 -0.0232 0.0511  -0.0258 95  ILE A C   
302 O O   . ILE A 37 ? 0.2836 0.2909 0.2937 -0.0279 0.0594  -0.0293 95  ILE A O   
303 C CB  . ILE A 37 ? 0.2021 0.1958 0.2002 -0.0249 0.0350  -0.0142 95  ILE A CB  
304 C CG1 . ILE A 37 ? 0.2620 0.2488 0.2449 -0.0250 0.0279  -0.0107 95  ILE A CG1 
305 C CG2 . ILE A 37 ? 0.2483 0.2445 0.2443 -0.0311 0.0398  -0.0126 95  ILE A CG2 
306 C CD1 . ILE A 37 ? 0.2433 0.2284 0.2262 -0.0232 0.0205  -0.0055 95  ILE A CD1 
307 N N   . ARG A 38 ? 0.2162 0.2245 0.2515 -0.0163 0.0494  -0.0249 96  ARG A N   
308 C CA  . ARG A 38 ? 0.2363 0.2574 0.2900 -0.0137 0.0568  -0.0290 96  ARG A CA  
309 C C   . ARG A 38 ? 0.2684 0.2871 0.3227 -0.0123 0.0674  -0.0384 96  ARG A C   
310 O O   . ARG A 38 ? 0.2602 0.2898 0.3197 -0.0144 0.0771  -0.0438 96  ARG A O   
311 C CB  . ARG A 38 ? 0.2942 0.3236 0.3685 -0.0044 0.0513  -0.0252 96  ARG A CB  
312 C CG  . ARG A 38 ? 0.3581 0.3955 0.4339 -0.0063 0.0419  -0.0197 96  ARG A CG  
313 C CD  . ARG A 38 ? 0.4592 0.5049 0.5489 0.0040  0.0345  -0.0152 96  ARG A CD  
314 N NE  . ARG A 38 ? 0.5478 0.6064 0.6595 0.0117  0.0395  -0.0177 96  ARG A NE  
315 C CZ  . ARG A 38 ? 0.5461 0.6075 0.6700 0.0240  0.0363  -0.0128 96  ARG A CZ  
316 N NH1 . ARG A 38 ? 0.5652 0.6174 0.6798 0.0284  0.0291  -0.0046 96  ARG A NH1 
317 N NH2 . ARG A 38 ? 0.6030 0.6769 0.7488 0.0325  0.0408  -0.0153 96  ARG A NH2 
318 N N   . ASP A 39 ? 0.2743 0.2797 0.3250 -0.0092 0.0667  -0.0418 97  ASP A N   
319 C CA  . ASP A 39 ? 0.2697 0.2709 0.3210 -0.0081 0.0767  -0.0540 97  ASP A CA  
320 C C   . ASP A 39 ? 0.2942 0.2984 0.3232 -0.0171 0.0824  -0.0603 97  ASP A C   
321 O O   . ASP A 39 ? 0.3412 0.3519 0.3708 -0.0171 0.0934  -0.0705 97  ASP A O   
322 C CB  . ASP A 39 ? 0.2761 0.2599 0.3286 -0.0055 0.0741  -0.0567 97  ASP A CB  
323 C CG  . ASP A 39 ? 0.3370 0.3163 0.4113 0.0051  0.0716  -0.0497 97  ASP A CG  
324 O OD1 . ASP A 39 ? 0.4091 0.4004 0.5002 0.0125  0.0734  -0.0472 97  ASP A OD1 
325 O OD2 . ASP A 39 ? 0.4165 0.3817 0.4914 0.0058  0.0675  -0.0458 97  ASP A OD2 
326 N N   . LEU A 40 ? 0.2948 0.2959 0.3036 -0.0238 0.0752  -0.0541 98  LEU A N   
327 C CA  . LEU A 40 ? 0.2652 0.2700 0.2500 -0.0311 0.0791  -0.0568 98  LEU A CA  
328 C C   . LEU A 40 ? 0.3039 0.3211 0.2895 -0.0346 0.0876  -0.0530 98  LEU A C   
329 O O   . LEU A 40 ? 0.3269 0.3515 0.3003 -0.0380 0.0977  -0.0589 98  LEU A O   
330 C CB  . LEU A 40 ? 0.3147 0.3137 0.2806 -0.0351 0.0683  -0.0483 98  LEU A CB  
331 C CG  . LEU A 40 ? 0.3026 0.2934 0.2661 -0.0344 0.0601  -0.0517 98  LEU A CG  
332 C CD1 . LEU A 40 ? 0.3179 0.3078 0.2668 -0.0365 0.0496  -0.0420 98  LEU A CD1 
333 C CD2 . LEU A 40 ? 0.3286 0.3190 0.2831 -0.0370 0.0648  -0.0667 98  LEU A CD2 
334 N N   . GLN A 41 ? 0.2916 0.3126 0.2915 -0.0344 0.0839  -0.0437 99  GLN A N   
335 C CA  . GLN A 41 ? 0.2741 0.3078 0.2804 -0.0395 0.0923  -0.0405 99  GLN A CA  
336 C C   . GLN A 41 ? 0.2928 0.3411 0.3173 -0.0355 0.1048  -0.0507 99  GLN A C   
337 O O   . GLN A 41 ? 0.3402 0.4007 0.3615 -0.0407 0.1170  -0.0526 99  GLN A O   
338 C CB  . GLN A 41 ? 0.2835 0.3187 0.3045 -0.0407 0.0845  -0.0318 99  GLN A CB  
339 C CG  . GLN A 41 ? 0.2948 0.3162 0.2990 -0.0443 0.0741  -0.0223 99  GLN A CG  
340 C CD  . GLN A 41 ? 0.3193 0.3425 0.3394 -0.0454 0.0670  -0.0175 99  GLN A CD  
341 O OE1 . GLN A 41 ? 0.3486 0.3825 0.3904 -0.0404 0.0647  -0.0210 99  GLN A OE1 
342 N NE2 . GLN A 41 ? 0.2840 0.2971 0.2932 -0.0515 0.0635  -0.0100 99  GLN A NE2 
343 N N   . LEU A 42 ? 0.2633 0.3107 0.3077 -0.0256 0.1027  -0.0566 100 LEU A N   
344 C CA  . LEU A 42 ? 0.3083 0.3691 0.3728 -0.0191 0.1144  -0.0669 100 LEU A CA  
345 C C   . LEU A 42 ? 0.3287 0.3877 0.3763 -0.0201 0.1258  -0.0797 100 LEU A C   
346 O O   . LEU A 42 ? 0.3035 0.3781 0.3584 -0.0191 0.1396  -0.0879 100 LEU A O   
347 C CB  . LEU A 42 ? 0.4390 0.4961 0.5279 -0.0063 0.1088  -0.0681 100 LEU A CB  
348 C CG  . LEU A 42 ? 0.5479 0.6157 0.6582 -0.0024 0.0995  -0.0583 100 LEU A CG  
349 C CD1 . LEU A 42 ? 0.6636 0.7217 0.7874 0.0102  0.0917  -0.0556 100 LEU A CD1 
350 C CD2 . LEU A 42 ? 0.6369 0.7314 0.7713 -0.0019 0.1075  -0.0609 100 LEU A CD2 
351 N N   . GLU A 43 ? 0.2969 0.3395 0.3223 -0.0223 0.1204  -0.0829 101 GLU A N   
352 C CA  . GLU A 43 ? 0.3226 0.3651 0.3286 -0.0244 0.1293  -0.0971 101 GLU A CA  
353 C C   . GLU A 43 ? 0.3898 0.4453 0.3719 -0.0337 0.1368  -0.0928 101 GLU A C   
354 O O   . GLU A 43 ? 0.3744 0.4410 0.3467 -0.0345 0.1501  -0.1039 101 GLU A O   
355 C CB  . GLU A 43 ? 0.3969 0.4215 0.3872 -0.0259 0.1195  -0.1017 101 GLU A CB  
356 C CG  . GLU A 43 ? 0.4588 0.4832 0.4319 -0.0275 0.1272  -0.1206 101 GLU A CG  
357 C CD  . GLU A 43 ? 0.4687 0.4793 0.4276 -0.0314 0.1163  -0.1257 101 GLU A CD  
358 O OE1 . GLU A 43 ? 0.6358 0.6483 0.5759 -0.0350 0.1196  -0.1415 101 GLU A OE1 
359 O OE2 . GLU A 43 ? 0.4136 0.4137 0.3805 -0.0312 0.1045  -0.1147 101 GLU A OE2 
360 N N   . LEU A 44 ? 0.3889 0.4424 0.3613 -0.0403 0.1293  -0.0763 102 LEU A N   
361 C CA  . LEU A 44 ? 0.4252 0.4879 0.3767 -0.0491 0.1367  -0.0676 102 LEU A CA  
362 C C   . LEU A 44 ? 0.3806 0.4631 0.3503 -0.0509 0.1522  -0.0687 102 LEU A C   
363 O O   . LEU A 44 ? 0.4141 0.5076 0.3669 -0.0573 0.1635  -0.0656 102 LEU A O   
364 C CB  . LEU A 44 ? 0.4772 0.5299 0.4223 -0.0544 0.1254  -0.0496 102 LEU A CB  
365 C CG  . LEU A 44 ? 0.6960 0.7396 0.6068 -0.0583 0.1186  -0.0414 102 LEU A CG  
366 C CD1 . LEU A 44 ? 0.7879 0.8429 0.6730 -0.0641 0.1316  -0.0395 102 LEU A CD1 
367 C CD2 . LEU A 44 ? 0.7366 0.7719 0.6386 -0.0536 0.1082  -0.0511 102 LEU A CD2 
368 N N   . ASN A 45 ? 0.4000 0.4893 0.4044 -0.0449 0.1522  -0.0714 103 ASN A N   
369 C CA  . ASN A 45 ? 0.5543 0.6671 0.5815 -0.0465 0.1662  -0.0730 103 ASN A CA  
370 C C   . ASN A 45 ? 0.4637 0.5866 0.4935 -0.0385 0.1761  -0.0871 103 ASN A C   
371 O O   . ASN A 45 ? 0.4598 0.6020 0.5024 -0.0388 0.1854  -0.0866 103 ASN A O   
372 C CB  . ASN A 45 ? 0.7005 0.8201 0.7645 -0.0419 0.1586  -0.0693 103 ASN A CB  
373 C CG  . ASN A 45 ? 0.7669 0.9045 0.8465 -0.0523 0.1645  -0.0604 103 ASN A CG  
374 O OD1 . ASN A 45 ? 0.7498 0.8817 0.8101 -0.0643 0.1664  -0.0496 103 ASN A OD1 
375 N ND2 . ASN A 45 ? 0.8056 0.9639 0.9209 -0.0474 0.1659  -0.0641 103 ASN A ND2 
376 N N   . SER A 46 ? 0.4129 0.5229 0.4317 -0.0315 0.1737  -0.0999 104 SER A N   
377 C CA  . SER A 46 ? 0.4505 0.5663 0.4666 -0.0246 0.1819  -0.1142 104 SER A CA  
378 C C   . SER A 46 ? 0.5097 0.6241 0.4862 -0.0312 0.1840  -0.1154 104 SER A C   
379 O O   . SER A 46 ? 0.6779 0.7927 0.6443 -0.0264 0.1882  -0.1295 104 SER A O   
380 C CB  . SER A 46 ? 0.4419 0.5421 0.4723 -0.0133 0.1774  -0.1283 104 SER A CB  
381 O OG  . SER A 46 ? 0.4376 0.5172 0.4483 -0.0167 0.1678  -0.1304 104 SER A OG  
382 N N   . LEU B 1  ? 0.4584 0.5806 0.5324 0.0793  -0.0303 0.0561  59  LEU B N   
383 C CA  . LEU B 1  ? 0.4490 0.5568 0.5024 0.0741  -0.0268 0.0599  59  LEU B CA  
384 C C   . LEU B 1  ? 0.3346 0.4572 0.3732 0.0691  -0.0346 0.0497  59  LEU B C   
385 O O   . LEU B 1  ? 0.2872 0.4346 0.3246 0.0743  -0.0448 0.0468  59  LEU B O   
386 C CB  . LEU B 1  ? 0.6185 0.7210 0.6645 0.0841  -0.0244 0.0800  59  LEU B CB  
387 C CG  . LEU B 1  ? 0.6924 0.7692 0.7314 0.0768  -0.0137 0.0849  59  LEU B CG  
388 C CD1 . LEU B 1  ? 0.7465 0.8025 0.7990 0.0682  -0.0057 0.0748  59  LEU B CD1 
389 C CD2 . LEU B 1  ? 0.7331 0.8013 0.7696 0.0854  -0.0092 0.1063  59  LEU B CD2 
390 N N   . TYR B 2  ? 0.2581 0.3661 0.2864 0.0594  -0.0299 0.0431  60  TYR B N   
391 C CA  . TYR B 2  ? 0.2208 0.3353 0.2401 0.0528  -0.0353 0.0291  60  TYR B CA  
392 C C   . TYR B 2  ? 0.2746 0.3879 0.2742 0.0540  -0.0344 0.0321  60  TYR B C   
393 O O   . TYR B 2  ? 0.2802 0.3800 0.2759 0.0533  -0.0265 0.0412  60  TYR B O   
394 C CB  . TYR B 2  ? 0.2249 0.3226 0.2505 0.0412  -0.0303 0.0180  60  TYR B CB  
395 C CG  . TYR B 2  ? 0.2214 0.3224 0.2664 0.0384  -0.0294 0.0131  60  TYR B CG  
396 C CD1 . TYR B 2  ? 0.2470 0.3387 0.3033 0.0403  -0.0218 0.0191  60  TYR B CD1 
397 C CD2 . TYR B 2  ? 0.2137 0.3283 0.2672 0.0333  -0.0353 0.0014  60  TYR B CD2 
398 C CE1 . TYR B 2  ? 0.2756 0.3735 0.3502 0.0386  -0.0196 0.0140  60  TYR B CE1 
399 C CE2 . TYR B 2  ? 0.1911 0.3127 0.2645 0.0300  -0.0331 -0.0028 60  TYR B CE2 
400 C CZ  . TYR B 2  ? 0.2218 0.3359 0.3051 0.0334  -0.0250 0.0037  60  TYR B CZ  
401 O OH  . TYR B 2  ? 0.2641 0.3874 0.3680 0.0311  -0.0213 -0.0011 60  TYR B OH  
402 N N   . ASP B 3  ? 0.2323 0.3613 0.2213 0.0551  -0.0420 0.0226  61  ASP B N   
403 C CA  . ASP B 3  ? 0.2178 0.3461 0.1895 0.0554  -0.0402 0.0205  61  ASP B CA  
404 C C   . ASP B 3  ? 0.2246 0.3332 0.1988 0.0462  -0.0360 0.0102  61  ASP B C   
405 O O   . ASP B 3  ? 0.2536 0.3496 0.2400 0.0393  -0.0344 0.0058  61  ASP B O   
406 C CB  . ASP B 3  ? 0.2248 0.3773 0.1827 0.0613  -0.0492 0.0128  61  ASP B CB  
407 C CG  . ASP B 3  ? 0.2720 0.4294 0.2363 0.0557  -0.0577 -0.0074 61  ASP B CG  
408 O OD1 . ASP B 3  ? 0.2712 0.4108 0.2471 0.0464  -0.0551 -0.0157 61  ASP B OD1 
409 O OD2 . ASP B 3  ? 0.3318 0.5120 0.2887 0.0600  -0.0670 -0.0154 61  ASP B OD2 
410 N N   . MET B 4  ? 0.2593 0.3665 0.2215 0.0470  -0.0337 0.0072  62  MET B N   
411 C CA  . MET B 4  ? 0.2613 0.3506 0.2257 0.0407  -0.0303 -0.0002 62  MET B CA  
412 C C   . MET B 4  ? 0.2811 0.3632 0.2520 0.0350  -0.0354 -0.0144 62  MET B C   
413 O O   . MET B 4  ? 0.2615 0.3267 0.2400 0.0282  -0.0324 -0.0155 62  MET B O   
414 C CB  . MET B 4  ? 0.3097 0.4033 0.2624 0.0448  -0.0280 -0.0025 62  MET B CB  
415 C CG  . MET B 4  ? 0.5306 0.6080 0.4861 0.0409  -0.0250 -0.0076 62  MET B CG  
416 S SD  . MET B 4  ? 0.7403 0.8086 0.7024 0.0366  -0.0170 0.0052  62  MET B SD  
417 C CE  . MET B 4  ? 0.8178 0.9047 0.7731 0.0422  -0.0116 0.0161  62  MET B CE  
418 N N   . ASN B 5  ? 0.3010 0.3959 0.2687 0.0369  -0.0429 -0.0255 63  ASN B N   
419 C CA  . ASN B 5  ? 0.2330 0.3196 0.2098 0.0294  -0.0470 -0.0393 63  ASN B CA  
420 C C   . ASN B 5  ? 0.2579 0.3428 0.2511 0.0227  -0.0460 -0.0355 63  ASN B C   
421 O O   . ASN B 5  ? 0.2321 0.3020 0.2343 0.0139  -0.0439 -0.0404 63  ASN B O   
422 C CB  . ASN B 5  ? 0.3136 0.4161 0.2857 0.0313  -0.0559 -0.0547 63  ASN B CB  
423 C CG  . ASN B 5  ? 0.4825 0.5711 0.4648 0.0218  -0.0588 -0.0706 63  ASN B CG  
424 O OD1 . ASN B 5  ? 0.4539 0.5180 0.4388 0.0173  -0.0537 -0.0708 63  ASN B OD1 
425 N ND2 . ASN B 5  ? 0.5166 0.6211 0.5053 0.0186  -0.0673 -0.0835 63  ASN B ND2 
426 N N   . GLY B 6  ? 0.2512 0.3518 0.2486 0.0275  -0.0470 -0.0263 64  GLY B N   
427 C CA  . GLY B 6  ? 0.2267 0.3279 0.2413 0.0232  -0.0451 -0.0231 64  GLY B CA  
428 C C   . GLY B 6  ? 0.1896 0.2694 0.2074 0.0182  -0.0353 -0.0167 64  GLY B C   
429 O O   . GLY B 6  ? 0.1938 0.2678 0.2235 0.0108  -0.0318 -0.0196 64  GLY B O   
430 N N   . CYS B 7  ? 0.2081 0.2781 0.2154 0.0214  -0.0305 -0.0086 65  CYS B N   
431 C CA  . CYS B 7  ? 0.2189 0.2706 0.2268 0.0165  -0.0227 -0.0047 65  CYS B CA  
432 C C   . CYS B 7  ? 0.1987 0.2363 0.2048 0.0089  -0.0221 -0.0122 65  CYS B C   
433 O O   . CYS B 7  ? 0.2031 0.2312 0.2142 0.0025  -0.0171 -0.0116 65  CYS B O   
434 C CB  . CYS B 7  ? 0.2259 0.2734 0.2243 0.0203  -0.0191 0.0032  65  CYS B CB  
435 S SG  . CYS B 7  ? 0.2597 0.3139 0.2624 0.0269  -0.0159 0.0164  65  CYS B SG  
436 N N   . TYR B 8  ? 0.2167 0.2523 0.2154 0.0101  -0.0264 -0.0187 66  TYR B N   
437 C CA  . TYR B 8  ? 0.2570 0.2755 0.2550 0.0040  -0.0257 -0.0242 66  TYR B CA  
438 C C   . TYR B 8  ? 0.2516 0.2697 0.2623 -0.0048 -0.0259 -0.0299 66  TYR B C   
439 O O   . TYR B 8  ? 0.2596 0.2633 0.2723 -0.0122 -0.0209 -0.0281 66  TYR B O   
440 C CB  . TYR B 8  ? 0.2368 0.2509 0.2257 0.0087  -0.0297 -0.0311 66  TYR B CB  
441 C CG  . TYR B 8  ? 0.2400 0.2507 0.2196 0.0145  -0.0269 -0.0248 66  TYR B CG  
442 C CD1 . TYR B 8  ? 0.2928 0.2878 0.2701 0.0122  -0.0238 -0.0203 66  TYR B CD1 
443 C CD2 . TYR B 8  ? 0.2414 0.2669 0.2150 0.0221  -0.0273 -0.0224 66  TYR B CD2 
444 C CE1 . TYR B 8  ? 0.2959 0.2921 0.2675 0.0172  -0.0224 -0.0154 66  TYR B CE1 
445 C CE2 . TYR B 8  ? 0.2988 0.3243 0.2678 0.0260  -0.0242 -0.0169 66  TYR B CE2 
446 C CZ  . TYR B 8  ? 0.2833 0.2951 0.2524 0.0234  -0.0224 -0.0143 66  TYR B CZ  
447 O OH  . TYR B 8  ? 0.3029 0.3186 0.2698 0.0269  -0.0206 -0.0100 66  TYR B OH  
448 N N   . SER B 9  ? 0.2470 0.2832 0.2664 -0.0044 -0.0313 -0.0361 67  SER B N   
449 C CA  . SER B 9  ? 0.2458 0.2871 0.2818 -0.0138 -0.0314 -0.0421 67  SER B CA  
450 C C   . SER B 9  ? 0.2225 0.2637 0.2670 -0.0174 -0.0232 -0.0341 67  SER B C   
451 O O   . SER B 9  ? 0.2786 0.3128 0.3318 -0.0274 -0.0178 -0.0354 67  SER B O   
452 C CB  . SER B 9  ? 0.2497 0.3172 0.2948 -0.0110 -0.0401 -0.0497 67  SER B CB  
453 O OG  . SER B 9  ? 0.3004 0.3707 0.3365 -0.0080 -0.0478 -0.0600 67  SER B OG  
454 N N   . ARG B 10 ? 0.2361 0.2845 0.2785 -0.0097 -0.0211 -0.0262 68  ARG B N   
455 C CA  . ARG B 10 ? 0.2157 0.2643 0.2662 -0.0116 -0.0129 -0.0210 68  ARG B CA  
456 C C   . ARG B 10 ? 0.2448 0.2730 0.2855 -0.0178 -0.0051 -0.0179 68  ARG B C   
457 O O   . ARG B 10 ? 0.2775 0.3045 0.3248 -0.0245 0.0022  -0.0177 68  ARG B O   
458 C CB  . ARG B 10 ? 0.2344 0.2902 0.2842 -0.0012 -0.0127 -0.0138 68  ARG B CB  
459 C CG  . ARG B 10 ? 0.2689 0.3280 0.3308 -0.0003 -0.0054 -0.0110 68  ARG B CG  
460 C CD  . ARG B 10 ? 0.2383 0.3188 0.3213 0.0000  -0.0073 -0.0152 68  ARG B CD  
461 N NE  . ARG B 10 ? 0.2918 0.3747 0.3869 0.0023  0.0014  -0.0134 68  ARG B NE  
462 C CZ  . ARG B 10 ? 0.2571 0.3380 0.3584 -0.0058 0.0105  -0.0174 68  ARG B CZ  
463 N NH1 . ARG B 10 ? 0.3177 0.3928 0.4147 -0.0173 0.0119  -0.0209 68  ARG B NH1 
464 N NH2 . ARG B 10 ? 0.2971 0.3814 0.4088 -0.0022 0.0189  -0.0176 68  ARG B NH2 
465 N N   . LEU B 11 ? 0.2515 0.2664 0.2763 -0.0151 -0.0066 -0.0151 69  LEU B N   
466 C CA  . LEU B 11 ? 0.2518 0.2500 0.2655 -0.0192 -0.0014 -0.0112 69  LEU B CA  
467 C C   . LEU B 11 ? 0.3095 0.2969 0.3243 -0.0280 0.0005  -0.0128 69  LEU B C   
468 O O   . LEU B 11 ? 0.3014 0.2809 0.3120 -0.0339 0.0076  -0.0085 69  LEU B O   
469 C CB  . LEU B 11 ? 0.2343 0.2255 0.2342 -0.0132 -0.0050 -0.0084 69  LEU B CB  
470 C CG  . LEU B 11 ? 0.2103 0.2086 0.2090 -0.0075 -0.0041 -0.0049 69  LEU B CG  
471 C CD1 . LEU B 11 ? 0.2458 0.2439 0.2356 -0.0017 -0.0079 -0.0029 69  LEU B CD1 
472 C CD2 . LEU B 11 ? 0.2899 0.2838 0.2867 -0.0112 0.0027  -0.0028 69  LEU B CD2 
473 N N   . LYS B 12 ? 0.3079 0.2945 0.3282 -0.0294 -0.0052 -0.0190 70  LYS B N   
474 C CA  . LYS B 12 ? 0.3199 0.2938 0.3452 -0.0394 -0.0027 -0.0209 70  LYS B CA  
475 C C   . LYS B 12 ? 0.3536 0.3373 0.3939 -0.0492 0.0046  -0.0209 70  LYS B C   
476 O O   . LYS B 12 ? 0.4877 0.4591 0.5280 -0.0585 0.0118  -0.0167 70  LYS B O   
477 C CB  . LYS B 12 ? 0.3325 0.3052 0.3638 -0.0396 -0.0106 -0.0314 70  LYS B CB  
478 C CG  . LYS B 12 ? 0.3417 0.2990 0.3589 -0.0317 -0.0152 -0.0320 70  LYS B CG  
479 C CD  . LYS B 12 ? 0.3974 0.3539 0.4203 -0.0320 -0.0223 -0.0457 70  LYS B CD  
480 C CE  . LYS B 12 ? 0.5070 0.4811 0.5231 -0.0205 -0.0294 -0.0511 70  LYS B CE  
481 N NZ  . LYS B 12 ? 0.6144 0.5934 0.6350 -0.0209 -0.0368 -0.0672 70  LYS B NZ  
482 N N   . GLU B 13 ? 0.3286 0.3353 0.3824 -0.0467 0.0036  -0.0248 71  GLU B N   
483 C CA  . GLU B 13 ? 0.3372 0.3581 0.4085 -0.0543 0.0110  -0.0257 71  GLU B CA  
484 C C   . GLU B 13 ? 0.3081 0.3258 0.3712 -0.0544 0.0218  -0.0185 71  GLU B C   
485 O O   . GLU B 13 ? 0.3535 0.3772 0.4261 -0.0628 0.0314  -0.0178 71  GLU B O   
486 C CB  . GLU B 13 ? 0.3254 0.3738 0.4147 -0.0488 0.0054  -0.0317 71  GLU B CB  
487 C CG  . GLU B 13 ? 0.4685 0.5373 0.5819 -0.0562 0.0115  -0.0350 71  GLU B CG  
488 C CD  . GLU B 13 ? 0.4878 0.5821 0.6153 -0.0455 0.0090  -0.0361 71  GLU B CD  
489 O OE1 . GLU B 13 ? 0.6549 0.7567 0.7903 -0.0443 0.0185  -0.0339 71  GLU B OE1 
490 O OE2 . GLU B 13 ? 0.3840 0.4909 0.5142 -0.0374 -0.0023 -0.0390 71  GLU B OE2 
491 N N   . LEU B 14 ? 0.2912 0.3012 0.3376 -0.0459 0.0210  -0.0143 72  LEU B N   
492 C CA  . LEU B 14 ? 0.2986 0.3083 0.3374 -0.0451 0.0299  -0.0109 72  LEU B CA  
493 C C   . LEU B 14 ? 0.3544 0.3472 0.3738 -0.0507 0.0352  -0.0044 72  LEU B C   
494 O O   . LEU B 14 ? 0.3508 0.3463 0.3654 -0.0545 0.0451  -0.0027 72  LEU B O   
495 C CB  . LEU B 14 ? 0.3232 0.3328 0.3546 -0.0348 0.0260  -0.0106 72  LEU B CB  
496 C CG  . LEU B 14 ? 0.3241 0.3491 0.3714 -0.0272 0.0252  -0.0136 72  LEU B CG  
497 C CD1 . LEU B 14 ? 0.3586 0.3774 0.3971 -0.0190 0.0216  -0.0110 72  LEU B CD1 
498 C CD2 . LEU B 14 ? 0.3024 0.3369 0.3606 -0.0291 0.0360  -0.0165 72  LEU B CD2 
499 N N   . VAL B 15 ? 0.3035 0.2802 0.3105 -0.0498 0.0291  -0.0006 73  VAL B N   
500 C CA  . VAL B 15 ? 0.3206 0.2819 0.3063 -0.0507 0.0313  0.0076  73  VAL B CA  
501 C C   . VAL B 15 ? 0.3747 0.3233 0.3603 -0.0603 0.0365  0.0137  73  VAL B C   
502 O O   . VAL B 15 ? 0.3429 0.2795 0.3339 -0.0616 0.0313  0.0132  73  VAL B O   
503 C CB  . VAL B 15 ? 0.3447 0.2971 0.3188 -0.0418 0.0215  0.0090  73  VAL B CB  
504 C CG1 . VAL B 15 ? 0.3873 0.3263 0.3412 -0.0413 0.0221  0.0183  73  VAL B CG1 
505 C CG2 . VAL B 15 ? 0.3342 0.2985 0.3095 -0.0347 0.0185  0.0045  73  VAL B CG2 
506 N N   . PRO B 16 ? 0.3001 0.2497 0.2792 -0.0674 0.0475  0.0197  74  PRO B N   
507 C CA  . PRO B 16 ? 0.3387 0.2769 0.3211 -0.0788 0.0549  0.0270  74  PRO B CA  
508 C C   . PRO B 16 ? 0.3320 0.2440 0.2970 -0.0775 0.0518  0.0387  74  PRO B C   
509 O O   . PRO B 16 ? 0.4425 0.3391 0.4118 -0.0867 0.0570  0.0457  74  PRO B O   
510 C CB  . PRO B 16 ? 0.4058 0.3569 0.3838 -0.0852 0.0689  0.0304  74  PRO B CB  
511 C CG  . PRO B 16 ? 0.3956 0.3542 0.3557 -0.0757 0.0670  0.0281  74  PRO B CG  
512 C CD  . PRO B 16 ? 0.3525 0.3125 0.3187 -0.0656 0.0542  0.0199  74  PRO B CD  
513 N N   . THR B 17 ? 0.3989 0.3056 0.3461 -0.0663 0.0437  0.0414  75  THR B N   
514 C CA  . THR B 17 ? 0.4290 0.3129 0.3598 -0.0621 0.0400  0.0537  75  THR B CA  
515 C C   . THR B 17 ? 0.4856 0.3531 0.4266 -0.0573 0.0308  0.0494  75  THR B C   
516 O O   . THR B 17 ? 0.5707 0.4164 0.5020 -0.0527 0.0279  0.0591  75  THR B O   
517 C CB  . THR B 17 ? 0.5118 0.4016 0.4203 -0.0519 0.0350  0.0579  75  THR B CB  
518 O OG1 . THR B 17 ? 0.4673 0.3697 0.3832 -0.0438 0.0260  0.0461  75  THR B OG1 
519 C CG2 . THR B 17 ? 0.5513 0.4564 0.4468 -0.0567 0.0442  0.0600  75  THR B CG2 
520 N N   . LEU B 18 ? 0.4613 0.3395 0.4208 -0.0570 0.0260  0.0352  76  LEU B N   
521 C CA  . LEU B 18 ? 0.3585 0.2246 0.3264 -0.0521 0.0176  0.0281  76  LEU B CA  
522 C C   . LEU B 18 ? 0.4115 0.2563 0.3915 -0.0626 0.0216  0.0287  76  LEU B C   
523 O O   . LEU B 18 ? 0.4738 0.3219 0.4631 -0.0759 0.0305  0.0307  76  LEU B O   
524 C CB  . LEU B 18 ? 0.3598 0.2473 0.3413 -0.0491 0.0119  0.0132  76  LEU B CB  
525 C CG  . LEU B 18 ? 0.3714 0.2733 0.3441 -0.0373 0.0060  0.0115  76  LEU B CG  
526 C CD1 . LEU B 18 ? 0.3660 0.2896 0.3518 -0.0367 0.0034  0.0008  76  LEU B CD1 
527 C CD2 . LEU B 18 ? 0.4409 0.3307 0.4063 -0.0266 -0.0014 0.0116  76  LEU B CD2 
528 N N   . PRO B 19 ? 0.4171 0.2402 0.3987 -0.0576 0.0156  0.0260  77  PRO B N   
529 C CA  . PRO B 19 ? 0.5133 0.3115 0.5081 -0.0684 0.0194  0.0250  77  PRO B CA  
530 C C   . PRO B 19 ? 0.6283 0.4435 0.6465 -0.0813 0.0204  0.0099  77  PRO B C   
531 O O   . PRO B 19 ? 0.6382 0.4774 0.6632 -0.0767 0.0133  -0.0040 77  PRO B O   
532 C CB  . PRO B 19 ? 0.5791 0.3561 0.5728 -0.0569 0.0109  0.0189  77  PRO B CB  
533 C CG  . PRO B 19 ? 0.6121 0.3970 0.5868 -0.0404 0.0058  0.0263  77  PRO B CG  
534 C CD  . PRO B 19 ? 0.5391 0.3577 0.5108 -0.0414 0.0066  0.0242  77  PRO B CD  
535 N N   . GLN B 20 ? 0.6007 0.4047 0.6316 -0.0976 0.0293  0.0137  78  GLN B N   
536 C CA  . GLN B 20 ? 0.7454 0.5674 0.8024 -0.1119 0.0305  -0.0004 78  GLN B CA  
537 C C   . GLN B 20 ? 0.7474 0.5588 0.8190 -0.1133 0.0214  -0.0188 78  GLN B C   
538 O O   . GLN B 20 ? 0.6545 0.4916 0.7414 -0.1156 0.0147  -0.0361 78  GLN B O   
539 C CB  . GLN B 20 ? 0.9445 0.7581 1.0119 -0.1303 0.0445  0.0105  78  GLN B CB  
540 C CG  . GLN B 20 ? 1.0613 0.9020 1.1577 -0.1460 0.0475  -0.0021 78  GLN B CG  
541 C CD  . GLN B 20 ? 1.1151 0.9795 1.2125 -0.1523 0.0598  0.0085  78  GLN B CD  
542 O OE1 . GLN B 20 ? 1.1708 1.0222 1.2520 -0.1534 0.0694  0.0271  78  GLN B OE1 
543 N NE2 . GLN B 20 ? 1.0841 0.9854 1.1998 -0.1546 0.0590  -0.0032 78  GLN B NE2 
544 N N   . ASN B 21 ? 0.7007 0.4746 0.7672 -0.1108 0.0208  -0.0157 79  ASN B N   
545 C CA  . ASN B 21 ? 0.8137 0.5713 0.8946 -0.1136 0.0141  -0.0345 79  ASN B CA  
546 C C   . ASN B 21 ? 0.8632 0.6105 0.9297 -0.0939 0.0043  -0.0416 79  ASN B C   
547 O O   . ASN B 21 ? 0.9505 0.7013 1.0256 -0.0922 -0.0037 -0.0628 79  ASN B O   
548 C CB  . ASN B 21 ? 0.8584 0.5856 0.9431 -0.1242 0.0188  -0.0258 79  ASN B CB  
549 C CG  . ASN B 21 ? 0.8079 0.5467 0.9004 -0.1400 0.0293  -0.0119 79  ASN B CG  
550 O OD1 . ASN B 21 ? 0.7697 0.5384 0.8805 -0.1512 0.0296  -0.0222 79  ASN B OD1 
551 N ND2 . ASN B 21 ? 0.6880 0.4063 0.7670 -0.1399 0.0377  0.0116  79  ASN B ND2 
552 N N   . ARG B 22 ? 0.8364 0.5750 0.8815 -0.0790 0.0049  -0.0253 80  ARG B N   
553 C CA  . ARG B 22 ? 0.8589 0.5862 0.8929 -0.0603 -0.0025 -0.0301 80  ARG B CA  
554 C C   . ARG B 22 ? 0.9492 0.7131 0.9770 -0.0486 -0.0106 -0.0416 80  ARG B C   
555 O O   . ARG B 22 ? 0.8827 0.6755 0.9057 -0.0491 -0.0098 -0.0359 80  ARG B O   
556 C CB  . ARG B 22 ? 0.7563 0.4637 0.7719 -0.0487 0.0005  -0.0076 80  ARG B CB  
557 C CG  . ARG B 22 ? 0.7511 0.4525 0.7576 -0.0278 -0.0068 -0.0114 80  ARG B CG  
558 C CD  . ARG B 22 ? 0.8651 0.5444 0.8572 -0.0166 -0.0049 0.0108  80  ARG B CD  
559 N NE  . ARG B 22 ? 0.9277 0.6303 0.9042 -0.0156 -0.0030 0.0274  80  ARG B NE  
560 C CZ  . ARG B 22 ? 0.8997 0.6317 0.8666 -0.0042 -0.0084 0.0260  80  ARG B CZ  
561 N NH1 . ARG B 22 ? 0.8613 0.6050 0.8321 0.0072  -0.0152 0.0110  80  ARG B NH1 
562 N NH2 . ARG B 22 ? 0.9609 0.7112 0.9146 -0.0050 -0.0064 0.0392  80  ARG B NH2 
563 N N   . LYS B 23 ? 1.0033 0.7647 1.0310 -0.0381 -0.0176 -0.0577 81  LYS B N   
564 C CA  . LYS B 23 ? 0.9440 0.7381 0.9635 -0.0261 -0.0242 -0.0662 81  LYS B CA  
565 C C   . LYS B 23 ? 0.8362 0.6385 0.8397 -0.0129 -0.0232 -0.0496 81  LYS B C   
566 O O   . LYS B 23 ? 0.7834 0.5630 0.7802 -0.0054 -0.0214 -0.0377 81  LYS B O   
567 C CB  . LYS B 23 ? 1.0259 0.8152 1.0469 -0.0168 -0.0302 -0.0870 81  LYS B CB  
568 C CG  . LYS B 23 ? 1.1084 0.8976 1.1447 -0.0296 -0.0334 -0.1086 81  LYS B CG  
569 C CD  . LYS B 23 ? 1.1257 0.9542 1.1662 -0.0376 -0.0366 -0.1127 81  LYS B CD  
570 C CE  . LYS B 23 ? 1.2227 1.0550 1.2810 -0.0520 -0.0408 -0.1340 81  LYS B CE  
571 N NZ  . LYS B 23 ? 1.2528 1.1266 1.3168 -0.0576 -0.0454 -0.1380 81  LYS B NZ  
572 N N   . VAL B 24 ? 0.7022 0.5374 0.7007 -0.0103 -0.0249 -0.0487 82  VAL B N   
573 C CA  . VAL B 24 ? 0.6281 0.4760 0.6144 -0.0018 -0.0240 -0.0347 82  VAL B CA  
574 C C   . VAL B 24 ? 0.4832 0.3546 0.4648 0.0102  -0.0287 -0.0425 82  VAL B C   
575 O O   . VAL B 24 ? 0.5068 0.3988 0.4918 0.0082  -0.0310 -0.0525 82  VAL B O   
576 C CB  . VAL B 24 ? 0.6421 0.5048 0.6284 -0.0119 -0.0194 -0.0249 82  VAL B CB  
577 C CG1 . VAL B 24 ? 0.7031 0.5440 0.6932 -0.0239 -0.0129 -0.0162 82  VAL B CG1 
578 C CG2 . VAL B 24 ? 0.7020 0.5900 0.6977 -0.0176 -0.0212 -0.0356 82  VAL B CG2 
579 N N   . SER B 25 ? 0.4712 0.3412 0.4455 0.0230  -0.0297 -0.0373 83  SER B N   
580 C CA  . SER B 25 ? 0.3703 0.2658 0.3409 0.0330  -0.0320 -0.0425 83  SER B CA  
581 C C   . SER B 25 ? 0.3434 0.2621 0.3109 0.0290  -0.0302 -0.0333 83  SER B C   
582 O O   . SER B 25 ? 0.3454 0.2602 0.3118 0.0213  -0.0274 -0.0231 83  SER B O   
583 C CB  . SER B 25 ? 0.4098 0.3011 0.3773 0.0476  -0.0332 -0.0401 83  SER B CB  
584 O OG  . SER B 25 ? 0.4493 0.3399 0.4122 0.0488  -0.0325 -0.0242 83  SER B OG  
585 N N   . LYS B 26 ? 0.3385 0.2811 0.3044 0.0342  -0.0310 -0.0372 84  LYS B N   
586 C CA  . LYS B 26 ? 0.3085 0.2699 0.2730 0.0313  -0.0287 -0.0284 84  LYS B CA  
587 C C   . LYS B 26 ? 0.3156 0.2736 0.2772 0.0323  -0.0274 -0.0174 84  LYS B C   
588 O O   . LYS B 26 ? 0.2636 0.2241 0.2246 0.0251  -0.0250 -0.0105 84  LYS B O   
589 C CB  . LYS B 26 ? 0.2880 0.2732 0.2506 0.0379  -0.0288 -0.0317 84  LYS B CB  
590 C CG  . LYS B 26 ? 0.3071 0.3029 0.2698 0.0364  -0.0307 -0.0403 84  LYS B CG  
591 C CD  . LYS B 26 ? 0.4037 0.4222 0.3608 0.0445  -0.0300 -0.0421 84  LYS B CD  
592 C CE  . LYS B 26 ? 0.5856 0.6186 0.5398 0.0435  -0.0329 -0.0482 84  LYS B CE  
593 N NZ  . LYS B 26 ? 0.7218 0.7434 0.6792 0.0398  -0.0380 -0.0621 84  LYS B NZ  
594 N N   . VAL B 27 ? 0.3108 0.2647 0.2708 0.0418  -0.0294 -0.0166 85  VAL B N   
595 C CA  . VAL B 27 ? 0.3202 0.2767 0.2773 0.0437  -0.0300 -0.0067 85  VAL B CA  
596 C C   . VAL B 27 ? 0.3681 0.3054 0.3200 0.0370  -0.0293 0.0013  85  VAL B C   
597 O O   . VAL B 27 ? 0.2973 0.2406 0.2445 0.0327  -0.0286 0.0087  85  VAL B O   
598 C CB  . VAL B 27 ? 0.3681 0.3297 0.3273 0.0572  -0.0330 -0.0075 85  VAL B CB  
599 C CG1 . VAL B 27 ? 0.4247 0.3607 0.3837 0.0645  -0.0351 -0.0097 85  VAL B CG1 
600 C CG2 . VAL B 27 ? 0.3871 0.3610 0.3452 0.0588  -0.0351 0.0013  85  VAL B CG2 
601 N N   . GLU B 28 ? 0.3605 0.2751 0.3131 0.0350  -0.0288 -0.0005 86  GLU B N   
602 C CA  . GLU B 28 ? 0.3635 0.2598 0.3110 0.0274  -0.0262 0.0088  86  GLU B CA  
603 C C   . GLU B 28 ? 0.3290 0.2343 0.2771 0.0147  -0.0215 0.0093  86  GLU B C   
604 O O   . GLU B 28 ? 0.3439 0.2482 0.2845 0.0096  -0.0186 0.0179  86  GLU B O   
605 C CB  . GLU B 28 ? 0.4051 0.2731 0.3559 0.0267  -0.0256 0.0070  86  GLU B CB  
606 C CG  . GLU B 28 ? 0.5186 0.3653 0.4620 0.0219  -0.0224 0.0212  86  GLU B CG  
607 C CD  . GLU B 28 ? 0.6531 0.4685 0.6024 0.0180  -0.0201 0.0204  86  GLU B CD  
608 O OE1 . GLU B 28 ? 0.5759 0.3866 0.5358 0.0187  -0.0218 0.0060  86  GLU B OE1 
609 O OE2 . GLU B 28 ? 0.6658 0.4612 0.6089 0.0138  -0.0163 0.0342  86  GLU B OE2 
610 N N   . ILE B 29 ? 0.3336 0.2496 0.2900 0.0108  -0.0208 0.0001  87  ILE B N   
611 C CA  . ILE B 29 ? 0.2828 0.2103 0.2424 0.0018  -0.0167 0.0005  87  ILE B CA  
612 C C   . ILE B 29 ? 0.2463 0.1873 0.2003 0.0027  -0.0155 0.0056  87  ILE B C   
613 O O   . ILE B 29 ? 0.3001 0.2415 0.2506 -0.0038 -0.0112 0.0097  87  ILE B O   
614 C CB  . ILE B 29 ? 0.3131 0.2538 0.2824 0.0008  -0.0181 -0.0091 87  ILE B CB  
615 C CG1 . ILE B 29 ? 0.3998 0.3290 0.3760 -0.0027 -0.0197 -0.0173 87  ILE B CG1 
616 C CG2 . ILE B 29 ? 0.3287 0.2826 0.3033 -0.0055 -0.0140 -0.0076 87  ILE B CG2 
617 C CD1 . ILE B 29 ? 0.3443 0.2907 0.3281 -0.0022 -0.0234 -0.0281 87  ILE B CD1 
618 N N   . LEU B 30 ? 0.2764 0.2298 0.2305 0.0101  -0.0188 0.0042  88  LEU B N   
619 C CA  . LEU B 30 ? 0.2830 0.2496 0.2352 0.0089  -0.0177 0.0069  88  LEU B CA  
620 C C   . LEU B 30 ? 0.2621 0.2246 0.2041 0.0085  -0.0187 0.0131  88  LEU B C   
621 O O   . LEU B 30 ? 0.2797 0.2491 0.2184 0.0034  -0.0166 0.0137  88  LEU B O   
622 C CB  . LEU B 30 ? 0.2251 0.2073 0.1820 0.0150  -0.0199 0.0045  88  LEU B CB  
623 C CG  . LEU B 30 ? 0.2483 0.2390 0.2118 0.0156  -0.0183 0.0006  88  LEU B CG  
624 C CD1 . LEU B 30 ? 0.2418 0.2498 0.2089 0.0199  -0.0179 0.0012  88  LEU B CD1 
625 C CD2 . LEU B 30 ? 0.3028 0.2933 0.2704 0.0084  -0.0144 0.0009  88  LEU B CD2 
626 N N   . GLN B 31 ? 0.2963 0.2474 0.2327 0.0145  -0.0223 0.0175  89  GLN B N   
627 C CA  . GLN B 31 ? 0.3472 0.2949 0.2714 0.0150  -0.0239 0.0258  89  GLN B CA  
628 C C   . GLN B 31 ? 0.3491 0.2878 0.2657 0.0052  -0.0175 0.0296  89  GLN B C   
629 O O   . GLN B 31 ? 0.3280 0.2741 0.2342 0.0018  -0.0165 0.0324  89  GLN B O   
630 C CB  . GLN B 31 ? 0.3739 0.3087 0.2945 0.0254  -0.0288 0.0320  89  GLN B CB  
631 C CG  . GLN B 31 ? 0.5540 0.4884 0.4603 0.0288  -0.0324 0.0428  89  GLN B CG  
632 C CD  . GLN B 31 ? 0.6628 0.6231 0.5691 0.0325  -0.0383 0.0406  89  GLN B CD  
633 O OE1 . GLN B 31 ? 0.7257 0.6993 0.6436 0.0389  -0.0417 0.0350  89  GLN B OE1 
634 N NE2 . GLN B 31 ? 0.6387 0.6079 0.5324 0.0277  -0.0391 0.0439  89  GLN B NE2 
635 N N   . HIS B 32 ? 0.3585 0.2838 0.2806 0.0000  -0.0129 0.0288  90  HIS B N   
636 C CA  . HIS B 32 ? 0.3514 0.2722 0.2698 -0.0102 -0.0052 0.0317  90  HIS B CA  
637 C C   . HIS B 32 ? 0.3099 0.2475 0.2320 -0.0154 -0.0010 0.0250  90  HIS B C   
638 O O   . HIS B 32 ? 0.3343 0.2750 0.2477 -0.0208 0.0045  0.0271  90  HIS B O   
639 C CB  . HIS B 32 ? 0.3569 0.2640 0.2860 -0.0158 -0.0014 0.0301  90  HIS B CB  
640 C CG  . HIS B 32 ? 0.3595 0.2430 0.2836 -0.0144 -0.0019 0.0388  90  HIS B CG  
641 N ND1 . HIS B 32 ? 0.4312 0.3043 0.3562 -0.0041 -0.0087 0.0387  90  HIS B ND1 
642 C CD2 . HIS B 32 ? 0.4376 0.3047 0.3568 -0.0218 0.0046  0.0484  90  HIS B CD2 
643 C CE1 . HIS B 32 ? 0.4683 0.3168 0.3895 -0.0044 -0.0070 0.0479  90  HIS B CE1 
644 N NE2 . HIS B 32 ? 0.4605 0.3045 0.3779 -0.0158 0.0013  0.0548  90  HIS B NE2 
645 N N   . VAL B 33 ? 0.2876 0.2354 0.2220 -0.0133 -0.0029 0.0172  91  VAL B N   
646 C CA  . VAL B 33 ? 0.2923 0.2522 0.2322 -0.0167 0.0010  0.0117  91  VAL B CA  
647 C C   . VAL B 33 ? 0.3028 0.2700 0.2322 -0.0168 0.0002  0.0116  91  VAL B C   
648 O O   . VAL B 33 ? 0.3035 0.2745 0.2298 -0.0219 0.0058  0.0083  91  VAL B O   
649 C CB  . VAL B 33 ? 0.2720 0.2400 0.2251 -0.0130 -0.0014 0.0068  91  VAL B CB  
650 C CG1 . VAL B 33 ? 0.2632 0.2404 0.2218 -0.0147 0.0020  0.0032  91  VAL B CG1 
651 C CG2 . VAL B 33 ? 0.3082 0.2741 0.2717 -0.0141 -0.0009 0.0045  91  VAL B CG2 
652 N N   . ILE B 34 ? 0.2724 0.2434 0.1973 -0.0112 -0.0068 0.0135  92  ILE B N   
653 C CA  . ILE B 34 ? 0.2781 0.2600 0.1951 -0.0121 -0.0095 0.0115  92  ILE B CA  
654 C C   . ILE B 34 ? 0.3133 0.2927 0.2123 -0.0155 -0.0070 0.0154  92  ILE B C   
655 O O   . ILE B 34 ? 0.3191 0.3062 0.2122 -0.0206 -0.0040 0.0093  92  ILE B O   
656 C CB  . ILE B 34 ? 0.3177 0.3078 0.2359 -0.0047 -0.0181 0.0135  92  ILE B CB  
657 C CG1 . ILE B 34 ? 0.2585 0.2561 0.1931 -0.0031 -0.0183 0.0089  92  ILE B CG1 
658 C CG2 . ILE B 34 ? 0.3160 0.3193 0.2244 -0.0055 -0.0230 0.0123  92  ILE B CG2 
659 C CD1 . ILE B 34 ? 0.2745 0.2796 0.2133 0.0057  -0.0246 0.0111  92  ILE B CD1 
660 N N   . ASP B 35 ? 0.3221 0.2898 0.2115 -0.0130 -0.0075 0.0254  93  ASP B N   
661 C CA  . ASP B 35 ? 0.3503 0.3160 0.2199 -0.0159 -0.0044 0.0322  93  ASP B CA  
662 C C   . ASP B 35 ? 0.3605 0.3258 0.2301 -0.0248 0.0070  0.0280  93  ASP B C   
663 O O   . ASP B 35 ? 0.3928 0.3652 0.2466 -0.0285 0.0111  0.0273  93  ASP B O   
664 C CB  . ASP B 35 ? 0.3897 0.3390 0.2511 -0.0111 -0.0064 0.0464  93  ASP B CB  
665 C CG  . ASP B 35 ? 0.5472 0.4985 0.4080 0.0002  -0.0176 0.0508  93  ASP B CG  
666 O OD1 . ASP B 35 ? 0.4896 0.4594 0.3485 0.0032  -0.0243 0.0459  93  ASP B OD1 
667 O OD2 . ASP B 35 ? 0.6583 0.5931 0.5227 0.0062  -0.0196 0.0581  93  ASP B OD2 
668 N N   . TYR B 36 ? 0.3457 0.3059 0.2330 -0.0277 0.0121  0.0243  94  TYR B N   
669 C CA  . TYR B 36 ? 0.3360 0.2990 0.2278 -0.0349 0.0230  0.0199  94  TYR B CA  
670 C C   . TYR B 36 ? 0.3782 0.3535 0.2726 -0.0362 0.0259  0.0077  94  TYR B C   
671 O O   . TYR B 36 ? 0.3411 0.3220 0.2277 -0.0405 0.0341  0.0037  94  TYR B O   
672 C CB  . TYR B 36 ? 0.3344 0.2923 0.2466 -0.0367 0.0256  0.0188  94  TYR B CB  
673 C CG  . TYR B 36 ? 0.3272 0.2909 0.2485 -0.0435 0.0366  0.0151  94  TYR B CG  
674 C CD1 . TYR B 36 ? 0.3481 0.3102 0.2584 -0.0499 0.0457  0.0214  94  TYR B CD1 
675 C CD2 . TYR B 36 ? 0.3021 0.2742 0.2435 -0.0426 0.0383  0.0064  94  TYR B CD2 
676 C CE1 . TYR B 36 ? 0.3312 0.3025 0.2522 -0.0559 0.0569  0.0175  94  TYR B CE1 
677 C CE2 . TYR B 36 ? 0.3581 0.3389 0.3109 -0.0472 0.0482  0.0025  94  TYR B CE2 
678 C CZ  . TYR B 36 ? 0.3590 0.3400 0.3023 -0.0542 0.0578  0.0074  94  TYR B CZ  
679 O OH  . TYR B 36 ? 0.3623 0.3554 0.3191 -0.0589 0.0688  0.0031  94  TYR B OH  
680 N N   . ILE B 37 ? 0.3160 0.2950 0.2218 -0.0327 0.0199  0.0015  95  ILE B N   
681 C CA  . ILE B 37 ? 0.2986 0.2848 0.2088 -0.0344 0.0225  -0.0101 95  ILE B CA  
682 C C   . ILE B 37 ? 0.3819 0.3753 0.2719 -0.0367 0.0210  -0.0139 95  ILE B C   
683 O O   . ILE B 37 ? 0.3603 0.3588 0.2460 -0.0404 0.0277  -0.0239 95  ILE B O   
684 C CB  . ILE B 37 ? 0.2753 0.2624 0.2011 -0.0313 0.0168  -0.0132 95  ILE B CB  
685 C CG1 . ILE B 37 ? 0.3073 0.2906 0.2511 -0.0285 0.0188  -0.0109 95  ILE B CG1 
686 C CG2 . ILE B 37 ? 0.2623 0.2535 0.1917 -0.0344 0.0190  -0.0249 95  ILE B CG2 
687 C CD1 . ILE B 37 ? 0.2942 0.2788 0.2495 -0.0246 0.0136  -0.0101 95  ILE B CD1 
688 N N   . ARG B 38 ? 0.3318 0.3279 0.2094 -0.0337 0.0120  -0.0070 96  ARG B N   
689 C CA  . ARG B 38 ? 0.4178 0.4250 0.2751 -0.0351 0.0084  -0.0105 96  ARG B CA  
690 C C   . ARG B 38 ? 0.4882 0.4961 0.3249 -0.0382 0.0168  -0.0073 96  ARG B C   
691 O O   . ARG B 38 ? 0.4691 0.4879 0.2908 -0.0414 0.0188  -0.0166 96  ARG B O   
692 C CB  . ARG B 38 ? 0.5246 0.5372 0.3749 -0.0291 -0.0040 -0.0022 96  ARG B CB  
693 C CG  . ARG B 38 ? 0.7330 0.7617 0.5621 -0.0294 -0.0105 -0.0050 96  ARG B CG  
694 C CD  . ARG B 38 ? 0.7997 0.8353 0.6264 -0.0213 -0.0232 0.0045  96  ARG B CD  
695 N NE  . ARG B 38 ? 0.8381 0.8574 0.6617 -0.0146 -0.0226 0.0215  96  ARG B NE  
696 C CZ  . ARG B 38 ? 0.9073 0.9262 0.7319 -0.0051 -0.0318 0.0317  96  ARG B CZ  
697 N NH1 . ARG B 38 ? 0.9234 0.9614 0.7528 -0.0010 -0.0426 0.0271  96  ARG B NH1 
698 N NH2 . ARG B 38 ? 0.9255 0.9251 0.7486 0.0002  -0.0301 0.0457  96  ARG B NH2 
699 N N   . ASP B 39 ? 0.5103 0.5075 0.3469 -0.0383 0.0227  0.0047  97  ASP B N   
700 C CA  . ASP B 39 ? 0.5391 0.5375 0.3581 -0.0425 0.0331  0.0097  97  ASP B CA  
701 C C   . ASP B 39 ? 0.4184 0.4233 0.2452 -0.0474 0.0452  -0.0045 97  ASP B C   
702 O O   . ASP B 39 ? 0.4821 0.4970 0.2903 -0.0503 0.0521  -0.0100 97  ASP B O   
703 C CB  . ASP B 39 ? 0.6295 0.6132 0.4519 -0.0433 0.0371  0.0257  97  ASP B CB  
704 C CG  . ASP B 39 ? 0.7739 0.7488 0.5837 -0.0373 0.0273  0.0412  97  ASP B CG  
705 O OD1 . ASP B 39 ? 0.8328 0.8173 0.6252 -0.0327 0.0187  0.0421  97  ASP B OD1 
706 O OD2 . ASP B 39 ? 0.7408 0.6993 0.5592 -0.0367 0.0277  0.0518  97  ASP B OD2 
707 N N   . LEU B 40 ? 0.3564 0.3568 0.2104 -0.0472 0.0481  -0.0106 98  LEU B N   
708 C CA  . LEU B 40 ? 0.3587 0.3647 0.2241 -0.0494 0.0590  -0.0240 98  LEU B CA  
709 C C   . LEU B 40 ? 0.3748 0.3876 0.2336 -0.0496 0.0578  -0.0405 98  LEU B C   
710 O O   . LEU B 40 ? 0.4019 0.4220 0.2545 -0.0516 0.0679  -0.0520 98  LEU B O   
711 C CB  . LEU B 40 ? 0.3705 0.3712 0.2661 -0.0469 0.0596  -0.0256 98  LEU B CB  
712 C CG  . LEU B 40 ? 0.3514 0.3479 0.2590 -0.0482 0.0613  -0.0144 98  LEU B CG  
713 C CD1 . LEU B 40 ? 0.4541 0.4489 0.3885 -0.0441 0.0579  -0.0173 98  LEU B CD1 
714 C CD2 . LEU B 40 ? 0.5335 0.5374 0.4393 -0.0535 0.0751  -0.0135 98  LEU B CD2 
715 N N   . GLN B 41 ? 0.3751 0.3865 0.2363 -0.0479 0.0463  -0.0434 99  GLN B N   
716 C CA  . GLN B 41 ? 0.3879 0.4052 0.2452 -0.0502 0.0444  -0.0606 99  GLN B CA  
717 C C   . GLN B 41 ? 0.5158 0.5463 0.3423 -0.0529 0.0453  -0.0650 99  GLN B C   
718 O O   . GLN B 41 ? 0.5505 0.5872 0.3708 -0.0557 0.0510  -0.0826 99  GLN B O   
719 C CB  . GLN B 41 ? 0.4076 0.4240 0.2750 -0.0495 0.0319  -0.0608 99  GLN B CB  
720 C CG  . GLN B 41 ? 0.3587 0.3640 0.2546 -0.0474 0.0326  -0.0605 99  GLN B CG  
721 C CD  . GLN B 41 ? 0.4091 0.4160 0.3135 -0.0472 0.0218  -0.0579 99  GLN B CD  
722 O OE1 . GLN B 41 ? 0.4472 0.4631 0.3388 -0.0465 0.0128  -0.0525 99  GLN B OE1 
723 N NE2 . GLN B 41 ? 0.3712 0.3705 0.2978 -0.0473 0.0230  -0.0611 99  GLN B NE2 
724 N N   . LEU B 42 ? 0.5428 0.5774 0.3486 -0.0513 0.0396  -0.0492 100 LEU B N   
725 C CA  . LEU B 42 ? 0.6312 0.6801 0.4038 -0.0527 0.0395  -0.0502 100 LEU B CA  
726 C C   . LEU B 42 ? 0.6916 0.7442 0.4523 -0.0554 0.0559  -0.0520 100 LEU B C   
727 O O   . LEU B 42 ? 0.7130 0.7761 0.4614 -0.0550 0.0586  -0.0634 100 LEU B O   
728 C CB  . LEU B 42 ? 0.6914 0.7419 0.4460 -0.0483 0.0288  -0.0298 100 LEU B CB  
729 C CG  . LEU B 42 ? 0.7501 0.8045 0.5135 -0.0448 0.0123  -0.0301 100 LEU B CG  
730 C CD1 . LEU B 42 ? 0.7505 0.8061 0.4973 -0.0379 0.0024  -0.0094 100 LEU B CD1 
731 C CD2 . LEU B 42 ? 0.7993 0.8707 0.5578 -0.0487 0.0062  -0.0513 100 LEU B CD2 
732 N N   . GLU B 43 ? 0.6891 0.7323 0.4623 -0.0556 0.0652  -0.0398 101 GLU B N   
733 C CA  . GLU B 43 ? 0.7443 0.7943 0.5097 -0.0588 0.0823  -0.0407 101 GLU B CA  
734 C C   . GLU B 43 ? 0.7610 0.8159 0.5416 -0.0584 0.0908  -0.0638 101 GLU B C   
735 O O   . GLU B 43 ? 0.7711 0.8360 0.5420 -0.0573 0.0988  -0.0706 101 GLU B O   
736 C CB  . GLU B 43 ? 0.7954 0.8355 0.5779 -0.0605 0.0894  -0.0242 101 GLU B CB  
737 C CG  . GLU B 43 ? 0.9375 0.9869 0.7210 -0.0645 0.1081  -0.0253 101 GLU B CG  
738 C CD  . GLU B 43 ? 1.0709 1.1292 0.8269 -0.0632 0.1115  -0.0158 101 GLU B CD  
739 O OE1 . GLU B 43 ? 1.1293 1.1981 0.8700 -0.0597 0.1101  -0.0285 101 GLU B OE1 
740 O OE2 . GLU B 43 ? 1.1190 1.1725 0.8691 -0.0658 0.1158  0.0044  101 GLU B OE2 
741 N N   . LEU B 44 ? 0.6762 0.7220 0.4843 -0.0570 0.0879  -0.0741 102 LEU B N   
742 C CA  . LEU B 44 ? 0.7761 0.8225 0.5996 -0.0558 0.0963  -0.0960 102 LEU B CA  
743 C C   . LEU B 44 ? 0.8955 0.9476 0.7050 -0.0558 0.0901  -0.1121 102 LEU B C   
744 O O   . LEU B 44 ? 0.9653 1.0191 0.7815 -0.0540 0.0972  -0.1285 102 LEU B O   
745 C CB  . LEU B 44 ? 0.7089 0.7406 0.5673 -0.0521 0.0915  -0.0977 102 LEU B CB  
746 C CG  . LEU B 44 ? 0.6784 0.7073 0.5617 -0.0491 0.0984  -0.0877 102 LEU B CG  
747 C CD1 . LEU B 44 ? 0.6499 0.6659 0.5613 -0.0447 0.0905  -0.0847 102 LEU B CD1 
748 C CD2 . LEU B 44 ? 0.6773 0.7153 0.5687 -0.0472 0.1150  -0.1000 102 LEU B CD2 
# 
loop_
_pdbx_poly_seq_scheme.asym_id 
_pdbx_poly_seq_scheme.entity_id 
_pdbx_poly_seq_scheme.seq_id 
_pdbx_poly_seq_scheme.mon_id 
_pdbx_poly_seq_scheme.ndb_seq_num 
_pdbx_poly_seq_scheme.pdb_seq_num 
_pdbx_poly_seq_scheme.auth_seq_num 
_pdbx_poly_seq_scheme.pdb_mon_id 
_pdbx_poly_seq_scheme.auth_mon_id 
_pdbx_poly_seq_scheme.pdb_strand_id 
_pdbx_poly_seq_scheme.pdb_ins_code 
_pdbx_poly_seq_scheme.hetero 
A 1 1  LEU 1  59  59  LEU LEU A . n 
A 1 2  TYR 2  60  60  TYR TYR A . n 
A 1 3  ASP 3  61  61  ASP ASP A . n 
A 1 4  MET 4  62  62  MET MET A . n 
A 1 5  ASN 5  63  63  ASN ASN A . n 
A 1 6  GLY 6  64  64  GLY GLY A . n 
A 1 7  CYS 7  65  65  CYS CYS A . n 
A 1 8  TYR 8  66  66  TYR TYR A . n 
A 1 9  SER 9  67  67  SER SER A . n 
A 1 10 ARG 10 68  68  ARG ARG A . n 
A 1 11 LEU 11 69  69  LEU LEU A . n 
A 1 12 LYS 12 70  70  LYS LYS A . n 
A 1 13 GLU 13 71  71  GLU GLU A . n 
A 1 14 LEU 14 72  72  LEU LEU A . n 
A 1 15 VAL 15 73  73  VAL VAL A . n 
A 1 16 PRO 16 74  74  PRO PRO A . n 
A 1 17 THR 17 75  75  THR THR A . n 
A 1 18 LEU 18 76  76  LEU LEU A . n 
A 1 19 PRO 19 77  77  PRO PRO A . n 
A 1 20 GLN 20 78  78  GLN GLN A . n 
A 1 21 ASN 21 79  79  ASN ASN A . n 
A 1 22 ARG 22 80  80  ARG ARG A . n 
A 1 23 LYS 23 81  81  LYS LYS A . n 
A 1 24 VAL 24 82  82  VAL VAL A . n 
A 1 25 SER 25 83  83  SER SER A . n 
A 1 26 LYS 26 84  84  LYS LYS A . n 
A 1 27 VAL 27 85  85  VAL VAL A . n 
A 1 28 GLU 28 86  86  GLU GLU A . n 
A 1 29 ILE 29 87  87  ILE ILE A . n 
A 1 30 LEU 30 88  88  LEU LEU A . n 
A 1 31 GLN 31 89  89  GLN GLN A . n 
A 1 32 HIS 32 90  90  HIS HIS A . n 
A 1 33 VAL 33 91  91  VAL VAL A . n 
A 1 34 ILE 34 92  92  ILE ILE A . n 
A 1 35 ASP 35 93  93  ASP ASP A . n 
A 1 36 TYR 36 94  94  TYR TYR A . n 
A 1 37 ILE 37 95  95  ILE ILE A . n 
A 1 38 ARG 38 96  96  ARG ARG A . n 
A 1 39 ASP 39 97  97  ASP ASP A . n 
A 1 40 LEU 40 98  98  LEU LEU A . n 
A 1 41 GLN 41 99  99  GLN GLN A . n 
A 1 42 LEU 42 100 100 LEU LEU A . n 
A 1 43 GLU 43 101 101 GLU GLU A . n 
A 1 44 LEU 44 102 102 LEU LEU A . n 
A 1 45 ASN 45 103 103 ASN ASN A . n 
A 1 46 SER 46 104 104 SER SER A . n 
B 1 1  LEU 1  59  59  LEU LEU B . n 
B 1 2  TYR 2  60  60  TYR TYR B . n 
B 1 3  ASP 3  61  61  ASP ASP B . n 
B 1 4  MET 4  62  62  MET MET B . n 
B 1 5  ASN 5  63  63  ASN ASN B . n 
B 1 6  GLY 6  64  64  GLY GLY B . n 
B 1 7  CYS 7  65  65  CYS CYS B . n 
B 1 8  TYR 8  66  66  TYR TYR B . n 
B 1 9  SER 9  67  67  SER SER B . n 
B 1 10 ARG 10 68  68  ARG ARG B . n 
B 1 11 LEU 11 69  69  LEU LEU B . n 
B 1 12 LYS 12 70  70  LYS LYS B . n 
B 1 13 GLU 13 71  71  GLU GLU B . n 
B 1 14 LEU 14 72  72  LEU LEU B . n 
B 1 15 VAL 15 73  73  VAL VAL B . n 
B 1 16 PRO 16 74  74  PRO PRO B . n 
B 1 17 THR 17 75  75  THR THR B . n 
B 1 18 LEU 18 76  76  LEU LEU B . n 
B 1 19 PRO 19 77  77  PRO PRO B . n 
B 1 20 GLN 20 78  78  GLN GLN B . n 
B 1 21 ASN 21 79  79  ASN ASN B . n 
B 1 22 ARG 22 80  80  ARG ARG B . n 
B 1 23 LYS 23 81  81  LYS LYS B . n 
B 1 24 VAL 24 82  82  VAL VAL B . n 
B 1 25 SER 25 83  83  SER SER B . n 
B 1 26 LYS 26 84  84  LYS LYS B . n 
B 1 27 VAL 27 85  85  VAL VAL B . n 
B 1 28 GLU 28 86  86  GLU GLU B . n 
B 1 29 ILE 29 87  87  ILE ILE B . n 
B 1 30 LEU 30 88  88  LEU LEU B . n 
B 1 31 GLN 31 89  89  GLN GLN B . n 
B 1 32 HIS 32 90  90  HIS HIS B . n 
B 1 33 VAL 33 91  91  VAL VAL B . n 
B 1 34 ILE 34 92  92  ILE ILE B . n 
B 1 35 ASP 35 93  93  ASP ASP B . n 
B 1 36 TYR 36 94  94  TYR TYR B . n 
B 1 37 ILE 37 95  95  ILE ILE B . n 
B 1 38 ARG 38 96  96  ARG ARG B . n 
B 1 39 ASP 39 97  97  ASP ASP B . n 
B 1 40 LEU 40 98  98  LEU LEU B . n 
B 1 41 GLN 41 99  99  GLN GLN B . n 
B 1 42 LEU 42 100 100 LEU LEU B . n 
B 1 43 GLU 43 101 101 GLU GLU B . n 
B 1 44 LEU 44 102 102 LEU LEU B . n 
B 1 45 ASN 45 103 ?   ?   ?   B . n 
B 1 46 SER 46 104 ?   ?   ?   B . n 
# 
loop_
_pdbx_nonpoly_scheme.asym_id 
_pdbx_nonpoly_scheme.entity_id 
_pdbx_nonpoly_scheme.mon_id 
_pdbx_nonpoly_scheme.ndb_seq_num 
_pdbx_nonpoly_scheme.pdb_seq_num 
_pdbx_nonpoly_scheme.auth_seq_num 
_pdbx_nonpoly_scheme.pdb_mon_id 
_pdbx_nonpoly_scheme.auth_mon_id 
_pdbx_nonpoly_scheme.pdb_strand_id 
_pdbx_nonpoly_scheme.pdb_ins_code 
C 2 HOH 1  201 201 HOH HOH A . 
C 2 HOH 2  202 202 HOH HOH A . 
C 2 HOH 3  203 203 HOH HOH A . 
C 2 HOH 4  204 204 HOH HOH A . 
C 2 HOH 5  205 205 HOH HOH A . 
C 2 HOH 6  206 206 HOH HOH A . 
C 2 HOH 7  207 207 HOH HOH A . 
C 2 HOH 8  208 208 HOH HOH A . 
C 2 HOH 9  209 209 HOH HOH A . 
C 2 HOH 10 210 210 HOH HOH A . 
C 2 HOH 11 211 211 HOH HOH A . 
C 2 HOH 12 212 212 HOH HOH A . 
C 2 HOH 13 213 213 HOH HOH A . 
C 2 HOH 14 214 214 HOH HOH A . 
C 2 HOH 15 215 215 HOH HOH A . 
C 2 HOH 16 216 216 HOH HOH A . 
C 2 HOH 17 217 217 HOH HOH A . 
C 2 HOH 18 218 218 HOH HOH A . 
C 2 HOH 19 219 219 HOH HOH A . 
C 2 HOH 20 220 220 HOH HOH A . 
C 2 HOH 21 221 221 HOH HOH A . 
C 2 HOH 22 222 222 HOH HOH A . 
C 2 HOH 23 223 223 HOH HOH A . 
C 2 HOH 24 224 224 HOH HOH A . 
C 2 HOH 25 225 225 HOH HOH A . 
C 2 HOH 26 226 226 HOH HOH A . 
C 2 HOH 27 227 227 HOH HOH A . 
C 2 HOH 28 228 228 HOH HOH A . 
C 2 HOH 29 229 229 HOH HOH A . 
C 2 HOH 30 230 230 HOH HOH A . 
C 2 HOH 31 231 231 HOH HOH A . 
C 2 HOH 32 232 232 HOH HOH A . 
C 2 HOH 33 233 233 HOH HOH A . 
C 2 HOH 34 234 234 HOH HOH A . 
C 2 HOH 35 235 235 HOH HOH A . 
C 2 HOH 36 236 236 HOH HOH A . 
C 2 HOH 37 237 237 HOH HOH A . 
C 2 HOH 38 238 238 HOH HOH A . 
C 2 HOH 39 239 239 HOH HOH A . 
C 2 HOH 40 240 240 HOH HOH A . 
C 2 HOH 41 241 241 HOH HOH A . 
C 2 HOH 42 242 242 HOH HOH A . 
C 2 HOH 43 243 243 HOH HOH A . 
C 2 HOH 44 244 244 HOH HOH A . 
C 2 HOH 45 245 245 HOH HOH A . 
C 2 HOH 46 246 246 HOH HOH A . 
C 2 HOH 47 247 247 HOH HOH A . 
C 2 HOH 48 248 248 HOH HOH A . 
C 2 HOH 49 249 249 HOH HOH A . 
C 2 HOH 50 250 250 HOH HOH A . 
C 2 HOH 51 251 251 HOH HOH A . 
C 2 HOH 52 252 252 HOH HOH A . 
C 2 HOH 53 253 253 HOH HOH A . 
C 2 HOH 54 254 254 HOH HOH A . 
D 2 HOH 1  201 201 HOH HOH B . 
D 2 HOH 2  202 202 HOH HOH B . 
D 2 HOH 3  203 203 HOH HOH B . 
D 2 HOH 4  204 204 HOH HOH B . 
D 2 HOH 5  205 205 HOH HOH B . 
D 2 HOH 6  206 206 HOH HOH B . 
D 2 HOH 7  207 207 HOH HOH B . 
D 2 HOH 8  208 208 HOH HOH B . 
D 2 HOH 9  209 209 HOH HOH B . 
D 2 HOH 10 210 210 HOH HOH B . 
D 2 HOH 11 211 211 HOH HOH B . 
D 2 HOH 12 212 212 HOH HOH B . 
D 2 HOH 13 213 213 HOH HOH B . 
D 2 HOH 14 214 214 HOH HOH B . 
D 2 HOH 15 215 215 HOH HOH B . 
D 2 HOH 16 216 216 HOH HOH B . 
D 2 HOH 17 217 217 HOH HOH B . 
D 2 HOH 18 218 218 HOH HOH B . 
D 2 HOH 19 219 219 HOH HOH B . 
D 2 HOH 20 220 220 HOH HOH B . 
D 2 HOH 21 221 221 HOH HOH B . 
D 2 HOH 22 222 222 HOH HOH B . 
D 2 HOH 23 223 223 HOH HOH B . 
D 2 HOH 24 224 224 HOH HOH B . 
D 2 HOH 25 225 225 HOH HOH B . 
D 2 HOH 26 226 226 HOH HOH B . 
D 2 HOH 27 227 227 HOH HOH B . 
D 2 HOH 28 228 228 HOH HOH B . 
D 2 HOH 29 229 229 HOH HOH B . 
D 2 HOH 30 230 230 HOH HOH B . 
D 2 HOH 31 231 231 HOH HOH B . 
D 2 HOH 32 232 232 HOH HOH B . 
D 2 HOH 33 233 233 HOH HOH B . 
# 
_pdbx_struct_assembly.id                   1 
_pdbx_struct_assembly.details              author_and_software_defined_assembly 
_pdbx_struct_assembly.method_details       PISA 
_pdbx_struct_assembly.oligomeric_details   dimeric 
_pdbx_struct_assembly.oligomeric_count     2 
# 
_pdbx_struct_assembly_gen.assembly_id       1 
_pdbx_struct_assembly_gen.oper_expression   1 
_pdbx_struct_assembly_gen.asym_id_list      A,B,C,D 
# 
loop_
_pdbx_struct_assembly_prop.biol_id 
_pdbx_struct_assembly_prop.type 
_pdbx_struct_assembly_prop.value 
_pdbx_struct_assembly_prop.details 
1 'ABSA (A^2)' 2120 ? 
1 MORE         -24  ? 
1 'SSA (A^2)'  5890 ? 
# 
_pdbx_struct_oper_list.id                   1 
_pdbx_struct_oper_list.type                 'identity operation' 
_pdbx_struct_oper_list.name                 1_555 
_pdbx_struct_oper_list.symmetry_operation   x,y,z 
_pdbx_struct_oper_list.matrix[1][1]         1.0000000000 
_pdbx_struct_oper_list.matrix[1][2]         0.0000000000 
_pdbx_struct_oper_list.matrix[1][3]         0.0000000000 
_pdbx_struct_oper_list.vector[1]            0.0000000000 
_pdbx_struct_oper_list.matrix[2][1]         0.0000000000 
_pdbx_struct_oper_list.matrix[2][2]         1.0000000000 
_pdbx_struct_oper_list.matrix[2][3]         0.0000000000 
_pdbx_struct_oper_list.vector[2]            0.0000000000 
_pdbx_struct_oper_list.matrix[3][1]         0.0000000000 
_pdbx_struct_oper_list.matrix[3][2]         0.0000000000 
_pdbx_struct_oper_list.matrix[3][3]         1.0000000000 
_pdbx_struct_oper_list.vector[3]            0.0000000000 
# 
loop_
_pdbx_audit_revision_history.ordinal 
_pdbx_audit_revision_history.data_content_type 
_pdbx_audit_revision_history.major_revision 
_pdbx_audit_revision_history.minor_revision 
_pdbx_audit_revision_history.revision_date 
1 'Structure model' 1 0 2019-10-16 
2 'Structure model' 1 1 2019-12-04 
3 'Structure model' 1 2 2023-10-11 
# 
_pdbx_audit_revision_details.ordinal             1 
_pdbx_audit_revision_details.revision_ordinal    1 
_pdbx_audit_revision_details.data_content_type   'Structure model' 
_pdbx_audit_revision_details.provider            repository 
_pdbx_audit_revision_details.type                'Initial release' 
_pdbx_audit_revision_details.description         ? 
_pdbx_audit_revision_details.details             ? 
# 
loop_
_pdbx_audit_revision_group.ordinal 
_pdbx_audit_revision_group.revision_ordinal 
_pdbx_audit_revision_group.data_content_type 
_pdbx_audit_revision_group.group 
1 2 'Structure model' 'Author supporting evidence' 
2 3 'Structure model' 'Data collection'            
3 3 'Structure model' 'Database references'        
4 3 'Structure model' 'Refinement description'     
# 
loop_
_pdbx_audit_revision_category.ordinal 
_pdbx_audit_revision_category.revision_ordinal 
_pdbx_audit_revision_category.data_content_type 
_pdbx_audit_revision_category.category 
1 2 'Structure model' pdbx_audit_support            
2 3 'Structure model' chem_comp_atom                
3 3 'Structure model' chem_comp_bond                
4 3 'Structure model' database_2                    
5 3 'Structure model' pdbx_initial_refinement_model 
# 
loop_
_pdbx_audit_revision_item.ordinal 
_pdbx_audit_revision_item.revision_ordinal 
_pdbx_audit_revision_item.data_content_type 
_pdbx_audit_revision_item.item 
1 2 'Structure model' '_pdbx_audit_support.funding_organization' 
2 3 'Structure model' '_database_2.pdbx_DOI'                     
3 3 'Structure model' '_database_2.pdbx_database_accession'      
# 
_pdbx_refine_tls.id               1 
_pdbx_refine_tls.pdbx_refine_id   'X-RAY DIFFRACTION' 
_pdbx_refine_tls.details          ? 
_pdbx_refine_tls.method           refined 
_pdbx_refine_tls.origin_x         -0.0025 
_pdbx_refine_tls.origin_y         0.0037 
_pdbx_refine_tls.origin_z         0.0173 
_pdbx_refine_tls.T[1][1]          0.1511 
_pdbx_refine_tls.T[1][1]_esd      ? 
_pdbx_refine_tls.T[1][2]          -0.0126 
_pdbx_refine_tls.T[1][2]_esd      ? 
_pdbx_refine_tls.T[1][3]          0.0043 
_pdbx_refine_tls.T[1][3]_esd      ? 
_pdbx_refine_tls.T[2][2]          0.1367 
_pdbx_refine_tls.T[2][2]_esd      ? 
_pdbx_refine_tls.T[2][3]          0.0001 
_pdbx_refine_tls.T[2][3]_esd      ? 
_pdbx_refine_tls.T[3][3]          0.1261 
_pdbx_refine_tls.T[3][3]_esd      ? 
_pdbx_refine_tls.L[1][1]          3.1518 
_pdbx_refine_tls.L[1][1]_esd      ? 
_pdbx_refine_tls.L[1][2]          -0.2470 
_pdbx_refine_tls.L[1][2]_esd      ? 
_pdbx_refine_tls.L[1][3]          -0.3386 
_pdbx_refine_tls.L[1][3]_esd      ? 
_pdbx_refine_tls.L[2][2]          1.7713 
_pdbx_refine_tls.L[2][2]_esd      ? 
_pdbx_refine_tls.L[2][3]          0.2864 
_pdbx_refine_tls.L[2][3]_esd      ? 
_pdbx_refine_tls.L[3][3]          2.3001 
_pdbx_refine_tls.L[3][3]_esd      ? 
_pdbx_refine_tls.S[1][1]          -0.1294 
_pdbx_refine_tls.S[1][1]_esd      ? 
_pdbx_refine_tls.S[1][2]          0.0476 
_pdbx_refine_tls.S[1][2]_esd      ? 
_pdbx_refine_tls.S[1][3]          -0.0265 
_pdbx_refine_tls.S[1][3]_esd      ? 
_pdbx_refine_tls.S[2][1]          -0.1901 
_pdbx_refine_tls.S[2][1]_esd      ? 
_pdbx_refine_tls.S[2][2]          0.0379 
_pdbx_refine_tls.S[2][2]_esd      ? 
_pdbx_refine_tls.S[2][3]          -0.0834 
_pdbx_refine_tls.S[2][3]_esd      ? 
_pdbx_refine_tls.S[3][1]          -0.0545 
_pdbx_refine_tls.S[3][1]_esd      ? 
_pdbx_refine_tls.S[3][2]          0.0280 
_pdbx_refine_tls.S[3][2]_esd      ? 
_pdbx_refine_tls.S[3][3]          -0.0207 
_pdbx_refine_tls.S[3][3]_esd      ? 
# 
_pdbx_refine_tls_group.id                  1 
_pdbx_refine_tls_group.pdbx_refine_id      'X-RAY DIFFRACTION' 
_pdbx_refine_tls_group.refine_tls_id       1 
_pdbx_refine_tls_group.beg_label_asym_id   ? 
_pdbx_refine_tls_group.beg_label_seq_id    ? 
_pdbx_refine_tls_group.beg_auth_asym_id    ? 
_pdbx_refine_tls_group.beg_auth_seq_id     ? 
_pdbx_refine_tls_group.end_label_asym_id   ? 
_pdbx_refine_tls_group.end_label_seq_id    ? 
_pdbx_refine_tls_group.end_auth_asym_id    ? 
_pdbx_refine_tls_group.end_auth_seq_id     ? 
_pdbx_refine_tls_group.selection           ? 
_pdbx_refine_tls_group.selection_details   all 
# 
loop_
_software.citation_id 
_software.classification 
_software.compiler_name 
_software.compiler_version 
_software.contact_author 
_software.contact_author_email 
_software.date 
_software.description 
_software.dependencies 
_software.hardware 
_software.language 
_software.location 
_software.mods 
_software.name 
_software.os 
_software.os_version 
_software.type 
_software.version 
_software.pdbx_ordinal 
? refinement       ? ? ? ? ? ? ? ? ? ? ? PHENIX   ? ? ? '(1.10_2155: ???)' 1 
? 'data reduction' ? ? ? ? ? ? ? ? ? ? ? HKL-2000 ? ? ? .                  2 
? 'data scaling'   ? ? ? ? ? ? ? ? ? ? ? HKL-2000 ? ? ? .                  3 
? phasing          ? ? ? ? ? ? ? ? ? ? ? PHENIX   ? ? ? .                  4 
# 
loop_
_pdbx_validate_close_contact.id 
_pdbx_validate_close_contact.PDB_model_num 
_pdbx_validate_close_contact.auth_atom_id_1 
_pdbx_validate_close_contact.auth_asym_id_1 
_pdbx_validate_close_contact.auth_comp_id_1 
_pdbx_validate_close_contact.auth_seq_id_1 
_pdbx_validate_close_contact.PDB_ins_code_1 
_pdbx_validate_close_contact.label_alt_id_1 
_pdbx_validate_close_contact.auth_atom_id_2 
_pdbx_validate_close_contact.auth_asym_id_2 
_pdbx_validate_close_contact.auth_comp_id_2 
_pdbx_validate_close_contact.auth_seq_id_2 
_pdbx_validate_close_contact.PDB_ins_code_2 
_pdbx_validate_close_contact.label_alt_id_2 
_pdbx_validate_close_contact.dist 
1  1 O   B HOH 219 ? ? O B HOH 229 ? ? 1.86 
2  1 OE1 B GLU 86  ? ? O B HOH 201 ? ? 1.91 
3  1 O   B HOH 208 ? ? O B HOH 225 ? ? 1.92 
4  1 O   B HOH 219 ? ? O B HOH 228 ? ? 1.96 
5  1 O   A HOH 223 ? ? O A HOH 252 ? ? 1.99 
6  1 O   A HOH 204 ? ? O A HOH 209 ? ? 2.04 
7  1 OE1 B GLN 89  ? ? O B HOH 202 ? ? 2.07 
8  1 O   A HOH 210 ? ? O A HOH 214 ? ? 2.12 
9  1 O   A HOH 226 ? ? O A HOH 230 ? ? 2.15 
10 1 N   B LEU 59  ? ? O B HOH 203 ? ? 2.17 
11 1 O   A HOH 248 ? ? O A HOH 250 ? ? 2.18 
# 
loop_
_pdbx_validate_symm_contact.id 
_pdbx_validate_symm_contact.PDB_model_num 
_pdbx_validate_symm_contact.auth_atom_id_1 
_pdbx_validate_symm_contact.auth_asym_id_1 
_pdbx_validate_symm_contact.auth_comp_id_1 
_pdbx_validate_symm_contact.auth_seq_id_1 
_pdbx_validate_symm_contact.PDB_ins_code_1 
_pdbx_validate_symm_contact.label_alt_id_1 
_pdbx_validate_symm_contact.site_symmetry_1 
_pdbx_validate_symm_contact.auth_atom_id_2 
_pdbx_validate_symm_contact.auth_asym_id_2 
_pdbx_validate_symm_contact.auth_comp_id_2 
_pdbx_validate_symm_contact.auth_seq_id_2 
_pdbx_validate_symm_contact.PDB_ins_code_2 
_pdbx_validate_symm_contact.label_alt_id_2 
_pdbx_validate_symm_contact.site_symmetry_2 
_pdbx_validate_symm_contact.dist 
1 1 O   A HOH 254 ? ? 1_555 O   B HOH 221 ? ? 1_655 2.16 
2 1 OE1 B GLU 71  ? ? 1_555 NH1 B ARG 96  ? ? 1_455 2.19 
# 
loop_
_pdbx_unobs_or_zero_occ_residues.id 
_pdbx_unobs_or_zero_occ_residues.PDB_model_num 
_pdbx_unobs_or_zero_occ_residues.polymer_flag 
_pdbx_unobs_or_zero_occ_residues.occupancy_flag 
_pdbx_unobs_or_zero_occ_residues.auth_asym_id 
_pdbx_unobs_or_zero_occ_residues.auth_comp_id 
_pdbx_unobs_or_zero_occ_residues.auth_seq_id 
_pdbx_unobs_or_zero_occ_residues.PDB_ins_code 
_pdbx_unobs_or_zero_occ_residues.label_asym_id 
_pdbx_unobs_or_zero_occ_residues.label_comp_id 
_pdbx_unobs_or_zero_occ_residues.label_seq_id 
1 1 Y 1 B ASN 103 ? B ASN 45 
2 1 Y 1 B SER 104 ? B SER 46 
# 
loop_
_chem_comp_atom.comp_id 
_chem_comp_atom.atom_id 
_chem_comp_atom.type_symbol 
_chem_comp_atom.pdbx_aromatic_flag 
_chem_comp_atom.pdbx_stereo_config 
_chem_comp_atom.pdbx_ordinal 
ARG N    N N N 1   
ARG CA   C N S 2   
ARG C    C N N 3   
ARG O    O N N 4   
ARG CB   C N N 5   
ARG CG   C N N 6   
ARG CD   C N N 7   
ARG NE   N N N 8   
ARG CZ   C N N 9   
ARG NH1  N N N 10  
ARG NH2  N N N 11  
ARG OXT  O N N 12  
ARG H    H N N 13  
ARG H2   H N N 14  
ARG HA   H N N 15  
ARG HB2  H N N 16  
ARG HB3  H N N 17  
ARG HG2  H N N 18  
ARG HG3  H N N 19  
ARG HD2  H N N 20  
ARG HD3  H N N 21  
ARG HE   H N N 22  
ARG HH11 H N N 23  
ARG HH12 H N N 24  
ARG HH21 H N N 25  
ARG HH22 H N N 26  
ARG HXT  H N N 27  
ASN N    N N N 28  
ASN CA   C N S 29  
ASN C    C N N 30  
ASN O    O N N 31  
ASN CB   C N N 32  
ASN CG   C N N 33  
ASN OD1  O N N 34  
ASN ND2  N N N 35  
ASN OXT  O N N 36  
ASN H    H N N 37  
ASN H2   H N N 38  
ASN HA   H N N 39  
ASN HB2  H N N 40  
ASN HB3  H N N 41  
ASN HD21 H N N 42  
ASN HD22 H N N 43  
ASN HXT  H N N 44  
ASP N    N N N 45  
ASP CA   C N S 46  
ASP C    C N N 47  
ASP O    O N N 48  
ASP CB   C N N 49  
ASP CG   C N N 50  
ASP OD1  O N N 51  
ASP OD2  O N N 52  
ASP OXT  O N N 53  
ASP H    H N N 54  
ASP H2   H N N 55  
ASP HA   H N N 56  
ASP HB2  H N N 57  
ASP HB3  H N N 58  
ASP HD2  H N N 59  
ASP HXT  H N N 60  
CYS N    N N N 61  
CYS CA   C N R 62  
CYS C    C N N 63  
CYS O    O N N 64  
CYS CB   C N N 65  
CYS SG   S N N 66  
CYS OXT  O N N 67  
CYS H    H N N 68  
CYS H2   H N N 69  
CYS HA   H N N 70  
CYS HB2  H N N 71  
CYS HB3  H N N 72  
CYS HG   H N N 73  
CYS HXT  H N N 74  
GLN N    N N N 75  
GLN CA   C N S 76  
GLN C    C N N 77  
GLN O    O N N 78  
GLN CB   C N N 79  
GLN CG   C N N 80  
GLN CD   C N N 81  
GLN OE1  O N N 82  
GLN NE2  N N N 83  
GLN OXT  O N N 84  
GLN H    H N N 85  
GLN H2   H N N 86  
GLN HA   H N N 87  
GLN HB2  H N N 88  
GLN HB3  H N N 89  
GLN HG2  H N N 90  
GLN HG3  H N N 91  
GLN HE21 H N N 92  
GLN HE22 H N N 93  
GLN HXT  H N N 94  
GLU N    N N N 95  
GLU CA   C N S 96  
GLU C    C N N 97  
GLU O    O N N 98  
GLU CB   C N N 99  
GLU CG   C N N 100 
GLU CD   C N N 101 
GLU OE1  O N N 102 
GLU OE2  O N N 103 
GLU OXT  O N N 104 
GLU H    H N N 105 
GLU H2   H N N 106 
GLU HA   H N N 107 
GLU HB2  H N N 108 
GLU HB3  H N N 109 
GLU HG2  H N N 110 
GLU HG3  H N N 111 
GLU HE2  H N N 112 
GLU HXT  H N N 113 
GLY N    N N N 114 
GLY CA   C N N 115 
GLY C    C N N 116 
GLY O    O N N 117 
GLY OXT  O N N 118 
GLY H    H N N 119 
GLY H2   H N N 120 
GLY HA2  H N N 121 
GLY HA3  H N N 122 
GLY HXT  H N N 123 
HIS N    N N N 124 
HIS CA   C N S 125 
HIS C    C N N 126 
HIS O    O N N 127 
HIS CB   C N N 128 
HIS CG   C Y N 129 
HIS ND1  N Y N 130 
HIS CD2  C Y N 131 
HIS CE1  C Y N 132 
HIS NE2  N Y N 133 
HIS OXT  O N N 134 
HIS H    H N N 135 
HIS H2   H N N 136 
HIS HA   H N N 137 
HIS HB2  H N N 138 
HIS HB3  H N N 139 
HIS HD1  H N N 140 
HIS HD2  H N N 141 
HIS HE1  H N N 142 
HIS HE2  H N N 143 
HIS HXT  H N N 144 
HOH O    O N N 145 
HOH H1   H N N 146 
HOH H2   H N N 147 
ILE N    N N N 148 
ILE CA   C N S 149 
ILE C    C N N 150 
ILE O    O N N 151 
ILE CB   C N S 152 
ILE CG1  C N N 153 
ILE CG2  C N N 154 
ILE CD1  C N N 155 
ILE OXT  O N N 156 
ILE H    H N N 157 
ILE H2   H N N 158 
ILE HA   H N N 159 
ILE HB   H N N 160 
ILE HG12 H N N 161 
ILE HG13 H N N 162 
ILE HG21 H N N 163 
ILE HG22 H N N 164 
ILE HG23 H N N 165 
ILE HD11 H N N 166 
ILE HD12 H N N 167 
ILE HD13 H N N 168 
ILE HXT  H N N 169 
LEU N    N N N 170 
LEU CA   C N S 171 
LEU C    C N N 172 
LEU O    O N N 173 
LEU CB   C N N 174 
LEU CG   C N N 175 
LEU CD1  C N N 176 
LEU CD2  C N N 177 
LEU OXT  O N N 178 
LEU H    H N N 179 
LEU H2   H N N 180 
LEU HA   H N N 181 
LEU HB2  H N N 182 
LEU HB3  H N N 183 
LEU HG   H N N 184 
LEU HD11 H N N 185 
LEU HD12 H N N 186 
LEU HD13 H N N 187 
LEU HD21 H N N 188 
LEU HD22 H N N 189 
LEU HD23 H N N 190 
LEU HXT  H N N 191 
LYS N    N N N 192 
LYS CA   C N S 193 
LYS C    C N N 194 
LYS O    O N N 195 
LYS CB   C N N 196 
LYS CG   C N N 197 
LYS CD   C N N 198 
LYS CE   C N N 199 
LYS NZ   N N N 200 
LYS OXT  O N N 201 
LYS H    H N N 202 
LYS H2   H N N 203 
LYS HA   H N N 204 
LYS HB2  H N N 205 
LYS HB3  H N N 206 
LYS HG2  H N N 207 
LYS HG3  H N N 208 
LYS HD2  H N N 209 
LYS HD3  H N N 210 
LYS HE2  H N N 211 
LYS HE3  H N N 212 
LYS HZ1  H N N 213 
LYS HZ2  H N N 214 
LYS HZ3  H N N 215 
LYS HXT  H N N 216 
MET N    N N N 217 
MET CA   C N S 218 
MET C    C N N 219 
MET O    O N N 220 
MET CB   C N N 221 
MET CG   C N N 222 
MET SD   S N N 223 
MET CE   C N N 224 
MET OXT  O N N 225 
MET H    H N N 226 
MET H2   H N N 227 
MET HA   H N N 228 
MET HB2  H N N 229 
MET HB3  H N N 230 
MET HG2  H N N 231 
MET HG3  H N N 232 
MET HE1  H N N 233 
MET HE2  H N N 234 
MET HE3  H N N 235 
MET HXT  H N N 236 
PRO N    N N N 237 
PRO CA   C N S 238 
PRO C    C N N 239 
PRO O    O N N 240 
PRO CB   C N N 241 
PRO CG   C N N 242 
PRO CD   C N N 243 
PRO OXT  O N N 244 
PRO H    H N N 245 
PRO HA   H N N 246 
PRO HB2  H N N 247 
PRO HB3  H N N 248 
PRO HG2  H N N 249 
PRO HG3  H N N 250 
PRO HD2  H N N 251 
PRO HD3  H N N 252 
PRO HXT  H N N 253 
SER N    N N N 254 
SER CA   C N S 255 
SER C    C N N 256 
SER O    O N N 257 
SER CB   C N N 258 
SER OG   O N N 259 
SER OXT  O N N 260 
SER H    H N N 261 
SER H2   H N N 262 
SER HA   H N N 263 
SER HB2  H N N 264 
SER HB3  H N N 265 
SER HG   H N N 266 
SER HXT  H N N 267 
THR N    N N N 268 
THR CA   C N S 269 
THR C    C N N 270 
THR O    O N N 271 
THR CB   C N R 272 
THR OG1  O N N 273 
THR CG2  C N N 274 
THR OXT  O N N 275 
THR H    H N N 276 
THR H2   H N N 277 
THR HA   H N N 278 
THR HB   H N N 279 
THR HG1  H N N 280 
THR HG21 H N N 281 
THR HG22 H N N 282 
THR HG23 H N N 283 
THR HXT  H N N 284 
TYR N    N N N 285 
TYR CA   C N S 286 
TYR C    C N N 287 
TYR O    O N N 288 
TYR CB   C N N 289 
TYR CG   C Y N 290 
TYR CD1  C Y N 291 
TYR CD2  C Y N 292 
TYR CE1  C Y N 293 
TYR CE2  C Y N 294 
TYR CZ   C Y N 295 
TYR OH   O N N 296 
TYR OXT  O N N 297 
TYR H    H N N 298 
TYR H2   H N N 299 
TYR HA   H N N 300 
TYR HB2  H N N 301 
TYR HB3  H N N 302 
TYR HD1  H N N 303 
TYR HD2  H N N 304 
TYR HE1  H N N 305 
TYR HE2  H N N 306 
TYR HH   H N N 307 
TYR HXT  H N N 308 
VAL N    N N N 309 
VAL CA   C N S 310 
VAL C    C N N 311 
VAL O    O N N 312 
VAL CB   C N N 313 
VAL CG1  C N N 314 
VAL CG2  C N N 315 
VAL OXT  O N N 316 
VAL H    H N N 317 
VAL H2   H N N 318 
VAL HA   H N N 319 
VAL HB   H N N 320 
VAL HG11 H N N 321 
VAL HG12 H N N 322 
VAL HG13 H N N 323 
VAL HG21 H N N 324 
VAL HG22 H N N 325 
VAL HG23 H N N 326 
VAL HXT  H N N 327 
# 
loop_
_chem_comp_bond.comp_id 
_chem_comp_bond.atom_id_1 
_chem_comp_bond.atom_id_2 
_chem_comp_bond.value_order 
_chem_comp_bond.pdbx_aromatic_flag 
_chem_comp_bond.pdbx_stereo_config 
_chem_comp_bond.pdbx_ordinal 
ARG N   CA   sing N N 1   
ARG N   H    sing N N 2   
ARG N   H2   sing N N 3   
ARG CA  C    sing N N 4   
ARG CA  CB   sing N N 5   
ARG CA  HA   sing N N 6   
ARG C   O    doub N N 7   
ARG C   OXT  sing N N 8   
ARG CB  CG   sing N N 9   
ARG CB  HB2  sing N N 10  
ARG CB  HB3  sing N N 11  
ARG CG  CD   sing N N 12  
ARG CG  HG2  sing N N 13  
ARG CG  HG3  sing N N 14  
ARG CD  NE   sing N N 15  
ARG CD  HD2  sing N N 16  
ARG CD  HD3  sing N N 17  
ARG NE  CZ   sing N N 18  
ARG NE  HE   sing N N 19  
ARG CZ  NH1  sing N N 20  
ARG CZ  NH2  doub N N 21  
ARG NH1 HH11 sing N N 22  
ARG NH1 HH12 sing N N 23  
ARG NH2 HH21 sing N N 24  
ARG NH2 HH22 sing N N 25  
ARG OXT HXT  sing N N 26  
ASN N   CA   sing N N 27  
ASN N   H    sing N N 28  
ASN N   H2   sing N N 29  
ASN CA  C    sing N N 30  
ASN CA  CB   sing N N 31  
ASN CA  HA   sing N N 32  
ASN C   O    doub N N 33  
ASN C   OXT  sing N N 34  
ASN CB  CG   sing N N 35  
ASN CB  HB2  sing N N 36  
ASN CB  HB3  sing N N 37  
ASN CG  OD1  doub N N 38  
ASN CG  ND2  sing N N 39  
ASN ND2 HD21 sing N N 40  
ASN ND2 HD22 sing N N 41  
ASN OXT HXT  sing N N 42  
ASP N   CA   sing N N 43  
ASP N   H    sing N N 44  
ASP N   H2   sing N N 45  
ASP CA  C    sing N N 46  
ASP CA  CB   sing N N 47  
ASP CA  HA   sing N N 48  
ASP C   O    doub N N 49  
ASP C   OXT  sing N N 50  
ASP CB  CG   sing N N 51  
ASP CB  HB2  sing N N 52  
ASP CB  HB3  sing N N 53  
ASP CG  OD1  doub N N 54  
ASP CG  OD2  sing N N 55  
ASP OD2 HD2  sing N N 56  
ASP OXT HXT  sing N N 57  
CYS N   CA   sing N N 58  
CYS N   H    sing N N 59  
CYS N   H2   sing N N 60  
CYS CA  C    sing N N 61  
CYS CA  CB   sing N N 62  
CYS CA  HA   sing N N 63  
CYS C   O    doub N N 64  
CYS C   OXT  sing N N 65  
CYS CB  SG   sing N N 66  
CYS CB  HB2  sing N N 67  
CYS CB  HB3  sing N N 68  
CYS SG  HG   sing N N 69  
CYS OXT HXT  sing N N 70  
GLN N   CA   sing N N 71  
GLN N   H    sing N N 72  
GLN N   H2   sing N N 73  
GLN CA  C    sing N N 74  
GLN CA  CB   sing N N 75  
GLN CA  HA   sing N N 76  
GLN C   O    doub N N 77  
GLN C   OXT  sing N N 78  
GLN CB  CG   sing N N 79  
GLN CB  HB2  sing N N 80  
GLN CB  HB3  sing N N 81  
GLN CG  CD   sing N N 82  
GLN CG  HG2  sing N N 83  
GLN CG  HG3  sing N N 84  
GLN CD  OE1  doub N N 85  
GLN CD  NE2  sing N N 86  
GLN NE2 HE21 sing N N 87  
GLN NE2 HE22 sing N N 88  
GLN OXT HXT  sing N N 89  
GLU N   CA   sing N N 90  
GLU N   H    sing N N 91  
GLU N   H2   sing N N 92  
GLU CA  C    sing N N 93  
GLU CA  CB   sing N N 94  
GLU CA  HA   sing N N 95  
GLU C   O    doub N N 96  
GLU C   OXT  sing N N 97  
GLU CB  CG   sing N N 98  
GLU CB  HB2  sing N N 99  
GLU CB  HB3  sing N N 100 
GLU CG  CD   sing N N 101 
GLU CG  HG2  sing N N 102 
GLU CG  HG3  sing N N 103 
GLU CD  OE1  doub N N 104 
GLU CD  OE2  sing N N 105 
GLU OE2 HE2  sing N N 106 
GLU OXT HXT  sing N N 107 
GLY N   CA   sing N N 108 
GLY N   H    sing N N 109 
GLY N   H2   sing N N 110 
GLY CA  C    sing N N 111 
GLY CA  HA2  sing N N 112 
GLY CA  HA3  sing N N 113 
GLY C   O    doub N N 114 
GLY C   OXT  sing N N 115 
GLY OXT HXT  sing N N 116 
HIS N   CA   sing N N 117 
HIS N   H    sing N N 118 
HIS N   H2   sing N N 119 
HIS CA  C    sing N N 120 
HIS CA  CB   sing N N 121 
HIS CA  HA   sing N N 122 
HIS C   O    doub N N 123 
HIS C   OXT  sing N N 124 
HIS CB  CG   sing N N 125 
HIS CB  HB2  sing N N 126 
HIS CB  HB3  sing N N 127 
HIS CG  ND1  sing Y N 128 
HIS CG  CD2  doub Y N 129 
HIS ND1 CE1  doub Y N 130 
HIS ND1 HD1  sing N N 131 
HIS CD2 NE2  sing Y N 132 
HIS CD2 HD2  sing N N 133 
HIS CE1 NE2  sing Y N 134 
HIS CE1 HE1  sing N N 135 
HIS NE2 HE2  sing N N 136 
HIS OXT HXT  sing N N 137 
HOH O   H1   sing N N 138 
HOH O   H2   sing N N 139 
ILE N   CA   sing N N 140 
ILE N   H    sing N N 141 
ILE N   H2   sing N N 142 
ILE CA  C    sing N N 143 
ILE CA  CB   sing N N 144 
ILE CA  HA   sing N N 145 
ILE C   O    doub N N 146 
ILE C   OXT  sing N N 147 
ILE CB  CG1  sing N N 148 
ILE CB  CG2  sing N N 149 
ILE CB  HB   sing N N 150 
ILE CG1 CD1  sing N N 151 
ILE CG1 HG12 sing N N 152 
ILE CG1 HG13 sing N N 153 
ILE CG2 HG21 sing N N 154 
ILE CG2 HG22 sing N N 155 
ILE CG2 HG23 sing N N 156 
ILE CD1 HD11 sing N N 157 
ILE CD1 HD12 sing N N 158 
ILE CD1 HD13 sing N N 159 
ILE OXT HXT  sing N N 160 
LEU N   CA   sing N N 161 
LEU N   H    sing N N 162 
LEU N   H2   sing N N 163 
LEU CA  C    sing N N 164 
LEU CA  CB   sing N N 165 
LEU CA  HA   sing N N 166 
LEU C   O    doub N N 167 
LEU C   OXT  sing N N 168 
LEU CB  CG   sing N N 169 
LEU CB  HB2  sing N N 170 
LEU CB  HB3  sing N N 171 
LEU CG  CD1  sing N N 172 
LEU CG  CD2  sing N N 173 
LEU CG  HG   sing N N 174 
LEU CD1 HD11 sing N N 175 
LEU CD1 HD12 sing N N 176 
LEU CD1 HD13 sing N N 177 
LEU CD2 HD21 sing N N 178 
LEU CD2 HD22 sing N N 179 
LEU CD2 HD23 sing N N 180 
LEU OXT HXT  sing N N 181 
LYS N   CA   sing N N 182 
LYS N   H    sing N N 183 
LYS N   H2   sing N N 184 
LYS CA  C    sing N N 185 
LYS CA  CB   sing N N 186 
LYS CA  HA   sing N N 187 
LYS C   O    doub N N 188 
LYS C   OXT  sing N N 189 
LYS CB  CG   sing N N 190 
LYS CB  HB2  sing N N 191 
LYS CB  HB3  sing N N 192 
LYS CG  CD   sing N N 193 
LYS CG  HG2  sing N N 194 
LYS CG  HG3  sing N N 195 
LYS CD  CE   sing N N 196 
LYS CD  HD2  sing N N 197 
LYS CD  HD3  sing N N 198 
LYS CE  NZ   sing N N 199 
LYS CE  HE2  sing N N 200 
LYS CE  HE3  sing N N 201 
LYS NZ  HZ1  sing N N 202 
LYS NZ  HZ2  sing N N 203 
LYS NZ  HZ3  sing N N 204 
LYS OXT HXT  sing N N 205 
MET N   CA   sing N N 206 
MET N   H    sing N N 207 
MET N   H2   sing N N 208 
MET CA  C    sing N N 209 
MET CA  CB   sing N N 210 
MET CA  HA   sing N N 211 
MET C   O    doub N N 212 
MET C   OXT  sing N N 213 
MET CB  CG   sing N N 214 
MET CB  HB2  sing N N 215 
MET CB  HB3  sing N N 216 
MET CG  SD   sing N N 217 
MET CG  HG2  sing N N 218 
MET CG  HG3  sing N N 219 
MET SD  CE   sing N N 220 
MET CE  HE1  sing N N 221 
MET CE  HE2  sing N N 222 
MET CE  HE3  sing N N 223 
MET OXT HXT  sing N N 224 
PRO N   CA   sing N N 225 
PRO N   CD   sing N N 226 
PRO N   H    sing N N 227 
PRO CA  C    sing N N 228 
PRO CA  CB   sing N N 229 
PRO CA  HA   sing N N 230 
PRO C   O    doub N N 231 
PRO C   OXT  sing N N 232 
PRO CB  CG   sing N N 233 
PRO CB  HB2  sing N N 234 
PRO CB  HB3  sing N N 235 
PRO CG  CD   sing N N 236 
PRO CG  HG2  sing N N 237 
PRO CG  HG3  sing N N 238 
PRO CD  HD2  sing N N 239 
PRO CD  HD3  sing N N 240 
PRO OXT HXT  sing N N 241 
SER N   CA   sing N N 242 
SER N   H    sing N N 243 
SER N   H2   sing N N 244 
SER CA  C    sing N N 245 
SER CA  CB   sing N N 246 
SER CA  HA   sing N N 247 
SER C   O    doub N N 248 
SER C   OXT  sing N N 249 
SER CB  OG   sing N N 250 
SER CB  HB2  sing N N 251 
SER CB  HB3  sing N N 252 
SER OG  HG   sing N N 253 
SER OXT HXT  sing N N 254 
THR N   CA   sing N N 255 
THR N   H    sing N N 256 
THR N   H2   sing N N 257 
THR CA  C    sing N N 258 
THR CA  CB   sing N N 259 
THR CA  HA   sing N N 260 
THR C   O    doub N N 261 
THR C   OXT  sing N N 262 
THR CB  OG1  sing N N 263 
THR CB  CG2  sing N N 264 
THR CB  HB   sing N N 265 
THR OG1 HG1  sing N N 266 
THR CG2 HG21 sing N N 267 
THR CG2 HG22 sing N N 268 
THR CG2 HG23 sing N N 269 
THR OXT HXT  sing N N 270 
TYR N   CA   sing N N 271 
TYR N   H    sing N N 272 
TYR N   H2   sing N N 273 
TYR CA  C    sing N N 274 
TYR CA  CB   sing N N 275 
TYR CA  HA   sing N N 276 
TYR C   O    doub N N 277 
TYR C   OXT  sing N N 278 
TYR CB  CG   sing N N 279 
TYR CB  HB2  sing N N 280 
TYR CB  HB3  sing N N 281 
TYR CG  CD1  doub Y N 282 
TYR CG  CD2  sing Y N 283 
TYR CD1 CE1  sing Y N 284 
TYR CD1 HD1  sing N N 285 
TYR CD2 CE2  doub Y N 286 
TYR CD2 HD2  sing N N 287 
TYR CE1 CZ   doub Y N 288 
TYR CE1 HE1  sing N N 289 
TYR CE2 CZ   sing Y N 290 
TYR CE2 HE2  sing N N 291 
TYR CZ  OH   sing N N 292 
TYR OH  HH   sing N N 293 
TYR OXT HXT  sing N N 294 
VAL N   CA   sing N N 295 
VAL N   H    sing N N 296 
VAL N   H2   sing N N 297 
VAL CA  C    sing N N 298 
VAL CA  CB   sing N N 299 
VAL CA  HA   sing N N 300 
VAL C   O    doub N N 301 
VAL C   OXT  sing N N 302 
VAL CB  CG1  sing N N 303 
VAL CB  CG2  sing N N 304 
VAL CB  HB   sing N N 305 
VAL CG1 HG11 sing N N 306 
VAL CG1 HG12 sing N N 307 
VAL CG1 HG13 sing N N 308 
VAL CG2 HG21 sing N N 309 
VAL CG2 HG22 sing N N 310 
VAL CG2 HG23 sing N N 311 
VAL OXT HXT  sing N N 312 
# 
_pdbx_audit_support.funding_organization   'National Institutes of Health/National Cancer Institute (NIH/NCI)' 
_pdbx_audit_support.country                'United States' 
_pdbx_audit_support.grant_number           'PO1 CA094060' 
_pdbx_audit_support.ordinal                1 
# 
_pdbx_entity_nonpoly.entity_id   2 
_pdbx_entity_nonpoly.name        water 
_pdbx_entity_nonpoly.comp_id     HOH 
# 
_pdbx_initial_refinement_model.id               1 
_pdbx_initial_refinement_model.entity_id_list   ? 
_pdbx_initial_refinement_model.type             'experimental model' 
_pdbx_initial_refinement_model.source_name      PDB 
_pdbx_initial_refinement_model.accession_code   6MGM 
_pdbx_initial_refinement_model.details          ? 
# 
_pdbx_struct_assembly_auth_evidence.id                     1 
_pdbx_struct_assembly_auth_evidence.assembly_id            1 
_pdbx_struct_assembly_auth_evidence.experimental_support   'gel filtration' 
_pdbx_struct_assembly_auth_evidence.details                ? 
# 
